data_7R88
#
_entry.id   7R88
#
_cell.length_a   1.00
_cell.length_b   1.00
_cell.length_c   1.00
_cell.angle_alpha   90.00
_cell.angle_beta   90.00
_cell.angle_gamma   90.00
#
_symmetry.space_group_name_H-M   'P 1'
#
loop_
_entity.id
_entity.type
_entity.pdbx_description
1 polymer 'ATP-binding cassette sub-family G member 5'
2 polymer 'ATP-binding cassette sub-family G member 8'
3 polymer '2C7 Fab heavy chain'
4 polymer '2C7 Fab light chain'
#
loop_
_entity_poly.entity_id
_entity_poly.type
_entity_poly.pdbx_seq_one_letter_code
_entity_poly.pdbx_strand_id
1 'polypeptide(L)'
;MGDLSSLTPGGSMGLQVNRGSQSSLEGAPATAPEPHSLGILHASYSVSHRVRPWWDITSCRQQWTRQILKDVSLYVESGQ
IMCILGSSGSGKTTLLDAMSGRLGRAGTFLGEVYVNGRALRREQFQDCFSYVLQSDTLLSSLTVRETLHYTALLAIRRGN
PGSFQKKVEAVMAELSLSHVADRLIGNYSLGGISTGERRRVSIAAQLLQDPKVMLFDEPTTGLDCMTANQIVVLLVELAR
RNRIVVLTIHQPRSELFQLFDKIAILSFGELIFCGTPAEMLDFFNDCGYPCPEHSNPFDFYMDLTSVDTQSKEREIETSK
RVQMIESAYKKSAICHKTLKNIERMKHLKTLPMVPFKTKDSPGVFSKLGVLLRRVTRNLVRNKLAVITRLLQNLIMGLFL
LFFVLRVRSNVLKGAIQDRVGLLYQFVGATPYTGMLNAVNLFPVLRAVSDQESQDGLYQKWQMMLAYALHVLPFSVVATM
IFSSVCYWTLGLHPEVARFGYFSAALLAPHLIGEFLTLVLLGIVQNPNWVNSVVALLSIAGVLVGSGFLRNIQEMPIPFK
IISYFTFQKYCSEILVVNEFYGLNFTCGSSNVSVTTNPMCAFTQGIQFIEKTCPGATSRFTMNFLILYSFIPALVILGIV
VFKIRDHLISRGSHHHHHHGHHHHHH
;
A
2 'polypeptide(L)'
;MAGKAAEERGLPKGATPQDTSGLQDRLFSSESDNSLYFTYSGQPNTLEVRDLNYQVDLASQVPWFEQLAQFKMPWTSPSC
QNSCELGIQNLSFKVRSGQMLAIIGSSGCGRASLLDVITGRGHGGKIKSGQIWINGQPSSPQLVRKCVAHVRQHNQLLPN
LTVRETLAFIAQMRLPRTFSQAQRDKRVEDVIAELRLRQCADTRVGNMYVRGLSGGERRRVSIGVQLLWNPGILILDEPT
SGLDSFTAHNLVKTLSRLAKGNRLVLISLHQPRSDIFRLFDLVLLMTSGTPIYLGAAQHMVQYFTAIGYPCPRYSNPADF
YVDLTSIDRRSREQELATREKAQSLAALFLEKVRDLDDFLWKAETKDLDEDTCVESSVTPLDTNCLPSPTKMPGAVQQFT
TLIRRQISNDFRDLPTLLIHGAEACLMSMTIGFLYFGHGSIQLSFMDTAALLFMIGALIPFNVILDVISKCYSERAMLYY
ELEDGLYTTGPYFFAKILGELPEHCAYIIIYGMPTYWLANLRPGLQPFLLHFLLVWLVVFCCRIMALAAAALLPTFHMAS
FFSNALYNSFYLAGGFMINLSSLWTVPAWISKVSFLRWCFEGLMKIQFSRRTYKMPLGNLTIAVSGDKILSVMELDSYPL
YAIYLIVIGLSGGFMVLYYVSLRFIKQKPSQDWASNSLEVLFQGPNVDSKRRWKKNFIAVSAANRFKKISSSGAL
;
B
3 'polypeptide(L)'
;MGWSCIILFLVATATGVHSEVKLVESGGGLVQPGGSLRLSCATSGFTFSEFFMEWVRQPPGKRLEWVAVSRNEANDYTTD
YSASVKGRFIVSRDTSQNILYLQMNALRAEDTAIYYCARDAWMGFDYWGQGTTVTVSSASTKGPSVFPLAPSSKSTSGGT
AALGCLVKDYFPEPVTVSWNSGALTSGVHTFPAVLQSSGLYSLSSVVTVPSSSLGTQTYICNVNHKPSNTKVDKRVEPKS
CDKTH
;
C
4 'polypeptide(L)'
;MGWSCIILFLVATARTGVHSDIQMTQSPSSLSASLGERVSLTCRASQEISGYLSWLQQKPDGTIQRLIYAAFSLDSGVPK
RFSGSRSGSDYSLTISSLESEDLAHYYCLQYASYPCTFGGGTKLEIKRTVAAPSVFIFPPSDEQLKSGTASVVCLLNNFY
PREAKVQWKVDNALQSGNSQESVTEQDSKDSTYSLSSTLTLSKADYEKHKVYACEVTHQGLSSPVTKSFNRGEC
;
D
#
# COMPACT_ATOMS: atom_id res chain seq x y z
N PRO A 35 -9.65 45.83 13.54
CA PRO A 35 -9.22 44.44 13.43
C PRO A 35 -9.09 43.98 11.98
N HIS A 36 -8.24 42.99 11.74
CA HIS A 36 -8.05 42.47 10.39
C HIS A 36 -9.26 41.66 9.96
N SER A 37 -9.35 41.41 8.65
CA SER A 37 -10.47 40.66 8.10
C SER A 37 -10.05 40.07 6.76
N LEU A 38 -10.27 38.78 6.58
CA LEU A 38 -9.97 38.08 5.33
C LEU A 38 -11.27 37.86 4.56
N GLY A 39 -11.24 38.17 3.27
CA GLY A 39 -12.43 38.04 2.44
C GLY A 39 -12.17 37.35 1.12
N ILE A 40 -12.84 36.22 0.90
CA ILE A 40 -12.75 35.48 -0.35
C ILE A 40 -14.09 35.59 -1.06
N LEU A 41 -14.05 35.98 -2.34
CA LEU A 41 -15.26 36.22 -3.12
C LEU A 41 -15.14 35.51 -4.46
N HIS A 42 -16.05 34.56 -4.71
CA HIS A 42 -16.17 33.88 -5.99
C HIS A 42 -14.88 33.18 -6.41
N ALA A 43 -14.22 32.51 -5.46
CA ALA A 43 -13.00 31.78 -5.77
C ALA A 43 -13.31 30.54 -6.60
N SER A 44 -12.46 30.27 -7.58
CA SER A 44 -12.64 29.11 -8.46
C SER A 44 -11.27 28.63 -8.92
N TYR A 45 -11.12 27.31 -8.99
CA TYR A 45 -9.89 26.67 -9.44
C TYR A 45 -10.25 25.56 -10.42
N SER A 46 -9.95 25.77 -11.69
CA SER A 46 -10.31 24.82 -12.74
C SER A 46 -9.21 23.78 -12.97
N VAL A 47 -8.02 24.23 -13.35
CA VAL A 47 -6.92 23.32 -13.63
C VAL A 47 -6.01 23.20 -12.42
N ARG A 66 -9.99 20.05 -12.99
CA ARG A 66 -11.33 19.97 -13.56
C ARG A 66 -12.36 20.63 -12.65
N GLN A 67 -12.26 21.95 -12.51
CA GLN A 67 -13.17 22.72 -11.66
C GLN A 67 -13.14 22.21 -10.22
N ILE A 68 -11.97 22.32 -9.60
CA ILE A 68 -11.81 21.84 -8.23
C ILE A 68 -12.59 22.71 -7.25
N LEU A 69 -12.69 24.01 -7.52
CA LEU A 69 -13.42 24.93 -6.66
C LEU A 69 -14.49 25.64 -7.48
N LYS A 70 -15.69 25.72 -6.93
CA LYS A 70 -16.84 26.34 -7.60
C LYS A 70 -17.48 27.35 -6.66
N ASP A 71 -17.18 28.63 -6.87
CA ASP A 71 -17.82 29.75 -6.18
C ASP A 71 -17.65 29.63 -4.66
N VAL A 72 -16.40 29.72 -4.24
CA VAL A 72 -16.07 29.71 -2.81
C VAL A 72 -16.15 31.14 -2.28
N SER A 73 -16.92 31.32 -1.21
CA SER A 73 -17.13 32.64 -0.59
C SER A 73 -16.95 32.50 0.91
N LEU A 74 -15.83 32.99 1.42
CA LEU A 74 -15.54 32.94 2.86
C LEU A 74 -15.20 34.33 3.36
N TYR A 75 -15.41 34.53 4.66
CA TYR A 75 -15.13 35.83 5.29
C TYR A 75 -14.80 35.59 6.76
N VAL A 76 -13.53 35.81 7.13
CA VAL A 76 -13.07 35.63 8.49
C VAL A 76 -12.57 36.98 9.01
N GLU A 77 -12.70 37.18 10.31
CA GLU A 77 -12.25 38.40 10.98
C GLU A 77 -11.20 38.06 12.04
N SER A 78 -10.66 39.09 12.67
CA SER A 78 -9.67 38.89 13.71
C SER A 78 -10.32 38.36 14.98
N GLY A 79 -9.63 37.47 15.67
CA GLY A 79 -10.14 36.87 16.88
C GLY A 79 -11.02 35.65 16.68
N GLN A 80 -11.25 35.24 15.44
CA GLN A 80 -12.09 34.09 15.14
C GLN A 80 -11.27 33.01 14.44
N ILE A 81 -11.66 31.76 14.67
CA ILE A 81 -11.03 30.60 14.05
C ILE A 81 -12.08 29.87 13.22
N MET A 82 -11.75 29.60 11.96
CA MET A 82 -12.66 28.96 11.02
C MET A 82 -12.15 27.57 10.68
N CYS A 83 -13.00 26.57 10.86
CA CYS A 83 -12.69 25.21 10.49
C CYS A 83 -13.41 24.83 9.21
N ILE A 84 -12.79 23.96 8.42
CA ILE A 84 -13.32 23.55 7.12
C ILE A 84 -13.35 22.03 7.08
N LEU A 85 -14.54 21.47 6.86
CA LEU A 85 -14.72 20.03 6.75
C LEU A 85 -15.04 19.67 5.30
N GLY A 86 -14.89 18.39 4.98
CA GLY A 86 -15.18 17.91 3.65
C GLY A 86 -14.77 16.47 3.49
N SER A 87 -15.20 15.89 2.37
CA SER A 87 -14.88 14.51 2.04
C SER A 87 -13.48 14.44 1.43
N SER A 88 -13.14 13.29 0.86
CA SER A 88 -11.83 13.13 0.23
C SER A 88 -11.68 14.03 -0.99
N GLY A 89 -12.70 14.05 -1.85
CA GLY A 89 -12.66 14.87 -3.04
C GLY A 89 -13.36 16.21 -2.85
N SER A 90 -13.28 16.75 -1.63
CA SER A 90 -13.93 18.03 -1.36
C SER A 90 -13.14 19.21 -1.90
N GLY A 91 -11.82 19.14 -1.88
CA GLY A 91 -10.99 20.22 -2.39
C GLY A 91 -10.66 21.29 -1.37
N LYS A 92 -10.51 20.90 -0.10
CA LYS A 92 -10.12 21.87 0.92
C LYS A 92 -8.62 22.14 0.88
N THR A 93 -7.82 21.12 0.59
CA THR A 93 -6.38 21.32 0.43
C THR A 93 -6.08 22.24 -0.75
N THR A 94 -6.83 22.09 -1.84
CA THR A 94 -6.67 22.99 -2.98
C THR A 94 -7.03 24.42 -2.60
N LEU A 95 -8.08 24.60 -1.81
CA LEU A 95 -8.46 25.93 -1.35
C LEU A 95 -7.38 26.54 -0.48
N LEU A 96 -6.80 25.75 0.42
CA LEU A 96 -5.72 26.25 1.27
C LEU A 96 -4.49 26.62 0.45
N ASP A 97 -4.17 25.81 -0.57
CA ASP A 97 -3.02 26.10 -1.42
C ASP A 97 -3.26 27.34 -2.27
N ALA A 98 -4.50 27.55 -2.71
CA ALA A 98 -4.81 28.76 -3.47
C ALA A 98 -4.77 30.00 -2.58
N MET A 99 -5.21 29.87 -1.33
CA MET A 99 -5.13 30.98 -0.39
C MET A 99 -3.68 31.32 -0.06
N SER A 100 -2.85 30.31 0.17
CA SER A 100 -1.44 30.54 0.45
C SER A 100 -0.67 30.96 -0.80
N GLY A 101 -1.21 30.73 -1.99
CA GLY A 101 -0.54 31.11 -3.21
C GLY A 101 0.61 30.19 -3.58
N ARG A 102 0.37 28.88 -3.57
CA ARG A 102 1.39 27.90 -3.91
C ARG A 102 1.03 27.11 -5.16
N LEU A 103 -0.18 26.55 -5.23
CA LEU A 103 -0.61 25.77 -6.38
C LEU A 103 -1.25 26.63 -7.46
N GLY A 104 -1.06 27.95 -7.42
CA GLY A 104 -1.63 28.82 -8.42
C GLY A 104 -0.93 28.76 -9.76
N ARG A 105 0.31 28.24 -9.80
CA ARG A 105 1.04 28.17 -11.06
C ARG A 105 0.59 27.00 -11.91
N ALA A 106 0.02 25.95 -11.29
CA ALA A 106 -0.42 24.79 -12.05
C ALA A 106 -1.68 25.10 -12.85
N GLY A 107 -2.68 25.69 -12.21
CA GLY A 107 -3.92 26.03 -12.87
C GLY A 107 -4.36 27.43 -12.53
N THR A 108 -5.18 28.00 -13.41
CA THR A 108 -5.68 29.35 -13.21
C THR A 108 -6.63 29.39 -12.02
N PHE A 109 -6.57 30.47 -11.24
CA PHE A 109 -7.39 30.65 -10.06
C PHE A 109 -8.12 31.98 -10.18
N LEU A 110 -9.45 31.92 -10.27
CA LEU A 110 -10.27 33.11 -10.38
C LEU A 110 -10.64 33.62 -8.99
N GLY A 111 -11.49 34.63 -8.93
CA GLY A 111 -11.92 35.21 -7.67
C GLY A 111 -10.94 36.23 -7.12
N GLU A 112 -11.43 36.99 -6.13
CA GLU A 112 -10.63 38.00 -5.46
C GLU A 112 -10.46 37.63 -3.99
N VAL A 113 -9.32 38.06 -3.43
CA VAL A 113 -8.99 37.81 -2.04
C VAL A 113 -8.73 39.17 -1.39
N TYR A 114 -9.70 39.65 -0.61
CA TYR A 114 -9.60 40.93 0.06
C TYR A 114 -9.09 40.76 1.48
N VAL A 115 -8.12 41.60 1.86
CA VAL A 115 -7.56 41.60 3.21
C VAL A 115 -7.53 43.04 3.70
N ASN A 116 -8.31 43.34 4.73
CA ASN A 116 -8.41 44.66 5.33
C ASN A 116 -8.87 45.72 4.32
N GLY A 117 -9.57 45.30 3.27
CA GLY A 117 -10.11 46.19 2.25
C GLY A 117 -9.29 46.21 0.98
N ARG A 118 -8.01 45.87 1.05
CA ARG A 118 -7.13 45.87 -0.12
C ARG A 118 -7.11 44.48 -0.74
N ALA A 119 -7.30 44.42 -2.06
CA ALA A 119 -7.29 43.15 -2.78
C ALA A 119 -5.85 42.75 -3.06
N LEU A 120 -5.44 41.60 -2.53
CA LEU A 120 -4.09 41.10 -2.74
C LEU A 120 -3.98 40.41 -4.09
N ARG A 121 -2.88 40.68 -4.78
CA ARG A 121 -2.65 40.09 -6.10
C ARG A 121 -2.19 38.64 -5.96
N ARG A 122 -1.88 38.02 -7.10
CA ARG A 122 -1.44 36.63 -7.10
C ARG A 122 -0.02 36.45 -6.56
N GLU A 123 0.72 37.54 -6.35
CA GLU A 123 2.09 37.47 -5.85
C GLU A 123 2.22 37.85 -4.39
N GLN A 124 1.19 38.46 -3.79
CA GLN A 124 1.23 38.89 -2.40
C GLN A 124 0.64 37.85 -1.45
N PHE A 125 0.31 36.65 -1.94
CA PHE A 125 -0.26 35.63 -1.08
C PHE A 125 0.78 35.04 -0.15
N GLN A 126 1.99 34.80 -0.66
CA GLN A 126 3.05 34.21 0.16
C GLN A 126 3.66 35.20 1.15
N ASP A 127 3.32 36.49 1.04
CA ASP A 127 3.86 37.50 1.94
C ASP A 127 2.90 37.86 3.07
N CYS A 128 1.67 37.35 3.06
CA CYS A 128 0.70 37.68 4.09
C CYS A 128 0.12 36.42 4.73
N PHE A 129 0.00 35.35 3.94
CA PHE A 129 -0.60 34.11 4.40
C PHE A 129 0.49 33.10 4.74
N SER A 130 0.42 32.55 5.95
CA SER A 130 1.33 31.49 6.37
C SER A 130 0.65 30.14 6.20
N TYR A 131 1.46 29.11 5.95
CA TYR A 131 0.95 27.78 5.68
C TYR A 131 1.75 26.76 6.49
N VAL A 132 1.07 26.03 7.36
CA VAL A 132 1.68 24.98 8.16
C VAL A 132 1.30 23.63 7.55
N LEU A 133 2.30 22.89 7.08
CA LEU A 133 2.05 21.62 6.43
C LEU A 133 1.79 20.53 7.47
N GLN A 134 1.51 19.32 6.97
CA GLN A 134 1.21 18.19 7.84
C GLN A 134 2.37 17.21 7.95
N SER A 135 3.33 17.24 7.01
CA SER A 135 4.44 16.30 7.04
C SER A 135 5.28 16.48 8.30
N ASP A 136 5.51 17.73 8.72
CA ASP A 136 6.28 18.04 9.91
C ASP A 136 7.70 17.45 9.81
N THR A 137 8.44 17.94 8.82
CA THR A 137 9.79 17.47 8.56
C THR A 137 10.77 18.34 9.35
N LEU A 138 11.29 17.81 10.46
CA LEU A 138 12.24 18.51 11.30
C LEU A 138 13.49 17.66 11.46
N LEU A 139 14.61 18.33 11.71
CA LEU A 139 15.88 17.64 11.92
C LEU A 139 15.92 17.01 13.30
N SER A 140 16.24 15.72 13.35
CA SER A 140 16.19 15.00 14.62
C SER A 140 17.34 15.39 15.53
N SER A 141 18.52 15.60 14.97
CA SER A 141 19.71 15.93 15.77
C SER A 141 19.89 17.43 15.93
N LEU A 142 18.85 18.10 16.41
CA LEU A 142 18.89 19.53 16.64
C LEU A 142 17.91 19.88 17.75
N THR A 143 18.28 20.87 18.55
CA THR A 143 17.43 21.31 19.65
C THR A 143 16.36 22.28 19.14
N VAL A 144 15.39 22.57 20.00
CA VAL A 144 14.33 23.50 19.63
C VAL A 144 14.87 24.92 19.53
N ARG A 145 15.69 25.33 20.49
CA ARG A 145 16.23 26.68 20.50
C ARG A 145 17.10 26.93 19.28
N GLU A 146 17.98 25.97 18.94
CA GLU A 146 18.84 26.14 17.78
C GLU A 146 18.05 26.16 16.48
N THR A 147 17.02 25.32 16.38
CA THR A 147 16.19 25.30 15.18
C THR A 147 15.45 26.63 15.01
N LEU A 148 14.88 27.15 16.10
CA LEU A 148 14.18 28.43 16.02
C LEU A 148 15.15 29.58 15.73
N HIS A 149 16.37 29.51 16.27
CA HIS A 149 17.36 30.55 15.98
C HIS A 149 17.77 30.52 14.52
N TYR A 150 17.96 29.32 13.96
CA TYR A 150 18.29 29.22 12.54
C TYR A 150 17.14 29.72 11.67
N THR A 151 15.90 29.40 12.05
CA THR A 151 14.75 29.89 11.31
C THR A 151 14.66 31.41 11.36
N ALA A 152 14.92 32.00 12.53
CA ALA A 152 14.87 33.45 12.65
C ALA A 152 15.99 34.11 11.85
N LEU A 153 17.17 33.48 11.83
CA LEU A 153 18.27 34.03 11.04
C LEU A 153 17.99 33.95 9.56
N LEU A 154 17.35 32.86 9.12
CA LEU A 154 17.01 32.73 7.70
C LEU A 154 15.86 33.64 7.30
N ALA A 155 14.98 33.98 8.25
CA ALA A 155 13.83 34.82 7.95
C ALA A 155 14.09 36.30 8.24
N ILE A 156 14.52 36.60 9.46
CA ILE A 156 14.73 37.98 9.87
C ILE A 156 16.22 38.31 9.80
N ARG A 157 16.52 39.59 9.58
CA ARG A 157 17.90 40.06 9.53
C ARG A 157 17.94 41.42 10.21
N ARG A 158 18.30 41.42 11.49
CA ARG A 158 18.31 42.64 12.31
C ARG A 158 19.71 43.05 12.73
N GLY A 159 20.50 42.13 13.25
CA GLY A 159 21.81 42.48 13.76
C GLY A 159 22.36 41.47 14.76
N ASN A 160 22.76 41.96 15.93
CA ASN A 160 23.31 41.10 16.96
C ASN A 160 22.30 40.01 17.35
N PRO A 161 22.79 38.82 17.73
CA PRO A 161 21.88 37.71 18.06
C PRO A 161 21.04 37.94 19.31
N GLY A 162 21.20 39.06 20.00
CA GLY A 162 20.39 39.31 21.19
C GLY A 162 18.91 39.45 20.87
N SER A 163 18.59 40.23 19.83
CA SER A 163 17.20 40.39 19.43
C SER A 163 16.61 39.06 18.94
N PHE A 164 17.40 38.29 18.20
CA PHE A 164 16.93 36.98 17.75
C PHE A 164 16.65 36.05 18.92
N GLN A 165 17.54 36.04 19.92
CA GLN A 165 17.32 35.20 21.09
C GLN A 165 16.10 35.66 21.88
N LYS A 166 15.90 36.97 21.98
CA LYS A 166 14.72 37.48 22.67
C LYS A 166 13.44 37.08 21.95
N LYS A 167 13.44 37.18 20.61
CA LYS A 167 12.27 36.77 19.84
C LYS A 167 12.00 35.28 19.99
N VAL A 168 13.06 34.46 19.95
CA VAL A 168 12.88 33.02 20.11
C VAL A 168 12.32 32.70 21.49
N GLU A 169 12.84 33.37 22.54
CA GLU A 169 12.33 33.14 23.88
C GLU A 169 10.87 33.55 24.01
N ALA A 170 10.50 34.68 23.41
CA ALA A 170 9.11 35.12 23.46
C ALA A 170 8.19 34.16 22.73
N VAL A 171 8.62 33.66 21.57
CA VAL A 171 7.79 32.72 20.81
C VAL A 171 7.66 31.40 21.56
N MET A 172 8.74 30.96 22.23
CA MET A 172 8.66 29.73 23.01
C MET A 172 7.76 29.89 24.22
N ALA A 173 7.79 31.07 24.85
CA ALA A 173 6.91 31.32 25.99
C ALA A 173 5.45 31.46 25.54
N GLU A 174 5.23 31.88 24.30
CA GLU A 174 3.86 32.00 23.79
C GLU A 174 3.22 30.62 23.61
N LEU A 175 4.00 29.63 23.18
CA LEU A 175 3.50 28.29 22.95
C LEU A 175 3.91 27.31 24.05
N SER A 176 4.50 27.81 25.15
CA SER A 176 4.91 26.98 26.29
C SER A 176 5.87 25.88 25.84
N LEU A 177 7.02 26.30 25.30
CA LEU A 177 8.07 25.39 24.87
C LEU A 177 9.37 25.59 25.62
N SER A 178 9.33 26.29 26.76
CA SER A 178 10.56 26.55 27.52
C SER A 178 11.12 25.31 28.18
N HIS A 179 10.28 24.32 28.48
CA HIS A 179 10.73 23.10 29.15
C HIS A 179 11.42 22.12 28.20
N VAL A 180 11.33 22.35 26.89
CA VAL A 180 11.99 21.50 25.91
C VAL A 180 12.90 22.35 25.03
N ALA A 181 13.25 23.55 25.52
CA ALA A 181 14.09 24.46 24.74
C ALA A 181 15.51 23.93 24.57
N ASP A 182 15.96 23.09 25.50
CA ASP A 182 17.31 22.53 25.46
C ASP A 182 17.28 21.01 25.33
N ARG A 183 16.39 20.50 24.48
CA ARG A 183 16.25 19.07 24.26
C ARG A 183 16.27 18.78 22.76
N LEU A 184 16.93 17.69 22.38
CA LEU A 184 16.96 17.28 20.98
C LEU A 184 15.59 16.83 20.52
N ILE A 185 15.29 17.08 19.24
CA ILE A 185 14.01 16.68 18.68
C ILE A 185 13.90 15.16 18.62
N GLY A 186 14.79 14.53 17.86
CA GLY A 186 14.81 13.08 17.74
C GLY A 186 13.49 12.52 17.23
N ASN A 187 13.17 11.32 17.68
CA ASN A 187 11.93 10.65 17.35
C ASN A 187 11.10 10.44 18.62
N TYR A 188 9.77 10.51 18.46
CA TYR A 188 8.89 10.35 19.61
C TYR A 188 8.94 8.94 20.17
N SER A 189 9.22 7.94 19.33
CA SER A 189 9.29 6.56 19.78
C SER A 189 10.69 6.16 20.24
N LEU A 190 11.70 6.99 19.99
CA LEU A 190 13.08 6.70 20.37
C LEU A 190 13.53 7.44 21.62
N GLY A 191 12.65 8.23 22.24
CA GLY A 191 12.99 8.96 23.43
C GLY A 191 13.08 10.47 23.28
N GLY A 192 12.71 11.01 22.13
CA GLY A 192 12.75 12.44 21.89
C GLY A 192 11.50 13.14 22.37
N ILE A 193 11.13 14.20 21.65
CA ILE A 193 9.93 14.97 21.99
C ILE A 193 8.72 14.32 21.33
N SER A 194 7.55 14.56 21.93
CA SER A 194 6.32 13.97 21.43
C SER A 194 5.88 14.65 20.14
N THR A 195 4.86 14.07 19.51
CA THR A 195 4.35 14.62 18.25
C THR A 195 3.72 15.98 18.46
N GLY A 196 2.99 16.15 19.57
CA GLY A 196 2.43 17.47 19.88
C GLY A 196 3.50 18.52 20.07
N GLU A 197 4.62 18.14 20.69
CA GLU A 197 5.72 19.08 20.85
C GLU A 197 6.37 19.42 19.51
N ARG A 198 6.44 18.46 18.59
CA ARG A 198 6.94 18.74 17.26
C ARG A 198 6.02 19.69 16.51
N ARG A 199 4.70 19.49 16.65
CA ARG A 199 3.76 20.41 16.02
C ARG A 199 3.86 21.80 16.63
N ARG A 200 4.08 21.88 17.95
CA ARG A 200 4.27 23.18 18.58
C ARG A 200 5.54 23.86 18.09
N VAL A 201 6.61 23.09 17.89
CA VAL A 201 7.84 23.65 17.36
C VAL A 201 7.64 24.15 15.93
N SER A 202 6.87 23.42 15.13
CA SER A 202 6.58 23.87 13.77
C SER A 202 5.76 25.16 13.78
N ILE A 203 4.76 25.23 14.66
CA ILE A 203 3.95 26.44 14.76
C ILE A 203 4.79 27.62 15.23
N ALA A 204 5.75 27.35 16.12
CA ALA A 204 6.64 28.42 16.58
C ALA A 204 7.54 28.90 15.46
N ALA A 205 8.09 27.97 14.67
CA ALA A 205 8.93 28.35 13.53
C ALA A 205 8.13 29.14 12.50
N GLN A 206 6.83 28.83 12.35
CA GLN A 206 6.01 29.59 11.42
C GLN A 206 5.63 30.95 11.98
N LEU A 207 5.45 31.06 13.30
CA LEU A 207 5.11 32.32 13.93
C LEU A 207 6.31 33.24 14.10
N LEU A 208 7.53 32.71 14.00
CA LEU A 208 8.72 33.55 14.10
C LEU A 208 8.70 34.70 13.11
N GLN A 209 8.08 34.51 11.94
CA GLN A 209 7.97 35.55 10.94
C GLN A 209 6.85 36.55 11.24
N ASP A 210 6.21 36.44 12.40
CA ASP A 210 5.13 37.32 12.85
C ASP A 210 4.02 37.44 11.81
N PRO A 211 3.23 36.39 11.60
CA PRO A 211 2.11 36.48 10.68
C PRO A 211 0.84 36.94 11.39
N LYS A 212 -0.22 37.12 10.60
CA LYS A 212 -1.51 37.53 11.14
C LYS A 212 -2.62 36.62 10.63
N VAL A 213 -2.41 36.01 9.47
CA VAL A 213 -3.35 35.07 8.88
C VAL A 213 -2.62 33.75 8.71
N MET A 214 -3.07 32.73 9.44
CA MET A 214 -2.42 31.42 9.44
C MET A 214 -3.33 30.38 8.83
N LEU A 215 -2.73 29.42 8.12
CA LEU A 215 -3.44 28.31 7.52
C LEU A 215 -2.81 27.01 8.00
N PHE A 216 -3.66 26.01 8.26
CA PHE A 216 -3.22 24.72 8.78
C PHE A 216 -3.83 23.61 7.95
N ASP A 217 -2.99 22.70 7.46
CA ASP A 217 -3.42 21.60 6.62
C ASP A 217 -3.45 20.33 7.48
N GLU A 218 -4.63 20.04 8.04
CA GLU A 218 -4.88 18.87 8.87
C GLU A 218 -3.90 18.79 10.03
N PRO A 219 -4.00 19.68 11.02
CA PRO A 219 -3.05 19.64 12.15
C PRO A 219 -3.36 18.59 13.19
N THR A 220 -4.53 17.95 13.13
CA THR A 220 -4.94 16.95 14.11
C THR A 220 -4.89 15.53 13.59
N THR A 221 -4.61 15.34 12.30
CA THR A 221 -4.53 14.01 11.73
C THR A 221 -3.17 13.37 12.05
N GLY A 222 -3.19 12.13 12.50
CA GLY A 222 -1.99 11.42 12.88
C GLY A 222 -1.70 11.42 14.36
N LEU A 223 -2.44 12.19 15.14
CA LEU A 223 -2.26 12.28 16.58
C LEU A 223 -3.40 11.58 17.32
N ASP A 224 -3.21 11.40 18.62
CA ASP A 224 -4.24 10.80 19.46
C ASP A 224 -5.30 11.86 19.79
N CYS A 225 -6.26 11.50 20.64
CA CYS A 225 -7.38 12.40 20.93
C CYS A 225 -6.95 13.55 21.82
N MET A 226 -6.20 13.26 22.89
CA MET A 226 -5.80 14.31 23.82
C MET A 226 -4.87 15.32 23.15
N THR A 227 -3.90 14.84 22.38
CA THR A 227 -2.98 15.75 21.70
C THR A 227 -3.72 16.59 20.66
N ALA A 228 -4.68 15.99 19.95
CA ALA A 228 -5.46 16.75 18.99
C ALA A 228 -6.29 17.83 19.68
N ASN A 229 -6.89 17.50 20.83
CA ASN A 229 -7.66 18.50 21.56
C ASN A 229 -6.76 19.62 22.06
N GLN A 230 -5.57 19.27 22.55
CA GLN A 230 -4.64 20.30 23.00
C GLN A 230 -4.21 21.21 21.84
N ILE A 231 -3.97 20.63 20.67
CA ILE A 231 -3.61 21.44 19.50
C ILE A 231 -4.77 22.35 19.11
N VAL A 232 -5.99 21.84 19.20
CA VAL A 232 -7.16 22.66 18.86
C VAL A 232 -7.28 23.84 19.83
N VAL A 233 -7.09 23.58 21.12
CA VAL A 233 -7.16 24.66 22.11
C VAL A 233 -6.04 25.67 21.87
N LEU A 234 -4.85 25.19 21.52
CA LEU A 234 -3.74 26.10 21.23
C LEU A 234 -4.03 26.97 20.02
N LEU A 235 -4.61 26.39 18.97
CA LEU A 235 -4.96 27.18 17.80
C LEU A 235 -6.07 28.17 18.11
N VAL A 236 -7.01 27.78 18.97
CA VAL A 236 -8.08 28.70 19.38
C VAL A 236 -7.49 29.88 20.14
N GLU A 237 -6.53 29.61 21.03
CA GLU A 237 -5.88 30.69 21.76
C GLU A 237 -5.09 31.60 20.82
N LEU A 238 -4.38 31.01 19.86
CA LEU A 238 -3.62 31.81 18.90
C LEU A 238 -4.55 32.69 18.07
N ALA A 239 -5.72 32.16 17.69
CA ALA A 239 -6.68 32.98 16.95
C ALA A 239 -7.27 34.08 17.83
N ARG A 240 -7.55 33.77 19.09
CA ARG A 240 -8.06 34.78 20.01
C ARG A 240 -7.03 35.85 20.35
N ARG A 241 -5.74 35.57 20.15
CA ARG A 241 -4.70 36.57 20.40
C ARG A 241 -4.51 37.47 19.19
N ASN A 242 -5.61 38.06 18.71
CA ASN A 242 -5.62 39.00 17.59
C ASN A 242 -4.97 38.39 16.35
N ARG A 243 -5.55 37.30 15.87
CA ARG A 243 -5.04 36.63 14.68
C ARG A 243 -6.20 35.90 14.00
N ILE A 244 -5.94 35.49 12.75
CA ILE A 244 -6.90 34.73 11.95
C ILE A 244 -6.32 33.35 11.70
N VAL A 245 -7.09 32.31 12.03
CA VAL A 245 -6.65 30.94 11.87
C VAL A 245 -7.71 30.19 11.08
N VAL A 246 -7.30 29.60 9.95
CA VAL A 246 -8.18 28.81 9.09
C VAL A 246 -7.55 27.43 8.96
N LEU A 247 -8.15 26.44 9.61
CA LEU A 247 -7.63 25.08 9.62
C LEU A 247 -8.66 24.11 9.06
N THR A 248 -8.18 22.97 8.60
CA THR A 248 -9.02 21.89 8.10
C THR A 248 -8.82 20.65 8.96
N ILE A 249 -9.92 19.94 9.22
CA ILE A 249 -9.89 18.73 10.03
C ILE A 249 -10.56 17.61 9.26
N HIS A 250 -9.98 16.41 9.33
CA HIS A 250 -10.57 15.26 8.65
C HIS A 250 -11.87 14.83 9.32
N GLN A 251 -11.82 14.58 10.63
CA GLN A 251 -13.01 14.19 11.39
C GLN A 251 -12.81 14.64 12.83
N PRO A 252 -13.37 15.78 13.21
CA PRO A 252 -13.21 16.28 14.58
C PRO A 252 -14.02 15.46 15.57
N ARG A 253 -13.79 15.74 16.85
CA ARG A 253 -14.50 15.07 17.93
C ARG A 253 -15.79 15.80 18.25
N SER A 254 -16.45 15.38 19.34
CA SER A 254 -17.72 15.99 19.71
C SER A 254 -17.52 17.28 20.51
N GLU A 255 -16.41 17.38 21.25
CA GLU A 255 -16.16 18.56 22.08
C GLU A 255 -15.55 19.71 21.29
N LEU A 256 -15.20 19.51 20.03
CA LEU A 256 -14.63 20.55 19.20
C LEU A 256 -15.68 21.34 18.42
N PHE A 257 -16.96 21.08 18.65
CA PHE A 257 -18.01 21.77 17.91
C PHE A 257 -18.22 23.19 18.44
N GLN A 258 -18.31 23.35 19.76
CA GLN A 258 -18.56 24.65 20.36
C GLN A 258 -17.28 25.46 20.57
N LEU A 259 -16.13 24.96 20.14
CA LEU A 259 -14.88 25.70 20.30
C LEU A 259 -14.58 26.62 19.13
N PHE A 260 -15.08 26.28 17.94
CA PHE A 260 -14.84 27.09 16.75
C PHE A 260 -15.88 28.19 16.62
N ASP A 261 -15.50 29.28 15.98
CA ASP A 261 -16.41 30.40 15.75
C ASP A 261 -17.14 30.29 14.42
N LYS A 262 -16.52 29.66 13.42
CA LYS A 262 -17.15 29.47 12.11
C LYS A 262 -16.79 28.08 11.60
N ILE A 263 -17.77 27.42 10.98
CA ILE A 263 -17.60 26.07 10.46
C ILE A 263 -18.02 26.08 8.99
N ALA A 264 -17.15 25.55 8.14
CA ALA A 264 -17.40 25.49 6.71
C ALA A 264 -17.41 24.04 6.25
N ILE A 265 -18.26 23.75 5.26
CA ILE A 265 -18.38 22.43 4.67
C ILE A 265 -18.22 22.56 3.16
N LEU A 266 -17.32 21.78 2.59
CA LEU A 266 -17.06 21.77 1.16
C LEU A 266 -17.33 20.38 0.61
N SER A 267 -17.99 20.31 -0.55
CA SER A 267 -18.28 19.05 -1.21
C SER A 267 -18.02 19.22 -2.69
N PHE A 268 -16.95 18.59 -3.19
CA PHE A 268 -16.53 18.72 -4.58
C PHE A 268 -16.30 20.18 -4.97
N GLY A 269 -15.81 20.97 -4.00
CA GLY A 269 -15.51 22.36 -4.22
C GLY A 269 -16.67 23.31 -4.05
N GLU A 270 -17.88 22.80 -3.86
CA GLU A 270 -19.05 23.65 -3.67
C GLU A 270 -19.25 23.93 -2.18
N LEU A 271 -19.43 25.21 -1.85
CA LEU A 271 -19.61 25.61 -0.46
C LEU A 271 -21.01 25.24 0.00
N ILE A 272 -21.10 24.29 0.92
CA ILE A 272 -22.41 23.85 1.39
C ILE A 272 -22.93 24.77 2.49
N PHE A 273 -22.08 25.13 3.44
CA PHE A 273 -22.49 26.01 4.53
C PHE A 273 -21.25 26.66 5.13
N CYS A 274 -21.45 27.85 5.69
CA CYS A 274 -20.37 28.57 6.38
C CYS A 274 -21.01 29.56 7.34
N GLY A 275 -20.87 29.33 8.63
CA GLY A 275 -21.46 30.23 9.61
C GLY A 275 -21.20 29.76 11.02
N THR A 276 -21.92 30.38 11.94
CA THR A 276 -21.76 30.07 13.36
C THR A 276 -22.32 28.67 13.65
N PRO A 277 -21.68 27.91 14.55
CA PRO A 277 -22.24 26.60 14.94
C PRO A 277 -23.68 26.66 15.41
N ALA A 278 -24.06 27.70 16.16
CA ALA A 278 -25.47 27.87 16.52
C ALA A 278 -26.32 28.14 15.29
N GLU A 279 -25.86 29.05 14.42
CA GLU A 279 -26.52 29.27 13.14
C GLU A 279 -26.50 28.01 12.29
N MET A 280 -25.45 27.20 12.41
CA MET A 280 -25.39 25.93 11.68
C MET A 280 -26.51 24.99 12.12
N LEU A 281 -26.66 24.82 13.44
CA LEU A 281 -27.74 23.98 13.95
C LEU A 281 -29.11 24.54 13.55
N ASP A 282 -29.27 25.86 13.61
CA ASP A 282 -30.55 26.47 13.23
C ASP A 282 -30.87 26.22 11.76
N PHE A 283 -29.87 26.38 10.88
CA PHE A 283 -30.09 26.16 9.46
C PHE A 283 -30.37 24.70 9.15
N PHE A 284 -29.64 23.78 9.79
CA PHE A 284 -29.87 22.36 9.55
C PHE A 284 -31.18 21.88 10.14
N ASN A 285 -31.71 22.56 11.16
CA ASN A 285 -33.03 22.23 11.68
C ASN A 285 -34.13 22.81 10.81
N ASP A 286 -33.90 24.00 10.24
CA ASP A 286 -34.89 24.60 9.36
C ASP A 286 -34.96 23.87 8.02
N CYS A 287 -33.88 23.22 7.61
CA CYS A 287 -33.85 22.49 6.35
C CYS A 287 -34.59 21.16 6.42
N GLY A 288 -34.98 20.72 7.61
CA GLY A 288 -35.69 19.47 7.77
C GLY A 288 -34.84 18.28 8.18
N TYR A 289 -33.66 18.51 8.75
CA TYR A 289 -32.77 17.44 9.21
C TYR A 289 -32.27 17.78 10.60
N PRO A 290 -33.11 17.57 11.62
CA PRO A 290 -32.67 17.88 12.99
C PRO A 290 -31.63 16.89 13.47
N CYS A 291 -30.63 17.41 14.18
CA CYS A 291 -29.56 16.57 14.70
C CYS A 291 -30.06 15.75 15.87
N PRO A 292 -29.99 14.43 15.83
CA PRO A 292 -30.47 13.62 16.94
C PRO A 292 -29.60 13.78 18.17
N GLU A 293 -30.15 13.37 19.31
CA GLU A 293 -29.42 13.43 20.56
C GLU A 293 -28.32 12.38 20.59
N HIS A 294 -27.13 12.79 21.05
CA HIS A 294 -25.95 11.93 21.08
C HIS A 294 -25.65 11.35 19.68
N SER A 295 -25.37 12.26 18.75
CA SER A 295 -25.13 11.88 17.37
C SER A 295 -23.88 12.49 16.76
N ASN A 296 -23.07 13.22 17.54
CA ASN A 296 -21.84 13.86 17.06
C ASN A 296 -22.15 14.72 15.83
N PRO A 297 -22.75 15.91 16.02
CA PRO A 297 -23.21 16.73 14.89
C PRO A 297 -22.21 16.88 13.75
N PHE A 298 -20.91 16.82 14.06
CA PHE A 298 -19.90 16.88 13.00
C PHE A 298 -20.06 15.73 12.01
N ASP A 299 -20.07 14.50 12.52
CA ASP A 299 -20.20 13.34 11.64
C ASP A 299 -21.57 13.31 10.96
N PHE A 300 -22.62 13.73 11.67
CA PHE A 300 -23.96 13.74 11.09
C PHE A 300 -24.03 14.71 9.91
N TYR A 301 -23.52 15.93 10.09
CA TYR A 301 -23.54 16.91 9.01
C TYR A 301 -22.53 16.59 7.92
N MET A 302 -21.51 15.77 8.22
CA MET A 302 -20.61 15.32 7.18
C MET A 302 -21.24 14.23 6.32
N ASP A 303 -21.99 13.32 6.95
CA ASP A 303 -22.69 12.28 6.19
C ASP A 303 -23.91 12.83 5.46
N LEU A 304 -24.51 13.90 5.97
CA LEU A 304 -25.67 14.49 5.30
C LEU A 304 -25.26 15.23 4.03
N THR A 305 -24.04 15.75 3.97
CA THR A 305 -23.55 16.50 2.82
C THR A 305 -22.43 15.74 2.10
N SER A 306 -22.58 14.42 2.01
CA SER A 306 -21.60 13.57 1.35
C SER A 306 -22.24 12.87 0.16
N VAL A 307 -21.40 12.33 -0.70
CA VAL A 307 -21.83 11.62 -1.90
C VAL A 307 -21.45 10.14 -1.75
N ASP A 308 -22.45 9.27 -1.76
CA ASP A 308 -22.24 7.83 -1.61
C ASP A 308 -21.92 7.26 -2.99
N THR A 309 -20.64 7.02 -3.26
CA THR A 309 -20.20 6.48 -4.54
C THR A 309 -20.08 4.95 -4.42
N GLN A 310 -21.23 4.31 -4.26
CA GLN A 310 -21.29 2.86 -4.16
C GLN A 310 -22.19 2.24 -5.22
N SER A 311 -23.27 2.91 -5.59
CA SER A 311 -24.18 2.42 -6.62
C SER A 311 -24.52 3.56 -7.57
N LYS A 312 -25.44 3.30 -8.49
CA LYS A 312 -25.86 4.28 -9.48
C LYS A 312 -27.06 5.10 -9.04
N GLU A 313 -27.78 4.67 -8.01
CA GLU A 313 -28.93 5.40 -7.48
C GLU A 313 -28.64 6.13 -6.19
N ARG A 314 -27.86 5.53 -5.29
CA ARG A 314 -27.49 6.21 -4.05
C ARG A 314 -26.66 7.45 -4.34
N GLU A 315 -25.79 7.37 -5.36
CA GLU A 315 -25.00 8.53 -5.74
C GLU A 315 -25.89 9.67 -6.22
N ILE A 316 -26.88 9.36 -7.06
CA ILE A 316 -27.79 10.39 -7.55
C ILE A 316 -28.61 10.97 -6.40
N GLU A 317 -29.03 10.12 -5.47
CA GLU A 317 -29.81 10.61 -4.33
C GLU A 317 -28.99 11.54 -3.45
N THR A 318 -27.74 11.17 -3.16
CA THR A 318 -26.88 12.02 -2.35
C THR A 318 -26.55 13.32 -3.08
N SER A 319 -26.36 13.26 -4.39
CA SER A 319 -26.09 14.47 -5.15
C SER A 319 -27.30 15.41 -5.14
N LYS A 320 -28.51 14.85 -5.28
CA LYS A 320 -29.71 15.67 -5.21
C LYS A 320 -29.88 16.30 -3.83
N ARG A 321 -29.59 15.52 -2.77
CA ARG A 321 -29.69 16.07 -1.42
C ARG A 321 -28.68 17.19 -1.20
N VAL A 322 -27.45 17.00 -1.68
CA VAL A 322 -26.42 18.03 -1.52
C VAL A 322 -26.82 19.28 -2.30
N GLN A 323 -27.34 19.12 -3.51
CA GLN A 323 -27.77 20.27 -4.29
C GLN A 323 -28.93 21.00 -3.62
N MET A 324 -29.86 20.25 -3.03
CA MET A 324 -30.98 20.88 -2.33
C MET A 324 -30.49 21.65 -1.12
N ILE A 325 -29.57 21.08 -0.35
CA ILE A 325 -29.02 21.78 0.81
C ILE A 325 -28.28 23.04 0.37
N GLU A 326 -27.51 22.95 -0.71
CA GLU A 326 -26.77 24.11 -1.20
C GLU A 326 -27.71 25.20 -1.69
N SER A 327 -28.79 24.82 -2.38
CA SER A 327 -29.76 25.82 -2.85
C SER A 327 -30.49 26.45 -1.68
N ALA A 328 -30.78 25.68 -0.62
CA ALA A 328 -31.40 26.26 0.56
C ALA A 328 -30.45 27.19 1.30
N TYR A 329 -29.14 26.90 1.26
CA TYR A 329 -28.17 27.77 1.90
C TYR A 329 -27.94 29.05 1.11
N LYS A 330 -27.96 28.96 -0.22
CA LYS A 330 -27.74 30.15 -1.05
C LYS A 330 -28.86 31.17 -0.88
N LYS A 331 -30.06 30.73 -0.55
CA LYS A 331 -31.19 31.62 -0.33
C LYS A 331 -31.34 32.04 1.12
N SER A 332 -30.54 31.50 2.03
CA SER A 332 -30.61 31.88 3.43
C SER A 332 -30.01 33.27 3.65
N ALA A 333 -30.18 33.79 4.86
CA ALA A 333 -29.68 35.11 5.20
C ALA A 333 -28.22 35.10 5.60
N ILE A 334 -27.63 33.93 5.87
CA ILE A 334 -26.24 33.88 6.31
C ILE A 334 -25.30 34.25 5.17
N CYS A 335 -25.54 33.67 3.98
CA CYS A 335 -24.71 34.00 2.83
C CYS A 335 -24.89 35.46 2.43
N HIS A 336 -26.12 35.97 2.53
CA HIS A 336 -26.36 37.38 2.22
C HIS A 336 -25.64 38.29 3.20
N LYS A 337 -25.64 37.94 4.48
CA LYS A 337 -24.91 38.74 5.47
C LYS A 337 -23.41 38.68 5.23
N THR A 338 -22.90 37.51 4.83
CA THR A 338 -21.47 37.38 4.52
C THR A 338 -21.10 38.25 3.33
N LEU A 339 -21.92 38.23 2.27
CA LEU A 339 -21.66 39.05 1.11
C LEU A 339 -21.75 40.54 1.45
N LYS A 340 -22.70 40.90 2.32
CA LYS A 340 -22.83 42.31 2.73
C LYS A 340 -21.61 42.75 3.53
N ASN A 341 -21.12 41.89 4.42
CA ASN A 341 -19.92 42.23 5.18
C ASN A 341 -18.71 42.36 4.26
N ILE A 342 -18.60 41.47 3.27
CA ILE A 342 -17.48 41.56 2.32
C ILE A 342 -17.55 42.87 1.53
N GLU A 343 -18.75 43.22 1.04
CA GLU A 343 -18.90 44.45 0.28
C GLU A 343 -18.67 45.68 1.14
N ARG A 344 -19.02 45.62 2.42
CA ARG A 344 -18.76 46.75 3.32
C ARG A 344 -17.27 46.90 3.60
N MET A 345 -16.57 45.78 3.84
CA MET A 345 -15.14 45.84 4.06
C MET A 345 -14.41 46.29 2.80
N LYS A 346 -14.94 45.97 1.62
CA LYS A 346 -14.29 46.38 0.38
C LYS A 346 -14.35 47.89 0.17
N HIS A 347 -15.41 48.54 0.64
CA HIS A 347 -15.63 49.96 0.41
C HIS A 347 -15.75 50.72 1.73
N LEU A 348 -14.85 50.46 2.67
CA LEU A 348 -14.87 51.11 3.97
C LEU A 348 -13.71 52.08 4.16
N LYS A 349 -12.49 51.65 3.82
CA LYS A 349 -11.30 52.51 3.85
C LYS A 349 -11.05 53.08 5.25
N THR A 350 -11.19 52.24 6.27
CA THR A 350 -10.92 52.66 7.64
C THR A 350 -10.02 51.65 8.35
N LEU A 351 -10.04 50.40 7.89
CA LEU A 351 -9.18 49.38 8.46
C LEU A 351 -7.71 49.71 8.18
N PRO A 352 -6.80 49.24 9.05
CA PRO A 352 -5.37 49.55 8.85
C PRO A 352 -4.79 48.85 7.63
N MET A 353 -3.50 49.07 7.39
CA MET A 353 -2.84 48.50 6.23
C MET A 353 -2.74 46.98 6.36
N VAL A 354 -2.49 46.33 5.23
CA VAL A 354 -2.36 44.88 5.16
C VAL A 354 -1.14 44.45 5.96
N PRO A 355 -1.29 43.60 6.98
CA PRO A 355 -0.15 43.16 7.78
C PRO A 355 0.68 42.12 7.03
N PHE A 356 1.85 42.53 6.56
CA PHE A 356 2.76 41.63 5.86
C PHE A 356 3.70 40.97 6.87
N LYS A 357 4.74 40.31 6.37
CA LYS A 357 5.70 39.63 7.22
C LYS A 357 6.57 40.67 7.93
N THR A 358 7.52 40.20 8.74
CA THR A 358 8.31 41.10 9.57
C THR A 358 9.42 41.77 8.77
N LYS A 359 10.02 41.04 7.83
CA LYS A 359 11.14 41.56 7.04
C LYS A 359 11.35 40.61 5.86
N ASP A 360 12.23 41.00 4.94
CA ASP A 360 12.53 40.19 3.78
C ASP A 360 13.73 39.27 4.04
N SER A 361 13.99 38.39 3.09
CA SER A 361 15.09 37.44 3.23
C SER A 361 16.43 38.15 3.07
N PRO A 362 17.45 37.71 3.82
CA PRO A 362 18.78 38.33 3.68
C PRO A 362 19.48 37.91 2.41
N GLY A 363 20.74 38.31 2.26
CA GLY A 363 21.51 37.99 1.07
C GLY A 363 21.70 36.49 0.89
N VAL A 364 22.21 36.14 -0.29
CA VAL A 364 22.36 34.72 -0.62
C VAL A 364 23.53 34.11 0.13
N PHE A 365 24.60 34.88 0.33
CA PHE A 365 25.77 34.34 1.03
C PHE A 365 25.46 34.10 2.51
N SER A 366 24.71 35.00 3.13
CA SER A 366 24.35 34.82 4.54
C SER A 366 23.47 33.59 4.72
N LYS A 367 22.48 33.42 3.86
CA LYS A 367 21.62 32.24 3.94
C LYS A 367 22.40 30.96 3.66
N LEU A 368 23.34 31.02 2.71
CA LEU A 368 24.17 29.85 2.44
C LEU A 368 25.02 29.48 3.64
N GLY A 369 25.63 30.47 4.29
CA GLY A 369 26.42 30.19 5.47
C GLY A 369 25.59 29.66 6.63
N VAL A 370 24.38 30.20 6.80
CA VAL A 370 23.50 29.72 7.86
C VAL A 370 23.10 28.27 7.60
N LEU A 371 22.76 27.95 6.35
CA LEU A 371 22.41 26.57 6.02
C LEU A 371 23.60 25.63 6.19
N LEU A 372 24.80 26.10 5.85
CA LEU A 372 25.99 25.29 6.03
C LEU A 372 26.24 25.00 7.50
N ARG A 373 26.15 26.03 8.35
CA ARG A 373 26.30 25.81 9.79
C ARG A 373 25.23 24.87 10.33
N ARG A 374 23.99 25.02 9.83
CA ARG A 374 22.90 24.17 10.30
C ARG A 374 23.14 22.70 9.94
N VAL A 375 23.51 22.42 8.69
CA VAL A 375 23.73 21.04 8.28
C VAL A 375 24.97 20.48 8.97
N THR A 376 25.96 21.32 9.23
CA THR A 376 27.15 20.85 9.94
C THR A 376 26.80 20.46 11.37
N ARG A 377 26.04 21.31 12.08
CA ARG A 377 25.62 20.99 13.44
C ARG A 377 24.71 19.77 13.47
N ASN A 378 23.89 19.58 12.43
CA ASN A 378 23.04 18.40 12.37
C ASN A 378 23.84 17.14 12.11
N LEU A 379 24.91 17.23 11.33
CA LEU A 379 25.74 16.06 11.06
C LEU A 379 26.60 15.69 12.26
N VAL A 380 27.20 16.68 12.93
CA VAL A 380 28.07 16.40 14.06
C VAL A 380 27.30 15.81 15.24
N ARG A 381 26.07 16.27 15.48
CA ARG A 381 25.27 15.77 16.59
C ARG A 381 24.70 14.38 16.35
N ASN A 382 24.98 13.77 15.19
CA ASN A 382 24.52 12.43 14.86
C ASN A 382 25.76 11.54 14.75
N LYS A 383 26.00 10.73 15.78
CA LYS A 383 27.21 9.91 15.81
C LYS A 383 27.20 8.84 14.71
N LEU A 384 26.04 8.23 14.47
CA LEU A 384 25.96 7.16 13.48
C LEU A 384 26.29 7.69 12.08
N ALA A 385 25.80 8.89 11.75
CA ALA A 385 26.02 9.42 10.42
C ALA A 385 27.51 9.63 10.14
N VAL A 386 28.21 10.30 11.07
CA VAL A 386 29.63 10.54 10.86
C VAL A 386 30.42 9.23 10.94
N ILE A 387 29.97 8.28 11.77
CA ILE A 387 30.65 6.99 11.86
C ILE A 387 30.60 6.28 10.51
N THR A 388 29.41 6.19 9.91
CA THR A 388 29.31 5.56 8.58
C THR A 388 30.10 6.36 7.55
N ARG A 389 30.00 7.69 7.58
CA ARG A 389 30.71 8.52 6.61
C ARG A 389 32.21 8.27 6.65
N LEU A 390 32.77 8.10 7.85
CA LEU A 390 34.21 7.94 7.99
C LEU A 390 34.66 6.49 7.93
N LEU A 391 33.76 5.52 8.05
CA LEU A 391 34.15 4.13 8.12
C LEU A 391 33.66 3.26 6.96
N GLN A 392 32.84 3.79 6.04
CA GLN A 392 32.41 2.97 4.91
C GLN A 392 33.60 2.53 4.07
N ASN A 393 34.43 3.48 3.65
CA ASN A 393 35.62 3.14 2.87
C ASN A 393 36.58 2.27 3.66
N LEU A 394 36.64 2.47 4.98
CA LEU A 394 37.52 1.66 5.81
C LEU A 394 37.07 0.20 5.84
N ILE A 395 35.78 -0.04 6.01
CA ILE A 395 35.27 -1.41 6.00
C ILE A 395 35.43 -2.02 4.60
N MET A 396 35.25 -1.22 3.55
CA MET A 396 35.45 -1.74 2.20
C MET A 396 36.90 -2.17 2.00
N GLY A 397 37.85 -1.33 2.41
CA GLY A 397 39.25 -1.67 2.28
C GLY A 397 39.64 -2.87 3.13
N LEU A 398 39.05 -2.98 4.32
CA LEU A 398 39.34 -4.13 5.17
C LEU A 398 38.78 -5.42 4.57
N PHE A 399 37.60 -5.33 3.95
CA PHE A 399 37.04 -6.50 3.29
C PHE A 399 37.87 -6.90 2.09
N LEU A 400 38.46 -5.94 1.38
CA LEU A 400 39.35 -6.29 0.28
C LEU A 400 40.68 -6.86 0.78
N LEU A 401 41.19 -6.33 1.89
CA LEU A 401 42.44 -6.82 2.46
C LEU A 401 42.28 -8.21 3.05
N PHE A 402 41.08 -8.54 3.55
CA PHE A 402 40.84 -9.89 4.07
C PHE A 402 40.99 -10.95 2.97
N PHE A 403 40.87 -10.56 1.71
CA PHE A 403 41.03 -11.49 0.59
C PHE A 403 42.41 -11.37 -0.06
N VAL A 404 42.84 -10.17 -0.41
CA VAL A 404 44.11 -10.00 -1.10
C VAL A 404 45.26 -10.12 -0.11
N LEU A 405 45.32 -9.18 0.84
CA LEU A 405 46.21 -9.22 2.00
C LEU A 405 47.68 -8.98 1.64
N ARG A 406 48.01 -9.00 0.34
CA ARG A 406 49.37 -8.80 -0.13
C ARG A 406 49.36 -8.86 -1.66
N VAL A 407 50.42 -8.33 -2.25
CA VAL A 407 50.65 -8.42 -3.69
C VAL A 407 52.04 -9.01 -3.90
N ARG A 408 52.10 -10.19 -4.51
CA ARG A 408 53.38 -10.88 -4.75
C ARG A 408 54.04 -10.27 -5.98
N SER A 409 54.83 -9.24 -5.75
CA SER A 409 55.51 -8.52 -6.83
C SER A 409 56.75 -9.25 -7.33
N ASN A 410 56.98 -10.49 -6.91
CA ASN A 410 58.13 -11.26 -7.34
C ASN A 410 57.71 -12.56 -8.03
N VAL A 411 56.41 -12.72 -8.28
CA VAL A 411 55.88 -13.87 -8.99
C VAL A 411 54.90 -13.35 -10.04
N LEU A 412 54.86 -14.02 -11.18
CA LEU A 412 53.98 -13.64 -12.28
C LEU A 412 52.77 -14.57 -12.39
N LYS A 413 52.23 -15.02 -11.26
CA LYS A 413 51.02 -15.82 -11.25
C LYS A 413 49.76 -14.99 -11.06
N GLY A 414 49.78 -14.02 -10.16
CA GLY A 414 48.63 -13.18 -9.93
C GLY A 414 48.96 -11.74 -9.58
N ALA A 415 50.21 -11.34 -9.77
CA ALA A 415 50.62 -9.98 -9.39
C ALA A 415 49.83 -8.93 -10.15
N ILE A 416 49.94 -8.93 -11.49
CA ILE A 416 49.15 -8.01 -12.30
C ILE A 416 47.67 -8.27 -12.09
N GLN A 417 47.29 -9.54 -11.90
CA GLN A 417 45.89 -9.87 -11.67
C GLN A 417 45.39 -9.27 -10.36
N ASP A 418 46.16 -9.43 -9.28
CA ASP A 418 45.77 -8.85 -7.99
C ASP A 418 45.70 -7.32 -8.07
N ARG A 419 46.67 -6.70 -8.75
CA ARG A 419 46.67 -5.25 -8.86
C ARG A 419 45.46 -4.74 -9.64
N VAL A 420 45.17 -5.38 -10.77
CA VAL A 420 44.01 -4.99 -11.58
C VAL A 420 42.72 -5.20 -10.79
N GLY A 421 42.62 -6.31 -10.07
CA GLY A 421 41.44 -6.55 -9.26
C GLY A 421 41.25 -5.51 -8.17
N LEU A 422 42.33 -5.15 -7.49
CA LEU A 422 42.25 -4.14 -6.44
C LEU A 422 41.83 -2.79 -7.02
N LEU A 423 42.43 -2.39 -8.14
CA LEU A 423 42.07 -1.11 -8.74
C LEU A 423 40.61 -1.11 -9.20
N TYR A 424 40.17 -2.20 -9.82
CA TYR A 424 38.78 -2.31 -10.26
C TYR A 424 37.83 -2.23 -9.08
N GLN A 425 38.14 -2.93 -7.98
CA GLN A 425 37.29 -2.91 -6.81
C GLN A 425 37.22 -1.52 -6.19
N PHE A 426 38.36 -0.82 -6.14
CA PHE A 426 38.35 0.54 -5.61
C PHE A 426 37.49 1.46 -6.47
N VAL A 427 37.69 1.41 -7.79
CA VAL A 427 36.96 2.30 -8.68
C VAL A 427 35.47 1.97 -8.69
N GLY A 428 35.11 0.71 -8.47
CA GLY A 428 33.71 0.36 -8.40
C GLY A 428 33.06 0.48 -7.04
N ALA A 429 33.86 0.64 -5.98
CA ALA A 429 33.33 0.73 -4.63
C ALA A 429 33.26 2.15 -4.10
N THR A 430 34.18 3.03 -4.50
CA THR A 430 34.13 4.40 -3.99
C THR A 430 32.86 5.14 -4.38
N PRO A 431 32.41 5.15 -5.64
CA PRO A 431 31.11 5.80 -5.94
C PRO A 431 29.95 5.08 -5.28
N TYR A 432 30.07 3.77 -5.06
CA TYR A 432 29.01 3.05 -4.34
C TYR A 432 28.90 3.55 -2.91
N THR A 433 30.03 3.77 -2.24
CA THR A 433 29.99 4.32 -0.88
C THR A 433 29.47 5.74 -0.87
N GLY A 434 29.87 6.55 -1.85
CA GLY A 434 29.33 7.90 -1.95
C GLY A 434 27.82 7.91 -2.12
N MET A 435 27.32 7.03 -2.99
CA MET A 435 25.88 6.92 -3.20
C MET A 435 25.17 6.43 -1.95
N LEU A 436 25.76 5.48 -1.23
CA LEU A 436 25.18 5.02 0.03
C LEU A 436 25.05 6.18 1.02
N ASN A 437 26.12 6.94 1.18
CA ASN A 437 26.08 8.09 2.09
C ASN A 437 25.01 9.09 1.67
N ALA A 438 24.95 9.40 0.37
CA ALA A 438 23.98 10.38 -0.12
C ALA A 438 22.56 9.91 0.13
N VAL A 439 22.25 8.66 -0.25
CA VAL A 439 20.90 8.12 -0.06
C VAL A 439 20.55 8.01 1.42
N ASN A 440 21.55 7.81 2.29
CA ASN A 440 21.26 7.66 3.71
C ASN A 440 21.09 8.98 4.43
N LEU A 441 21.73 10.06 3.97
CA LEU A 441 21.72 11.31 4.72
C LEU A 441 21.02 12.47 4.04
N PHE A 442 20.86 12.44 2.72
CA PHE A 442 20.28 13.58 2.01
C PHE A 442 18.76 13.67 2.05
N PRO A 443 18.01 12.57 1.87
CA PRO A 443 16.54 12.70 1.75
C PRO A 443 15.87 13.49 2.86
N VAL A 444 16.37 13.41 4.10
CA VAL A 444 15.78 14.20 5.17
C VAL A 444 16.03 15.69 4.93
N LEU A 445 17.26 16.06 4.54
CA LEU A 445 17.54 17.45 4.22
C LEU A 445 16.79 17.90 2.98
N ARG A 446 16.60 16.98 2.02
CA ARG A 446 15.82 17.33 0.84
C ARG A 446 14.37 17.63 1.19
N ALA A 447 13.77 16.82 2.06
CA ALA A 447 12.40 17.08 2.50
C ALA A 447 12.31 18.38 3.30
N VAL A 448 13.29 18.64 4.16
CA VAL A 448 13.28 19.89 4.93
C VAL A 448 13.37 21.09 4.00
N SER A 449 14.24 21.01 2.98
CA SER A 449 14.37 22.11 2.03
C SER A 449 13.10 22.29 1.21
N ASP A 450 12.48 21.19 0.78
CA ASP A 450 11.23 21.28 0.03
C ASP A 450 10.13 21.89 0.88
N GLN A 451 10.13 21.63 2.19
CA GLN A 451 9.10 22.18 3.05
C GLN A 451 9.36 23.66 3.36
N GLU A 452 10.63 24.04 3.49
CA GLU A 452 10.97 25.40 3.91
C GLU A 452 11.22 26.35 2.76
N SER A 453 11.26 25.88 1.51
CA SER A 453 11.48 26.77 0.38
C SER A 453 10.19 27.43 -0.08
N GLN A 454 9.04 26.81 0.18
CA GLN A 454 7.77 27.38 -0.24
C GLN A 454 7.36 28.58 0.60
N ASP A 455 7.97 28.76 1.78
CA ASP A 455 7.67 29.89 2.65
C ASP A 455 8.51 31.12 2.34
N GLY A 456 9.44 31.03 1.40
CA GLY A 456 10.27 32.16 1.03
C GLY A 456 11.53 32.33 1.86
N LEU A 457 11.95 31.30 2.60
CA LEU A 457 13.15 31.41 3.41
C LEU A 457 14.41 31.37 2.55
N TYR A 458 14.57 30.29 1.78
CA TYR A 458 15.73 30.13 0.91
C TYR A 458 15.36 29.25 -0.27
N GLN A 459 16.32 28.99 -1.13
CA GLN A 459 16.13 28.14 -2.30
C GLN A 459 16.76 26.77 -2.08
N LYS A 460 16.36 25.82 -2.92
CA LYS A 460 16.84 24.44 -2.77
C LYS A 460 18.26 24.27 -3.29
N TRP A 461 18.66 25.03 -4.33
CA TRP A 461 20.03 24.94 -4.81
C TRP A 461 21.02 25.44 -3.77
N GLN A 462 20.62 26.41 -2.93
CA GLN A 462 21.47 26.82 -1.82
C GLN A 462 21.65 25.68 -0.83
N MET A 463 20.58 24.93 -0.56
CA MET A 463 20.68 23.78 0.33
C MET A 463 21.60 22.71 -0.27
N MET A 464 21.50 22.48 -1.57
CA MET A 464 22.39 21.51 -2.23
C MET A 464 23.84 21.95 -2.15
N LEU A 465 24.09 23.25 -2.36
CA LEU A 465 25.46 23.76 -2.28
C LEU A 465 25.99 23.64 -0.85
N ALA A 466 25.16 23.93 0.15
CA ALA A 466 25.60 23.78 1.54
C ALA A 466 25.87 22.31 1.86
N TYR A 467 25.05 21.40 1.33
CA TYR A 467 25.30 19.97 1.54
C TYR A 467 26.63 19.56 0.92
N ALA A 468 26.92 20.03 -0.29
CA ALA A 468 28.20 19.72 -0.91
C ALA A 468 29.36 20.28 -0.09
N LEU A 469 29.22 21.51 0.39
CA LEU A 469 30.29 22.14 1.15
C LEU A 469 30.54 21.42 2.47
N HIS A 470 29.48 20.91 3.10
CA HIS A 470 29.67 20.20 4.37
C HIS A 470 30.07 18.74 4.16
N VAL A 471 29.82 18.19 2.97
CA VAL A 471 30.24 16.81 2.69
C VAL A 471 31.65 16.73 2.12
N LEU A 472 32.20 17.83 1.62
CA LEU A 472 33.59 17.81 1.14
C LEU A 472 34.58 17.38 2.22
N PRO A 473 34.67 18.03 3.38
CA PRO A 473 35.76 17.68 4.31
C PRO A 473 35.62 16.31 4.93
N PHE A 474 34.38 15.88 5.23
CA PHE A 474 34.20 14.56 5.81
C PHE A 474 34.61 13.46 4.84
N SER A 475 34.23 13.61 3.56
CA SER A 475 34.65 12.63 2.56
C SER A 475 36.17 12.67 2.37
N VAL A 476 36.76 13.86 2.41
CA VAL A 476 38.22 13.97 2.29
C VAL A 476 38.90 13.22 3.42
N VAL A 477 38.44 13.43 4.65
CA VAL A 477 39.06 12.76 5.81
C VAL A 477 38.85 11.26 5.73
N ALA A 478 37.67 10.82 5.31
CA ALA A 478 37.40 9.39 5.20
C ALA A 478 38.31 8.74 4.18
N THR A 479 38.44 9.34 2.99
CA THR A 479 39.34 8.79 1.98
C THR A 479 40.78 8.80 2.46
N MET A 480 41.19 9.87 3.14
CA MET A 480 42.57 9.96 3.63
C MET A 480 42.87 8.85 4.63
N ILE A 481 41.98 8.62 5.60
CA ILE A 481 42.24 7.60 6.61
C ILE A 481 42.16 6.21 5.99
N PHE A 482 41.23 6.01 5.05
CA PHE A 482 41.14 4.71 4.38
C PHE A 482 42.42 4.40 3.60
N SER A 483 42.96 5.39 2.90
CA SER A 483 44.20 5.18 2.15
C SER A 483 45.38 4.98 3.10
N SER A 484 45.42 5.75 4.19
CA SER A 484 46.50 5.59 5.15
C SER A 484 46.48 4.21 5.80
N VAL A 485 45.30 3.61 5.92
CA VAL A 485 45.20 2.28 6.52
C VAL A 485 45.47 1.17 5.50
N CYS A 486 44.98 1.30 4.28
CA CYS A 486 44.99 0.19 3.34
C CYS A 486 46.10 0.27 2.29
N TYR A 487 46.56 1.46 1.93
CA TYR A 487 47.56 1.58 0.87
C TYR A 487 48.91 1.03 1.33
N TRP A 488 49.30 1.29 2.57
CA TRP A 488 50.59 0.83 3.06
C TRP A 488 50.55 -0.64 3.46
N THR A 489 49.40 -1.13 3.94
CA THR A 489 49.31 -2.53 4.34
C THR A 489 49.36 -3.45 3.13
N LEU A 490 48.70 -3.06 2.03
CA LEU A 490 48.71 -3.86 0.82
C LEU A 490 50.08 -3.89 0.15
N GLY A 491 50.92 -2.91 0.40
CA GLY A 491 52.24 -2.86 -0.22
C GLY A 491 52.20 -2.53 -1.69
N LEU A 492 51.37 -1.57 -2.09
CA LEU A 492 51.22 -1.19 -3.49
C LEU A 492 52.17 -0.04 -3.79
N HIS A 493 53.40 -0.39 -4.20
CA HIS A 493 54.43 0.59 -4.56
C HIS A 493 54.63 1.60 -3.44
N PRO A 494 55.26 1.22 -2.33
CA PRO A 494 55.37 2.13 -1.18
C PRO A 494 56.18 3.37 -1.51
N GLU A 495 55.52 4.52 -1.46
CA GLU A 495 56.15 5.82 -1.72
C GLU A 495 55.15 6.90 -1.30
N VAL A 496 55.69 8.07 -0.97
CA VAL A 496 54.85 9.16 -0.46
C VAL A 496 54.10 9.84 -1.59
N ALA A 497 54.78 10.13 -2.70
CA ALA A 497 54.12 10.77 -3.83
C ALA A 497 53.05 9.86 -4.43
N ARG A 498 53.37 8.57 -4.57
CA ARG A 498 52.36 7.63 -5.05
C ARG A 498 51.22 7.50 -4.06
N PHE A 499 51.51 7.60 -2.76
CA PHE A 499 50.47 7.58 -1.74
C PHE A 499 49.50 8.75 -1.92
N GLY A 500 50.05 9.95 -2.09
CA GLY A 500 49.19 11.12 -2.30
C GLY A 500 48.41 11.04 -3.60
N TYR A 501 49.04 10.56 -4.67
CA TYR A 501 48.34 10.42 -5.94
C TYR A 501 47.20 9.41 -5.83
N PHE A 502 47.44 8.30 -5.14
CA PHE A 502 46.38 7.31 -4.93
C PHE A 502 45.26 7.88 -4.08
N SER A 503 45.60 8.63 -3.03
CA SER A 503 44.58 9.27 -2.20
C SER A 503 43.71 10.20 -3.02
N ALA A 504 44.32 11.03 -3.87
CA ALA A 504 43.54 11.96 -4.68
C ALA A 504 42.70 11.23 -5.73
N ALA A 505 43.27 10.20 -6.36
CA ALA A 505 42.58 9.47 -7.41
C ALA A 505 41.48 8.57 -6.87
N LEU A 506 41.47 8.31 -5.55
CA LEU A 506 40.33 7.64 -4.95
C LEU A 506 39.38 8.60 -4.25
N LEU A 507 39.82 9.83 -3.96
CA LEU A 507 38.92 10.83 -3.38
C LEU A 507 38.04 11.47 -4.44
N ALA A 508 38.59 11.72 -5.63
CA ALA A 508 37.80 12.35 -6.68
C ALA A 508 36.57 11.53 -7.09
N PRO A 509 36.68 10.23 -7.40
CA PRO A 509 35.48 9.49 -7.81
C PRO A 509 34.44 9.37 -6.72
N HIS A 510 34.86 9.35 -5.44
CA HIS A 510 33.90 9.34 -4.35
C HIS A 510 33.00 10.56 -4.41
N LEU A 511 33.60 11.75 -4.53
CA LEU A 511 32.81 12.97 -4.63
C LEU A 511 31.99 13.01 -5.90
N ILE A 512 32.55 12.50 -7.01
CA ILE A 512 31.81 12.48 -8.27
C ILE A 512 30.55 11.64 -8.14
N GLY A 513 30.69 10.43 -7.60
CA GLY A 513 29.52 9.58 -7.40
C GLY A 513 28.53 10.15 -6.41
N GLU A 514 29.03 10.78 -5.34
CA GLU A 514 28.12 11.38 -4.37
C GLU A 514 27.32 12.51 -5.00
N PHE A 515 27.96 13.33 -5.82
CA PHE A 515 27.25 14.44 -6.46
C PHE A 515 26.28 13.93 -7.53
N LEU A 516 26.65 12.85 -8.24
CA LEU A 516 25.73 12.26 -9.19
C LEU A 516 24.49 11.71 -8.48
N THR A 517 24.69 11.04 -7.34
CA THR A 517 23.55 10.55 -6.56
C THR A 517 22.73 11.70 -6.02
N LEU A 518 23.38 12.80 -5.66
CA LEU A 518 22.66 13.99 -5.22
C LEU A 518 21.76 14.53 -6.33
N VAL A 519 22.30 14.60 -7.55
CA VAL A 519 21.52 15.06 -8.70
C VAL A 519 20.33 14.12 -8.93
N LEU A 520 20.57 12.81 -8.89
CA LEU A 520 19.49 11.87 -9.15
C LEU A 520 18.42 11.90 -8.06
N LEU A 521 18.83 12.14 -6.81
CA LEU A 521 17.86 12.31 -5.74
C LEU A 521 17.07 13.61 -5.90
N GLY A 522 17.72 14.65 -6.44
CA GLY A 522 17.00 15.87 -6.74
C GLY A 522 16.06 15.76 -7.91
N ILE A 523 16.30 14.79 -8.81
CA ILE A 523 15.41 14.60 -9.95
C ILE A 523 14.46 13.41 -9.78
N VAL A 524 14.78 12.46 -8.92
CA VAL A 524 13.93 11.29 -8.67
C VAL A 524 13.60 11.24 -7.19
N GLN A 525 12.32 11.00 -6.88
CA GLN A 525 11.86 11.02 -5.50
C GLN A 525 12.25 9.75 -4.75
N ASN A 526 12.00 8.59 -5.34
CA ASN A 526 12.23 7.33 -4.66
C ASN A 526 13.71 7.09 -4.42
N PRO A 527 14.15 6.92 -3.17
CA PRO A 527 15.58 6.69 -2.93
C PRO A 527 16.07 5.34 -3.42
N ASN A 528 15.22 4.30 -3.40
CA ASN A 528 15.66 2.99 -3.86
C ASN A 528 15.90 2.98 -5.36
N TRP A 529 15.05 3.68 -6.12
CA TRP A 529 15.27 3.79 -7.56
C TRP A 529 16.58 4.51 -7.85
N VAL A 530 16.87 5.58 -7.09
CA VAL A 530 18.14 6.29 -7.27
C VAL A 530 19.31 5.37 -6.93
N ASN A 531 19.19 4.59 -5.86
CA ASN A 531 20.24 3.65 -5.49
C ASN A 531 20.51 2.66 -6.62
N SER A 532 19.45 2.06 -7.15
CA SER A 532 19.60 1.08 -8.22
C SER A 532 20.20 1.70 -9.47
N VAL A 533 19.74 2.90 -9.83
CA VAL A 533 20.23 3.56 -11.04
C VAL A 533 21.71 3.92 -10.89
N VAL A 534 22.11 4.43 -9.73
CA VAL A 534 23.50 4.79 -9.52
C VAL A 534 24.37 3.55 -9.50
N ALA A 535 23.88 2.45 -8.92
CA ALA A 535 24.64 1.21 -8.93
C ALA A 535 24.85 0.70 -10.34
N LEU A 536 23.78 0.71 -11.16
CA LEU A 536 23.90 0.26 -12.54
C LEU A 536 24.85 1.16 -13.33
N LEU A 537 24.76 2.48 -13.12
CA LEU A 537 25.63 3.40 -13.83
C LEU A 537 27.09 3.20 -13.44
N SER A 538 27.35 2.98 -12.15
CA SER A 538 28.72 2.75 -11.70
C SER A 538 29.27 1.45 -12.26
N ILE A 539 28.45 0.39 -12.29
CA ILE A 539 28.88 -0.87 -12.86
C ILE A 539 29.20 -0.71 -14.34
N ALA A 540 28.30 -0.05 -15.08
CA ALA A 540 28.53 0.17 -16.50
C ALA A 540 29.79 1.01 -16.75
N GLY A 541 30.01 2.03 -15.92
CA GLY A 541 31.20 2.86 -16.10
C GLY A 541 32.48 2.09 -15.82
N VAL A 542 32.53 1.39 -14.69
CA VAL A 542 33.72 0.62 -14.35
C VAL A 542 33.93 -0.55 -15.29
N LEU A 543 32.90 -0.96 -16.05
CA LEU A 543 33.06 -2.03 -17.01
C LEU A 543 33.48 -1.54 -18.39
N VAL A 544 33.00 -0.37 -18.80
CA VAL A 544 33.26 0.15 -20.15
C VAL A 544 34.46 1.08 -20.14
N GLY A 545 34.39 2.15 -19.35
CA GLY A 545 35.44 3.15 -19.37
C GLY A 545 36.79 2.60 -18.91
N SER A 546 36.77 1.74 -17.90
CA SER A 546 38.01 1.16 -17.40
C SER A 546 38.59 0.19 -18.44
N GLY A 547 39.87 0.38 -18.76
CA GLY A 547 40.53 -0.47 -19.73
C GLY A 547 41.14 -1.72 -19.12
N PHE A 548 40.65 -2.11 -17.94
CA PHE A 548 41.18 -3.30 -17.29
C PHE A 548 40.69 -4.57 -17.96
N LEU A 549 39.40 -4.65 -18.28
CA LEU A 549 38.79 -5.87 -18.77
C LEU A 549 38.24 -5.77 -20.17
N ARG A 550 38.52 -4.69 -20.92
CA ARG A 550 37.98 -4.52 -22.25
C ARG A 550 39.00 -4.15 -23.31
N ASN A 551 40.15 -3.56 -22.94
CA ASN A 551 41.18 -3.16 -23.91
C ASN A 551 40.61 -2.19 -24.94
N ILE A 552 40.31 -0.98 -24.44
CA ILE A 552 39.63 0.09 -25.16
C ILE A 552 40.13 0.23 -26.60
N GLN A 553 41.42 -0.05 -26.81
CA GLN A 553 42.00 0.03 -28.16
C GLN A 553 41.38 -1.00 -29.10
N GLU A 554 40.53 -1.88 -28.57
CA GLU A 554 39.86 -2.89 -29.38
C GLU A 554 38.34 -2.82 -29.30
N MET A 555 37.78 -2.06 -28.36
CA MET A 555 36.34 -1.99 -28.21
C MET A 555 35.72 -1.22 -29.38
N PRO A 556 34.43 -1.42 -29.64
CA PRO A 556 33.78 -0.72 -30.76
C PRO A 556 33.78 0.79 -30.58
N ILE A 557 33.38 1.47 -31.65
CA ILE A 557 33.40 2.93 -31.72
C ILE A 557 32.38 3.56 -30.75
N PRO A 558 31.12 3.10 -30.70
CA PRO A 558 30.19 3.74 -29.74
C PRO A 558 30.62 3.61 -28.30
N PHE A 559 31.09 2.43 -27.89
CA PHE A 559 31.57 2.27 -26.52
C PHE A 559 32.85 3.07 -26.29
N LYS A 560 33.69 3.20 -27.31
CA LYS A 560 34.90 4.02 -27.19
C LYS A 560 34.54 5.48 -26.97
N ILE A 561 33.47 5.95 -27.63
CA ILE A 561 33.03 7.33 -27.43
C ILE A 561 32.38 7.50 -26.07
N ILE A 562 31.61 6.50 -25.63
CA ILE A 562 30.96 6.58 -24.32
C ILE A 562 32.00 6.59 -23.21
N SER A 563 33.10 5.86 -23.39
CA SER A 563 34.13 5.79 -22.36
C SER A 563 34.84 7.12 -22.14
N TYR A 564 34.76 8.03 -23.10
CA TYR A 564 35.42 9.33 -22.94
C TYR A 564 34.65 10.25 -22.00
N PHE A 565 33.37 10.01 -21.78
CA PHE A 565 32.57 10.82 -20.88
C PHE A 565 32.45 10.22 -19.48
N THR A 566 33.16 9.14 -19.20
CA THR A 566 33.13 8.48 -17.90
C THR A 566 34.43 8.75 -17.15
N PHE A 567 34.31 9.03 -15.85
CA PHE A 567 35.47 9.28 -15.03
C PHE A 567 36.24 8.00 -14.70
N GLN A 568 35.62 6.84 -14.89
CA GLN A 568 36.30 5.58 -14.59
C GLN A 568 37.52 5.39 -15.49
N LYS A 569 37.44 5.86 -16.74
CA LYS A 569 38.57 5.74 -17.65
C LYS A 569 39.78 6.52 -17.14
N TYR A 570 39.57 7.78 -16.79
CA TYR A 570 40.68 8.60 -16.27
C TYR A 570 41.18 8.07 -14.94
N CYS A 571 40.28 7.57 -14.10
CA CYS A 571 40.70 6.99 -12.82
C CYS A 571 41.60 5.78 -13.05
N SER A 572 41.19 4.88 -13.96
CA SER A 572 41.99 3.69 -14.23
C SER A 572 43.33 4.06 -14.85
N GLU A 573 43.34 5.05 -15.74
CA GLU A 573 44.60 5.48 -16.34
C GLU A 573 45.55 6.04 -15.29
N ILE A 574 45.03 6.89 -14.40
CA ILE A 574 45.85 7.45 -13.33
C ILE A 574 46.40 6.35 -12.43
N LEU A 575 45.53 5.40 -12.05
CA LEU A 575 45.97 4.33 -11.16
C LEU A 575 47.02 3.45 -11.84
N VAL A 576 46.86 3.18 -13.13
CA VAL A 576 47.84 2.36 -13.85
C VAL A 576 49.18 3.08 -13.91
N VAL A 577 49.17 4.37 -14.27
CA VAL A 577 50.42 5.12 -14.36
C VAL A 577 51.07 5.22 -12.99
N ASN A 578 50.28 5.29 -11.92
CA ASN A 578 50.86 5.42 -10.58
C ASN A 578 51.37 4.09 -10.06
N GLU A 579 50.79 2.97 -10.49
CA GLU A 579 51.16 1.66 -9.96
C GLU A 579 52.25 0.98 -10.78
N PHE A 580 52.02 0.78 -12.07
CA PHE A 580 52.88 -0.04 -12.91
C PHE A 580 54.04 0.72 -13.53
N TYR A 581 54.47 1.84 -12.93
CA TYR A 581 55.54 2.63 -13.52
C TYR A 581 56.90 2.26 -12.93
N GLY A 582 57.04 2.35 -11.61
CA GLY A 582 58.35 2.21 -11.00
C GLY A 582 58.61 0.89 -10.30
N LEU A 583 58.19 -0.22 -10.91
CA LEU A 583 58.45 -1.54 -10.35
C LEU A 583 58.59 -2.54 -11.49
N ASN A 584 59.43 -3.55 -11.26
CA ASN A 584 59.69 -4.60 -12.23
C ASN A 584 59.01 -5.90 -11.80
N PHE A 585 58.87 -6.81 -12.76
CA PHE A 585 58.23 -8.09 -12.55
C PHE A 585 59.19 -9.22 -12.88
N THR A 586 58.94 -10.39 -12.28
CA THR A 586 59.71 -11.59 -12.55
C THR A 586 58.81 -12.81 -12.41
N CYS A 587 58.97 -13.75 -13.34
CA CYS A 587 58.17 -14.97 -13.34
C CYS A 587 58.90 -16.17 -12.75
N GLY A 588 60.14 -15.99 -12.29
CA GLY A 588 60.89 -17.08 -11.69
C GLY A 588 61.30 -18.15 -12.67
N CYS A 600 53.99 -15.24 -17.54
CA CYS A 600 55.11 -14.39 -17.91
C CYS A 600 55.07 -13.83 -19.34
N ALA A 601 53.92 -13.29 -19.76
CA ALA A 601 53.93 -12.43 -20.95
C ALA A 601 54.97 -11.33 -20.84
N PHE A 602 54.87 -10.49 -19.82
CA PHE A 602 55.71 -9.31 -19.70
C PHE A 602 56.72 -9.49 -18.59
N THR A 603 57.70 -8.58 -18.55
CA THR A 603 58.73 -8.58 -17.53
C THR A 603 58.79 -7.27 -16.74
N GLN A 604 58.31 -6.17 -17.30
CA GLN A 604 58.29 -4.87 -16.63
C GLN A 604 56.85 -4.37 -16.54
N GLY A 605 56.71 -3.15 -16.01
CA GLY A 605 55.40 -2.55 -15.86
C GLY A 605 55.05 -1.59 -16.98
N ILE A 606 56.09 -1.04 -17.62
CA ILE A 606 55.87 -0.12 -18.73
C ILE A 606 55.20 -0.83 -19.90
N GLN A 607 55.52 -2.11 -20.09
CA GLN A 607 54.88 -2.88 -21.15
C GLN A 607 53.39 -3.03 -20.89
N PHE A 608 53.03 -3.36 -19.64
CA PHE A 608 51.60 -3.45 -19.29
C PHE A 608 50.91 -2.11 -19.40
N ILE A 609 51.61 -1.02 -19.07
CA ILE A 609 51.03 0.31 -19.21
C ILE A 609 50.73 0.59 -20.68
N GLU A 610 51.72 0.35 -21.55
CA GLU A 610 51.51 0.59 -22.99
C GLU A 610 50.45 -0.34 -23.56
N LYS A 611 50.27 -1.52 -22.96
CA LYS A 611 49.23 -2.44 -23.43
C LYS A 611 47.84 -1.94 -23.02
N THR A 612 47.71 -1.47 -21.78
CA THR A 612 46.40 -1.00 -21.30
C THR A 612 46.10 0.40 -21.81
N CYS A 613 46.93 1.38 -21.45
CA CYS A 613 46.75 2.76 -21.85
C CYS A 613 48.09 3.31 -22.34
N PRO A 614 48.31 3.36 -23.66
CA PRO A 614 49.64 3.76 -24.16
C PRO A 614 50.04 5.18 -23.79
N GLY A 615 49.21 6.17 -24.11
CA GLY A 615 49.58 7.55 -23.92
C GLY A 615 49.14 8.16 -22.61
N ALA A 616 48.93 7.32 -21.60
CA ALA A 616 48.50 7.81 -20.29
C ALA A 616 49.65 8.38 -19.46
N THR A 617 50.89 7.94 -19.71
CA THR A 617 52.03 8.46 -18.96
C THR A 617 52.22 9.95 -19.22
N SER A 618 52.04 10.38 -20.47
CA SER A 618 52.15 11.79 -20.83
C SER A 618 50.88 12.58 -20.53
N ARG A 619 49.76 11.90 -20.28
CA ARG A 619 48.49 12.56 -19.99
C ARG A 619 48.04 12.31 -18.56
N PHE A 620 48.97 11.96 -17.68
CA PHE A 620 48.64 11.79 -16.26
C PHE A 620 48.05 13.06 -15.68
N THR A 621 48.72 14.20 -15.87
CA THR A 621 48.24 15.46 -15.32
C THR A 621 46.92 15.88 -15.98
N MET A 622 46.77 15.59 -17.27
CA MET A 622 45.53 15.92 -17.96
C MET A 622 44.36 15.10 -17.42
N ASN A 623 44.60 13.82 -17.14
CA ASN A 623 43.57 12.98 -16.55
C ASN A 623 43.21 13.44 -15.15
N PHE A 624 44.21 13.86 -14.36
CA PHE A 624 43.92 14.42 -13.05
C PHE A 624 43.09 15.69 -13.16
N LEU A 625 43.42 16.55 -14.12
CA LEU A 625 42.67 17.79 -14.30
C LEU A 625 41.23 17.51 -14.71
N ILE A 626 41.03 16.53 -15.60
CA ILE A 626 39.67 16.18 -16.01
C ILE A 626 38.89 15.58 -14.85
N LEU A 627 39.54 14.72 -14.07
CA LEU A 627 38.89 14.11 -12.90
C LEU A 627 38.46 15.18 -11.90
N TYR A 628 39.31 16.17 -11.67
CA TYR A 628 38.96 17.23 -10.72
C TYR A 628 38.02 18.27 -11.31
N SER A 629 37.92 18.40 -12.62
CA SER A 629 36.98 19.30 -13.25
C SER A 629 35.61 18.66 -13.47
N PHE A 630 35.51 17.33 -13.36
CA PHE A 630 34.23 16.66 -13.41
C PHE A 630 33.34 17.01 -12.22
N ILE A 631 33.89 17.58 -11.15
CA ILE A 631 33.14 17.86 -9.93
C ILE A 631 32.27 19.11 -10.09
N PRO A 632 32.80 20.28 -10.50
CA PRO A 632 31.93 21.46 -10.56
C PRO A 632 30.84 21.35 -11.61
N ALA A 633 31.08 20.59 -12.69
CA ALA A 633 30.04 20.37 -13.68
C ALA A 633 28.84 19.66 -13.06
N LEU A 634 29.11 18.66 -12.21
CA LEU A 634 28.01 17.96 -11.53
C LEU A 634 27.29 18.88 -10.56
N VAL A 635 28.02 19.80 -9.94
CA VAL A 635 27.38 20.74 -9.02
C VAL A 635 26.44 21.68 -9.77
N ILE A 636 26.89 22.16 -10.93
CA ILE A 636 26.05 23.04 -11.75
C ILE A 636 24.84 22.27 -12.26
N LEU A 637 25.05 21.02 -12.67
CA LEU A 637 23.93 20.18 -13.11
C LEU A 637 22.93 19.97 -11.99
N GLY A 638 23.41 19.80 -10.75
CA GLY A 638 22.51 19.66 -9.62
C GLY A 638 21.76 20.94 -9.33
N ILE A 639 22.42 22.08 -9.49
CA ILE A 639 21.74 23.36 -9.32
C ILE A 639 20.60 23.48 -10.33
N VAL A 640 20.86 23.11 -11.58
CA VAL A 640 19.83 23.17 -12.61
C VAL A 640 18.71 22.18 -12.29
N VAL A 641 19.07 20.99 -11.82
CA VAL A 641 18.07 19.97 -11.51
C VAL A 641 17.16 20.45 -10.38
N PHE A 642 17.73 21.16 -9.40
CA PHE A 642 16.91 21.68 -8.31
C PHE A 642 16.08 22.87 -8.76
N LYS A 643 16.61 23.70 -9.66
CA LYS A 643 15.82 24.80 -10.22
C LYS A 643 14.69 24.29 -11.11
N ILE A 644 14.77 23.05 -11.56
CA ILE A 644 13.62 22.43 -12.22
C ILE A 644 12.72 21.71 -11.22
N ARG A 645 13.29 21.16 -10.14
CA ARG A 645 12.51 20.45 -9.15
C ARG A 645 11.58 21.38 -8.39
N ASP A 646 12.05 22.60 -8.10
CA ASP A 646 11.22 23.55 -7.38
C ASP A 646 10.06 24.03 -8.24
N HIS A 647 10.04 23.62 -9.51
CA HIS A 647 8.97 23.96 -10.44
C HIS A 647 8.13 22.76 -10.85
N LEU A 648 8.65 21.54 -10.73
CA LEU A 648 7.90 20.36 -11.15
C LEU A 648 7.13 19.71 -10.01
N ILE A 649 7.15 20.31 -8.82
CA ILE A 649 6.39 19.77 -7.69
C ILE A 649 5.19 20.66 -7.40
N SER A 650 5.42 21.98 -7.38
CA SER A 650 4.36 22.94 -7.12
C SER A 650 3.57 23.25 -8.39
N ASP B 25 -30.05 7.05 10.54
CA ASP B 25 -30.16 5.72 9.97
C ASP B 25 -30.89 5.77 8.63
N ARG B 26 -31.52 6.90 8.34
CA ARG B 26 -32.25 7.09 7.10
C ARG B 26 -31.40 7.71 5.99
N LEU B 27 -30.17 8.11 6.30
CA LEU B 27 -29.29 8.73 5.32
C LEU B 27 -28.45 7.74 4.53
N PHE B 28 -28.40 6.48 4.98
CA PHE B 28 -27.61 5.45 4.31
C PHE B 28 -28.48 4.61 3.38
N SER B 29 -27.83 3.73 2.63
CA SER B 29 -28.53 2.87 1.69
C SER B 29 -29.41 1.88 2.44
N SER B 30 -30.67 1.79 2.03
CA SER B 30 -31.63 0.90 2.67
C SER B 30 -32.26 -0.10 1.70
N GLU B 31 -31.91 -0.06 0.42
CA GLU B 31 -32.46 -0.99 -0.57
C GLU B 31 -31.59 -2.23 -0.70
N SER B 32 -31.29 -2.87 0.43
CA SER B 32 -30.49 -4.07 0.48
C SER B 32 -31.37 -5.28 0.79
N ASP B 33 -30.76 -6.46 0.82
CA ASP B 33 -31.44 -7.70 1.09
C ASP B 33 -31.05 -8.17 2.49
N ASN B 34 -32.05 -8.32 3.37
CA ASN B 34 -31.83 -8.73 4.74
C ASN B 34 -31.86 -10.25 4.92
N SER B 35 -31.65 -11.00 3.84
CA SER B 35 -31.68 -12.46 3.90
C SER B 35 -30.31 -13.00 4.29
N LEU B 36 -30.32 -14.18 4.91
CA LEU B 36 -29.11 -14.89 5.31
C LEU B 36 -28.98 -16.13 4.43
N TYR B 37 -27.98 -16.14 3.55
CA TYR B 37 -27.79 -17.23 2.62
C TYR B 37 -26.78 -18.27 3.09
N PHE B 38 -25.91 -17.92 4.05
CA PHE B 38 -24.90 -18.85 4.55
C PHE B 38 -24.82 -18.69 6.06
N THR B 39 -25.55 -19.54 6.79
CA THR B 39 -25.59 -19.50 8.23
C THR B 39 -24.77 -20.66 8.81
N TYR B 40 -24.48 -20.57 10.10
CA TYR B 40 -23.73 -21.60 10.81
C TYR B 40 -24.69 -22.64 11.36
N SER B 41 -24.57 -23.87 10.89
CA SER B 41 -25.41 -24.98 11.34
C SER B 41 -24.62 -25.81 12.34
N GLY B 42 -25.06 -25.80 13.59
CA GLY B 42 -24.38 -26.56 14.63
C GLY B 42 -24.69 -25.97 15.99
N GLN B 43 -23.94 -26.47 16.98
CA GLN B 43 -24.12 -26.00 18.35
C GLN B 43 -23.63 -24.56 18.47
N PRO B 44 -24.29 -23.73 19.28
CA PRO B 44 -23.85 -22.35 19.44
C PRO B 44 -22.53 -22.28 20.20
N ASN B 45 -21.58 -21.51 19.65
CA ASN B 45 -20.27 -21.36 20.26
C ASN B 45 -20.30 -20.27 21.32
N THR B 46 -19.48 -20.45 22.36
CA THR B 46 -19.40 -19.52 23.46
C THR B 46 -17.96 -19.07 23.65
N LEU B 47 -17.79 -17.97 24.39
CA LEU B 47 -16.47 -17.43 24.69
C LEU B 47 -16.55 -16.73 26.04
N GLU B 48 -15.87 -17.28 27.04
CA GLU B 48 -15.91 -16.76 28.41
C GLU B 48 -14.49 -16.48 28.87
N VAL B 49 -14.22 -15.23 29.24
CA VAL B 49 -12.93 -14.83 29.80
C VAL B 49 -13.16 -14.47 31.26
N ARG B 50 -12.32 -15.01 32.14
CA ARG B 50 -12.51 -14.89 33.59
C ARG B 50 -11.24 -14.33 34.21
N ASP B 51 -11.29 -13.05 34.60
CA ASP B 51 -10.19 -12.38 35.29
C ASP B 51 -8.89 -12.44 34.49
N LEU B 52 -8.92 -11.93 33.26
CA LEU B 52 -7.72 -11.85 32.45
C LEU B 52 -6.86 -10.68 32.89
N ASN B 53 -5.58 -10.96 33.18
CA ASN B 53 -4.62 -9.94 33.61
C ASN B 53 -3.38 -10.05 32.72
N TYR B 54 -3.26 -9.13 31.76
CA TYR B 54 -2.11 -9.12 30.87
C TYR B 54 -0.98 -8.32 31.46
N GLN B 55 0.25 -8.68 31.08
CA GLN B 55 1.46 -8.01 31.55
C GLN B 55 2.34 -7.70 30.36
N VAL B 56 2.67 -6.42 30.20
CA VAL B 56 3.49 -5.88 29.10
C VAL B 56 3.30 -6.64 27.78
N LEU B 86 -2.71 -0.77 27.73
CA LEU B 86 -1.55 -1.21 28.49
C LEU B 86 -1.94 -1.55 29.93
N GLY B 87 -1.54 -2.74 30.38
CA GLY B 87 -1.84 -3.16 31.74
C GLY B 87 -3.29 -3.57 31.94
N ILE B 88 -3.73 -4.63 31.24
CA ILE B 88 -5.08 -5.12 31.41
C ILE B 88 -5.25 -5.68 32.82
N GLN B 89 -6.28 -5.21 33.53
CA GLN B 89 -6.52 -5.57 34.92
C GLN B 89 -7.95 -6.03 35.09
N ASN B 90 -8.12 -7.30 35.47
CA ASN B 90 -9.42 -7.87 35.83
C ASN B 90 -10.43 -7.73 34.69
N LEU B 91 -10.07 -8.26 33.54
CA LEU B 91 -10.98 -8.31 32.40
C LEU B 91 -11.84 -9.57 32.48
N SER B 92 -13.15 -9.41 32.33
CA SER B 92 -14.07 -10.54 32.45
C SER B 92 -15.32 -10.25 31.65
N PHE B 93 -15.66 -11.14 30.72
CA PHE B 93 -16.88 -11.01 29.95
C PHE B 93 -17.27 -12.40 29.43
N LYS B 94 -18.51 -12.50 28.94
CA LYS B 94 -19.03 -13.76 28.43
C LYS B 94 -20.01 -13.47 27.31
N VAL B 95 -19.72 -13.97 26.12
CA VAL B 95 -20.56 -13.77 24.95
C VAL B 95 -20.97 -15.12 24.38
N ARG B 96 -22.12 -15.13 23.71
CA ARG B 96 -22.67 -16.33 23.10
C ARG B 96 -22.92 -16.09 21.63
N SER B 97 -23.25 -17.17 20.91
CA SER B 97 -23.54 -17.06 19.49
C SER B 97 -24.82 -16.25 19.28
N GLY B 98 -24.77 -15.32 18.32
CA GLY B 98 -25.88 -14.43 18.04
C GLY B 98 -25.68 -13.02 18.54
N GLN B 99 -24.57 -12.73 19.22
CA GLN B 99 -24.28 -11.40 19.74
C GLN B 99 -23.03 -10.84 19.09
N MET B 100 -23.03 -9.54 18.86
CA MET B 100 -21.90 -8.83 18.26
C MET B 100 -21.26 -7.96 19.32
N LEU B 101 -20.06 -8.34 19.77
CA LEU B 101 -19.34 -7.62 20.81
C LEU B 101 -18.35 -6.66 20.14
N ALA B 102 -18.49 -5.37 20.43
CA ALA B 102 -17.63 -4.33 19.90
C ALA B 102 -16.77 -3.78 21.02
N ILE B 103 -15.45 -3.93 20.90
CA ILE B 103 -14.51 -3.44 21.91
C ILE B 103 -14.07 -2.04 21.50
N ILE B 104 -14.56 -1.03 22.22
CA ILE B 104 -14.22 0.35 21.94
C ILE B 104 -13.23 0.85 22.99
N GLY B 105 -12.54 1.93 22.66
CA GLY B 105 -11.57 2.50 23.58
C GLY B 105 -10.16 1.96 23.36
N SER B 106 -9.39 1.86 24.45
CA SER B 106 -8.02 1.35 24.37
C SER B 106 -8.08 -0.17 24.24
N SER B 107 -8.30 -0.62 23.00
CA SER B 107 -8.40 -2.04 22.68
C SER B 107 -7.05 -2.67 22.36
N GLY B 108 -5.96 -2.07 22.82
CA GLY B 108 -4.64 -2.60 22.55
C GLY B 108 -3.75 -2.50 23.77
N CYS B 109 -2.73 -3.35 23.79
CA CYS B 109 -1.75 -3.42 24.88
C CYS B 109 -0.35 -3.28 24.31
N GLY B 110 -0.16 -2.31 23.42
CA GLY B 110 1.12 -2.10 22.78
C GLY B 110 1.09 -2.44 21.30
N ARG B 111 1.84 -3.45 20.89
CA ARG B 111 1.87 -3.88 19.50
C ARG B 111 0.82 -4.94 19.19
N ALA B 112 0.19 -5.53 20.20
CA ALA B 112 -0.82 -6.55 20.02
C ALA B 112 -2.14 -6.07 20.63
N SER B 113 -3.23 -6.28 19.89
CA SER B 113 -4.55 -5.86 20.35
C SER B 113 -5.10 -6.86 21.35
N LEU B 114 -6.30 -6.57 21.86
CA LEU B 114 -6.92 -7.46 22.85
C LEU B 114 -7.38 -8.76 22.21
N LEU B 115 -7.87 -8.70 20.96
CA LEU B 115 -8.31 -9.91 20.29
C LEU B 115 -7.14 -10.85 19.98
N ASP B 116 -5.94 -10.29 19.81
CA ASP B 116 -4.76 -11.15 19.66
C ASP B 116 -4.43 -11.86 20.96
N VAL B 117 -4.68 -11.21 22.10
CA VAL B 117 -4.46 -11.86 23.39
C VAL B 117 -5.52 -12.93 23.64
N ILE B 118 -6.76 -12.66 23.24
CA ILE B 118 -7.83 -13.64 23.43
C ILE B 118 -7.57 -14.89 22.59
N THR B 119 -7.10 -14.71 21.36
CA THR B 119 -6.82 -15.83 20.48
C THR B 119 -5.54 -16.58 20.86
N GLY B 120 -4.73 -16.04 21.76
CA GLY B 120 -3.49 -16.66 22.17
C GLY B 120 -2.25 -16.12 21.49
N ARG B 121 -2.41 -15.20 20.53
CA ARG B 121 -1.27 -14.61 19.85
C ARG B 121 -0.70 -13.48 20.69
N GLY B 122 0.22 -12.71 20.13
CA GLY B 122 0.80 -11.58 20.83
C GLY B 122 2.28 -11.38 20.54
N HIS B 123 2.67 -10.14 20.26
CA HIS B 123 4.06 -9.81 19.99
C HIS B 123 4.82 -9.43 21.25
N GLY B 124 4.12 -8.85 22.23
CA GLY B 124 4.76 -8.45 23.47
C GLY B 124 4.87 -9.56 24.49
N GLY B 125 4.45 -9.28 25.71
CA GLY B 125 4.55 -10.28 26.77
C GLY B 125 3.60 -11.44 26.56
N LYS B 126 3.79 -12.48 27.37
CA LYS B 126 2.98 -13.68 27.28
C LYS B 126 2.52 -14.20 28.64
N ILE B 127 3.10 -13.73 29.75
CA ILE B 127 2.73 -14.21 31.07
C ILE B 127 1.28 -13.81 31.35
N LYS B 128 0.42 -14.82 31.47
CA LYS B 128 -1.00 -14.61 31.75
C LYS B 128 -1.29 -14.82 33.24
N SER B 129 -2.47 -14.37 33.66
CA SER B 129 -2.90 -14.55 35.03
C SER B 129 -4.36 -14.95 35.16
N GLY B 130 -5.02 -15.31 34.07
CA GLY B 130 -6.42 -15.70 34.12
C GLY B 130 -6.74 -16.93 33.29
N GLN B 131 -8.02 -17.11 32.97
CA GLN B 131 -8.47 -18.26 32.20
C GLN B 131 -9.32 -17.78 31.03
N ILE B 132 -9.25 -18.54 29.93
CA ILE B 132 -10.03 -18.28 28.73
C ILE B 132 -10.74 -19.56 28.35
N TRP B 133 -12.07 -19.51 28.27
CA TRP B 133 -12.89 -20.68 27.98
C TRP B 133 -13.57 -20.49 26.63
N ILE B 134 -13.25 -21.37 25.68
CA ILE B 134 -13.86 -21.37 24.35
C ILE B 134 -14.70 -22.63 24.22
N ASN B 135 -16.01 -22.44 24.06
CA ASN B 135 -16.97 -23.54 23.91
C ASN B 135 -16.92 -24.51 25.10
N GLY B 136 -16.63 -23.97 26.29
CA GLY B 136 -16.54 -24.79 27.48
C GLY B 136 -15.23 -25.50 27.68
N GLN B 137 -14.19 -25.17 26.90
CA GLN B 137 -12.89 -25.81 27.00
C GLN B 137 -11.82 -24.76 27.22
N PRO B 138 -10.72 -25.12 27.91
CA PRO B 138 -9.65 -24.14 28.13
C PRO B 138 -8.99 -23.73 26.82
N SER B 139 -8.38 -22.55 26.83
CA SER B 139 -7.76 -22.01 25.63
C SER B 139 -6.53 -22.83 25.25
N SER B 140 -6.33 -23.00 23.94
CA SER B 140 -5.21 -23.76 23.40
C SER B 140 -5.04 -23.38 21.94
N PRO B 141 -3.81 -23.43 21.42
CA PRO B 141 -3.62 -23.08 19.99
C PRO B 141 -4.43 -23.95 19.06
N GLN B 142 -4.56 -25.24 19.36
CA GLN B 142 -5.35 -26.13 18.51
C GLN B 142 -6.81 -25.71 18.49
N LEU B 143 -7.37 -25.35 19.65
CA LEU B 143 -8.78 -24.98 19.71
C LEU B 143 -9.04 -23.68 18.97
N VAL B 144 -8.15 -22.70 19.13
CA VAL B 144 -8.35 -21.41 18.46
C VAL B 144 -8.09 -21.55 16.96
N ARG B 145 -7.27 -22.52 16.56
CA ARG B 145 -7.07 -22.77 15.14
C ARG B 145 -8.24 -23.52 14.53
N LYS B 146 -8.90 -24.36 15.31
CA LYS B 146 -10.01 -25.16 14.80
C LYS B 146 -11.34 -24.43 14.79
N CYS B 147 -11.61 -23.57 15.79
CA CYS B 147 -12.90 -22.94 15.93
C CYS B 147 -12.90 -21.43 15.70
N VAL B 148 -11.83 -20.74 16.09
CA VAL B 148 -11.78 -19.28 16.05
C VAL B 148 -11.18 -18.84 14.73
N ALA B 149 -11.82 -17.87 14.08
CA ALA B 149 -11.33 -17.27 12.85
C ALA B 149 -10.89 -15.84 13.13
N HIS B 150 -9.80 -15.42 12.49
CA HIS B 150 -9.21 -14.11 12.72
C HIS B 150 -9.10 -13.37 11.40
N VAL B 151 -9.59 -12.13 11.37
CA VAL B 151 -9.50 -11.25 10.21
C VAL B 151 -8.63 -10.08 10.61
N ARG B 152 -7.39 -10.05 10.11
CA ARG B 152 -6.46 -9.00 10.47
C ARG B 152 -6.86 -7.68 9.82
N GLN B 153 -6.18 -6.61 10.24
CA GLN B 153 -6.48 -5.29 9.69
C GLN B 153 -5.91 -5.12 8.29
N HIS B 154 -4.72 -5.66 8.05
CA HIS B 154 -4.09 -5.60 6.74
C HIS B 154 -4.46 -6.86 5.96
N ASN B 155 -5.04 -6.66 4.77
CA ASN B 155 -5.50 -7.78 3.96
C ASN B 155 -4.32 -8.47 3.28
N GLN B 156 -4.52 -9.75 2.95
CA GLN B 156 -3.52 -10.57 2.27
C GLN B 156 -4.20 -11.22 1.06
N LEU B 157 -4.21 -10.50 -0.05
CA LEU B 157 -4.86 -10.95 -1.28
C LEU B 157 -3.95 -10.71 -2.46
N LEU B 158 -3.93 -11.67 -3.38
CA LEU B 158 -3.11 -11.54 -4.58
C LEU B 158 -3.80 -10.60 -5.57
N PRO B 159 -3.09 -9.59 -6.09
CA PRO B 159 -3.75 -8.62 -6.98
C PRO B 159 -4.13 -9.19 -8.34
N ASN B 160 -3.40 -10.18 -8.83
CA ASN B 160 -3.63 -10.71 -10.17
C ASN B 160 -4.73 -11.76 -10.23
N LEU B 161 -5.45 -11.99 -9.14
CA LEU B 161 -6.50 -12.99 -9.09
C LEU B 161 -7.86 -12.33 -8.91
N THR B 162 -8.88 -12.97 -9.47
CA THR B 162 -10.25 -12.51 -9.29
C THR B 162 -10.80 -13.01 -7.95
N VAL B 163 -12.00 -12.54 -7.62
CA VAL B 163 -12.63 -12.93 -6.36
C VAL B 163 -12.97 -14.42 -6.38
N ARG B 164 -13.59 -14.88 -7.47
CA ARG B 164 -14.00 -16.27 -7.55
C ARG B 164 -12.80 -17.22 -7.51
N GLU B 165 -11.71 -16.85 -8.18
CA GLU B 165 -10.54 -17.73 -8.23
C GLU B 165 -9.92 -17.88 -6.85
N THR B 166 -9.68 -16.78 -6.14
CA THR B 166 -9.07 -16.88 -4.82
C THR B 166 -10.02 -17.54 -3.82
N LEU B 167 -11.33 -17.31 -3.96
CA LEU B 167 -12.28 -17.97 -3.08
C LEU B 167 -12.28 -19.48 -3.32
N ALA B 168 -12.23 -19.92 -4.58
CA ALA B 168 -12.16 -21.34 -4.86
C ALA B 168 -10.87 -21.94 -4.35
N PHE B 169 -9.76 -21.21 -4.46
CA PHE B 169 -8.48 -21.70 -3.95
C PHE B 169 -8.52 -21.87 -2.44
N ILE B 170 -9.05 -20.87 -1.73
CA ILE B 170 -9.14 -20.96 -0.28
C ILE B 170 -10.08 -22.08 0.14
N ALA B 171 -11.18 -22.28 -0.62
CA ALA B 171 -12.10 -23.35 -0.29
C ALA B 171 -11.48 -24.72 -0.54
N GLN B 172 -10.66 -24.85 -1.59
CA GLN B 172 -9.99 -26.11 -1.85
C GLN B 172 -8.91 -26.39 -0.81
N MET B 173 -8.25 -25.34 -0.30
CA MET B 173 -7.25 -25.53 0.75
C MET B 173 -7.86 -25.66 2.14
N ARG B 174 -9.14 -25.32 2.30
CA ARG B 174 -9.81 -25.38 3.60
C ARG B 174 -10.70 -26.59 3.75
N LEU B 175 -11.57 -26.85 2.77
CA LEU B 175 -12.50 -27.97 2.87
C LEU B 175 -11.75 -29.30 2.77
N PRO B 176 -12.23 -30.34 3.44
CA PRO B 176 -11.55 -31.63 3.40
C PRO B 176 -11.66 -32.27 2.02
N ARG B 177 -10.89 -33.34 1.83
CA ARG B 177 -10.88 -34.06 0.57
C ARG B 177 -12.16 -34.82 0.31
N THR B 178 -13.03 -34.98 1.31
CA THR B 178 -14.28 -35.70 1.13
C THR B 178 -15.31 -34.90 0.34
N PHE B 179 -15.23 -33.57 0.36
CA PHE B 179 -16.17 -32.73 -0.36
C PHE B 179 -15.83 -32.76 -1.86
N SER B 180 -16.84 -33.05 -2.67
CA SER B 180 -16.67 -33.05 -4.11
C SER B 180 -16.56 -31.64 -4.65
N GLN B 181 -16.26 -31.53 -5.95
CA GLN B 181 -16.13 -30.22 -6.58
C GLN B 181 -17.45 -29.46 -6.55
N ALA B 182 -18.58 -30.15 -6.70
CA ALA B 182 -19.88 -29.48 -6.67
C ALA B 182 -20.13 -28.85 -5.30
N GLN B 183 -19.75 -29.55 -4.22
CA GLN B 183 -19.95 -29.00 -2.90
C GLN B 183 -19.07 -27.77 -2.67
N ARG B 184 -17.83 -27.80 -3.17
CA ARG B 184 -16.97 -26.63 -3.04
C ARG B 184 -17.51 -25.45 -3.83
N ASP B 185 -18.02 -25.70 -5.04
CA ASP B 185 -18.63 -24.63 -5.81
C ASP B 185 -19.86 -24.06 -5.13
N LYS B 186 -20.68 -24.93 -4.53
CA LYS B 186 -21.86 -24.46 -3.80
C LYS B 186 -21.46 -23.62 -2.59
N ARG B 187 -20.42 -24.05 -1.87
CA ARG B 187 -19.94 -23.27 -0.73
C ARG B 187 -19.42 -21.91 -1.17
N VAL B 188 -18.67 -21.87 -2.28
CA VAL B 188 -18.16 -20.60 -2.79
C VAL B 188 -19.31 -19.69 -3.19
N GLU B 189 -20.32 -20.23 -3.86
CA GLU B 189 -21.47 -19.43 -4.27
C GLU B 189 -22.24 -18.91 -3.06
N ASP B 190 -22.37 -19.73 -2.02
CA ASP B 190 -23.06 -19.28 -0.81
C ASP B 190 -22.27 -18.18 -0.11
N VAL B 191 -20.94 -18.30 -0.06
CA VAL B 191 -20.12 -17.26 0.54
C VAL B 191 -20.22 -15.97 -0.26
N ILE B 192 -20.27 -16.08 -1.59
CA ILE B 192 -20.39 -14.89 -2.43
C ILE B 192 -21.74 -14.22 -2.22
N ALA B 193 -22.81 -15.01 -2.17
CA ALA B 193 -24.15 -14.44 -2.02
C ALA B 193 -24.39 -13.88 -0.62
N GLU B 194 -23.72 -14.44 0.39
CA GLU B 194 -23.93 -13.97 1.76
C GLU B 194 -23.38 -12.57 1.95
N LEU B 195 -22.23 -12.26 1.34
CA LEU B 195 -21.59 -10.96 1.47
C LEU B 195 -21.92 -10.02 0.33
N ARG B 196 -22.86 -10.39 -0.55
CA ARG B 196 -23.31 -9.55 -1.64
C ARG B 196 -22.15 -9.17 -2.57
N LEU B 197 -21.36 -10.17 -2.95
CA LEU B 197 -20.24 -10.00 -3.85
C LEU B 197 -20.50 -10.61 -5.22
N ARG B 198 -21.77 -10.59 -5.66
CA ARG B 198 -22.11 -11.20 -6.95
C ARG B 198 -21.86 -10.26 -8.11
N GLN B 199 -21.92 -8.94 -7.89
CA GLN B 199 -21.66 -7.98 -8.94
C GLN B 199 -20.17 -7.73 -9.16
N CYS B 200 -19.30 -8.36 -8.38
CA CYS B 200 -17.86 -8.19 -8.53
C CYS B 200 -17.13 -9.52 -8.41
N ALA B 201 -17.82 -10.63 -8.67
CA ALA B 201 -17.21 -11.94 -8.55
C ALA B 201 -16.22 -12.23 -9.67
N ASP B 202 -16.30 -11.49 -10.79
CA ASP B 202 -15.39 -11.68 -11.91
C ASP B 202 -14.31 -10.62 -12.00
N THR B 203 -14.45 -9.50 -11.31
CA THR B 203 -13.44 -8.46 -11.33
C THR B 203 -12.27 -8.82 -10.43
N ARG B 204 -11.08 -8.35 -10.80
CA ARG B 204 -9.89 -8.63 -10.01
C ARG B 204 -9.94 -7.89 -8.67
N VAL B 205 -9.20 -8.41 -7.70
CA VAL B 205 -9.17 -7.86 -6.36
C VAL B 205 -7.87 -7.05 -6.14
N GLY B 206 -7.29 -6.53 -7.22
CA GLY B 206 -6.03 -5.81 -7.18
C GLY B 206 -5.92 -4.73 -6.11
N ASN B 207 -4.72 -4.63 -5.52
CA ASN B 207 -4.44 -3.64 -4.49
C ASN B 207 -4.16 -2.29 -5.13
N MET B 208 -3.59 -1.37 -4.35
CA MET B 208 -3.24 -0.05 -4.86
C MET B 208 -2.30 -0.15 -6.05
N TYR B 209 -2.27 0.93 -6.85
CA TYR B 209 -1.53 1.01 -8.10
C TYR B 209 -2.10 0.04 -9.14
N VAL B 210 -3.19 -0.64 -8.80
CA VAL B 210 -3.90 -1.52 -9.70
C VAL B 210 -5.38 -1.16 -9.61
N ARG B 211 -6.11 -1.35 -10.72
CA ARG B 211 -7.53 -1.03 -10.75
C ARG B 211 -8.29 -1.82 -9.70
N GLY B 212 -8.33 -3.14 -9.85
CA GLY B 212 -8.96 -4.01 -8.87
C GLY B 212 -10.38 -3.60 -8.57
N LEU B 213 -10.69 -3.48 -7.28
CA LEU B 213 -12.01 -3.05 -6.83
C LEU B 213 -11.89 -2.11 -5.63
N SER B 214 -13.02 -1.80 -4.99
CA SER B 214 -13.03 -0.85 -3.90
C SER B 214 -12.46 -1.47 -2.63
N GLY B 215 -12.27 -0.65 -1.60
CA GLY B 215 -11.73 -1.11 -0.34
C GLY B 215 -12.72 -1.94 0.46
N GLY B 216 -13.99 -1.52 0.45
CA GLY B 216 -15.02 -2.29 1.12
C GLY B 216 -15.19 -3.67 0.50
N GLU B 217 -15.10 -3.75 -0.83
CA GLU B 217 -15.16 -5.05 -1.48
C GLU B 217 -13.94 -5.90 -1.16
N ARG B 218 -12.77 -5.27 -0.97
CA ARG B 218 -11.60 -6.02 -0.55
C ARG B 218 -11.78 -6.58 0.86
N ARG B 219 -12.35 -5.77 1.76
CA ARG B 219 -12.62 -6.27 3.11
C ARG B 219 -13.64 -7.40 3.08
N ARG B 220 -14.66 -7.29 2.22
CA ARG B 220 -15.64 -8.36 2.10
C ARG B 220 -15.00 -9.63 1.54
N VAL B 221 -14.08 -9.50 0.59
CA VAL B 221 -13.39 -10.66 0.06
C VAL B 221 -12.54 -11.31 1.13
N SER B 222 -11.87 -10.50 1.97
CA SER B 222 -11.09 -11.06 3.06
C SER B 222 -11.98 -11.78 4.07
N ILE B 223 -13.13 -11.20 4.38
CA ILE B 223 -14.07 -11.84 5.31
C ILE B 223 -14.57 -13.16 4.73
N GLY B 224 -14.83 -13.19 3.42
CA GLY B 224 -15.27 -14.43 2.79
C GLY B 224 -14.17 -15.49 2.78
N VAL B 225 -12.92 -15.06 2.56
CA VAL B 225 -11.80 -15.99 2.62
C VAL B 225 -11.68 -16.59 4.02
N GLN B 226 -11.81 -15.75 5.05
CA GLN B 226 -11.75 -16.24 6.42
C GLN B 226 -13.03 -16.93 6.87
N LEU B 227 -14.09 -16.90 6.06
CA LEU B 227 -15.37 -17.48 6.41
C LEU B 227 -15.76 -18.67 5.54
N LEU B 228 -14.87 -19.13 4.67
CA LEU B 228 -15.23 -20.21 3.75
C LEU B 228 -15.41 -21.54 4.48
N TRP B 229 -14.56 -21.82 5.47
CA TRP B 229 -14.64 -23.06 6.21
C TRP B 229 -15.73 -23.05 7.29
N ASN B 230 -16.63 -22.08 7.26
CA ASN B 230 -17.77 -21.97 8.17
C ASN B 230 -17.32 -21.96 9.62
N PRO B 231 -16.68 -20.88 10.08
CA PRO B 231 -16.24 -20.82 11.47
C PRO B 231 -17.40 -20.53 12.43
N GLY B 232 -17.20 -20.89 13.68
CA GLY B 232 -18.19 -20.64 14.71
C GLY B 232 -18.01 -19.30 15.39
N ILE B 233 -16.77 -18.85 15.49
CA ILE B 233 -16.43 -17.57 16.10
C ILE B 233 -15.63 -16.75 15.11
N LEU B 234 -16.08 -15.52 14.86
CA LEU B 234 -15.42 -14.62 13.94
C LEU B 234 -14.79 -13.47 14.72
N ILE B 235 -13.58 -13.07 14.33
CA ILE B 235 -12.82 -12.03 15.02
C ILE B 235 -12.19 -11.14 13.97
N LEU B 236 -12.47 -9.84 14.03
CA LEU B 236 -11.95 -8.86 13.10
C LEU B 236 -11.26 -7.74 13.87
N ASP B 237 -10.12 -7.30 13.37
CA ASP B 237 -9.36 -6.19 13.97
C ASP B 237 -9.48 -4.98 13.07
N GLU B 238 -10.23 -3.98 13.51
CA GLU B 238 -10.45 -2.73 12.78
C GLU B 238 -10.95 -3.01 11.37
N PRO B 239 -12.19 -3.46 11.20
CA PRO B 239 -12.69 -3.76 9.85
C PRO B 239 -13.00 -2.51 9.04
N THR B 240 -13.37 -1.43 9.72
CA THR B 240 -13.75 -0.18 9.08
C THR B 240 -12.61 0.85 9.09
N SER B 241 -11.37 0.39 8.97
CA SER B 241 -10.21 1.27 8.96
C SER B 241 -9.89 1.67 7.53
N GLY B 242 -9.95 2.97 7.26
CA GLY B 242 -9.63 3.47 5.93
C GLY B 242 -10.76 3.36 4.92
N LEU B 243 -12.00 3.18 5.37
CA LEU B 243 -13.15 3.07 4.50
C LEU B 243 -14.03 4.30 4.62
N ASP B 244 -14.90 4.47 3.63
CA ASP B 244 -15.84 5.59 3.64
C ASP B 244 -16.89 5.40 4.73
N SER B 245 -17.62 6.48 5.02
CA SER B 245 -18.65 6.43 6.04
C SER B 245 -19.77 5.46 5.65
N PHE B 246 -20.29 5.60 4.42
CA PHE B 246 -21.32 4.69 3.96
C PHE B 246 -20.78 3.27 3.82
N THR B 247 -19.53 3.14 3.37
CA THR B 247 -18.92 1.82 3.26
C THR B 247 -18.76 1.18 4.64
N ALA B 248 -18.33 1.96 5.63
CA ALA B 248 -18.20 1.44 6.98
C ALA B 248 -19.57 1.05 7.55
N HIS B 249 -20.60 1.85 7.27
CA HIS B 249 -21.94 1.50 7.74
C HIS B 249 -22.42 0.20 7.12
N ASN B 250 -22.20 0.03 5.81
CA ASN B 250 -22.60 -1.20 5.14
C ASN B 250 -21.82 -2.40 5.67
N LEU B 251 -20.53 -2.21 5.95
CA LEU B 251 -19.73 -3.31 6.50
C LEU B 251 -20.19 -3.69 7.90
N VAL B 252 -20.54 -2.69 8.72
CA VAL B 252 -21.06 -2.98 10.05
C VAL B 252 -22.39 -3.70 9.97
N LYS B 253 -23.25 -3.30 9.02
CA LYS B 253 -24.52 -4.01 8.84
C LYS B 253 -24.29 -5.44 8.39
N THR B 254 -23.32 -5.66 7.50
CA THR B 254 -23.02 -7.01 7.05
C THR B 254 -22.48 -7.87 8.20
N LEU B 255 -21.62 -7.29 9.04
CA LEU B 255 -21.10 -8.02 10.19
C LEU B 255 -22.20 -8.34 11.19
N SER B 256 -23.15 -7.42 11.37
CA SER B 256 -24.29 -7.69 12.25
C SER B 256 -25.16 -8.81 11.69
N ARG B 257 -25.38 -8.81 10.37
CA ARG B 257 -26.15 -9.88 9.75
C ARG B 257 -25.44 -11.22 9.88
N LEU B 258 -24.11 -11.21 9.76
CA LEU B 258 -23.35 -12.44 9.95
C LEU B 258 -23.45 -12.93 11.39
N ALA B 259 -23.38 -12.02 12.35
CA ALA B 259 -23.51 -12.42 13.76
C ALA B 259 -24.92 -12.91 14.08
N LYS B 260 -25.92 -12.40 13.36
CA LYS B 260 -27.30 -12.84 13.59
C LYS B 260 -27.53 -14.28 13.16
N GLY B 261 -26.71 -14.80 12.24
CA GLY B 261 -26.88 -16.15 11.75
C GLY B 261 -26.22 -17.20 12.63
N ASN B 262 -26.52 -17.16 13.93
CA ASN B 262 -26.00 -18.13 14.90
C ASN B 262 -24.48 -18.15 14.91
N ARG B 263 -23.88 -16.97 14.99
CA ARG B 263 -22.43 -16.83 15.02
C ARG B 263 -22.04 -15.83 16.10
N LEU B 264 -20.74 -15.83 16.43
CA LEU B 264 -20.18 -14.94 17.43
C LEU B 264 -19.10 -14.09 16.76
N VAL B 265 -19.38 -12.80 16.60
CA VAL B 265 -18.50 -11.87 15.92
C VAL B 265 -17.98 -10.85 16.92
N LEU B 266 -16.67 -10.69 16.99
CA LEU B 266 -16.02 -9.70 17.85
C LEU B 266 -15.32 -8.65 17.00
N ILE B 267 -15.54 -7.39 17.35
CA ILE B 267 -15.02 -6.27 16.58
C ILE B 267 -14.26 -5.33 17.50
N SER B 268 -13.07 -4.92 17.08
CA SER B 268 -12.29 -3.91 17.78
C SER B 268 -12.33 -2.61 16.98
N LEU B 269 -12.73 -1.52 17.64
CA LEU B 269 -12.80 -0.22 16.99
C LEU B 269 -12.29 0.83 17.96
N HIS B 270 -11.29 1.61 17.52
CA HIS B 270 -10.69 2.61 18.38
C HIS B 270 -11.62 3.80 18.57
N GLN B 271 -11.99 4.47 17.47
CA GLN B 271 -12.86 5.64 17.50
C GLN B 271 -14.06 5.36 16.59
N PRO B 272 -15.11 4.71 17.10
CA PRO B 272 -16.28 4.44 16.26
C PRO B 272 -17.14 5.68 16.11
N ARG B 273 -17.74 5.82 14.93
CA ARG B 273 -18.60 6.96 14.65
C ARG B 273 -19.96 6.77 15.34
N SER B 274 -20.82 7.78 15.18
CA SER B 274 -22.14 7.71 15.80
C SER B 274 -23.03 6.67 15.14
N ASP B 275 -23.07 6.65 13.81
CA ASP B 275 -23.87 5.66 13.10
C ASP B 275 -23.34 4.25 13.30
N ILE B 276 -22.03 4.10 13.51
CA ILE B 276 -21.46 2.78 13.78
C ILE B 276 -21.78 2.35 15.21
N PHE B 277 -21.69 3.28 16.16
CA PHE B 277 -22.01 2.95 17.54
C PHE B 277 -23.49 2.67 17.74
N ARG B 278 -24.35 3.25 16.90
CA ARG B 278 -25.78 3.02 17.01
C ARG B 278 -26.18 1.60 16.61
N LEU B 279 -25.36 0.93 15.79
CA LEU B 279 -25.66 -0.42 15.33
C LEU B 279 -25.02 -1.50 16.19
N PHE B 280 -24.37 -1.13 17.30
CA PHE B 280 -23.70 -2.12 18.13
C PHE B 280 -24.71 -2.90 18.96
N ASP B 281 -24.50 -4.22 19.03
CA ASP B 281 -25.34 -5.06 19.87
C ASP B 281 -24.82 -5.08 21.30
N LEU B 282 -23.56 -5.46 21.48
CA LEU B 282 -22.90 -5.42 22.78
C LEU B 282 -21.60 -4.62 22.64
N VAL B 283 -21.28 -3.84 23.66
CA VAL B 283 -20.11 -2.97 23.65
C VAL B 283 -19.30 -3.22 24.92
N LEU B 284 -17.98 -3.03 24.81
CA LEU B 284 -17.07 -3.19 25.94
C LEU B 284 -16.11 -2.01 25.91
N LEU B 285 -16.24 -1.12 26.90
CA LEU B 285 -15.40 0.07 26.99
C LEU B 285 -14.12 -0.27 27.74
N MET B 286 -12.98 -0.10 27.07
CA MET B 286 -11.68 -0.40 27.64
C MET B 286 -10.82 0.86 27.64
N THR B 287 -10.39 1.27 28.83
CA THR B 287 -9.55 2.46 28.99
C THR B 287 -8.31 2.07 29.77
N SER B 288 -7.16 2.11 29.10
CA SER B 288 -5.87 1.76 29.71
C SER B 288 -5.88 0.34 30.27
N GLY B 289 -6.52 -0.57 29.55
CA GLY B 289 -6.56 -1.97 29.92
C GLY B 289 -7.66 -2.36 30.87
N THR B 290 -8.27 -1.42 31.60
CA THR B 290 -9.31 -1.87 32.50
C THR B 290 -10.69 -1.62 31.90
N PRO B 291 -11.63 -2.54 32.12
CA PRO B 291 -12.98 -2.35 31.57
C PRO B 291 -13.79 -1.38 32.40
N ILE B 292 -14.59 -0.56 31.70
CA ILE B 292 -15.45 0.42 32.34
C ILE B 292 -16.92 0.04 32.24
N TYR B 293 -17.35 -0.42 31.06
CA TYR B 293 -18.75 -0.79 30.85
C TYR B 293 -18.81 -2.01 29.94
N LEU B 294 -19.81 -2.86 30.19
CA LEU B 294 -20.00 -4.07 29.39
C LEU B 294 -21.50 -4.34 29.32
N GLY B 295 -22.07 -4.26 28.13
CA GLY B 295 -23.49 -4.50 27.96
C GLY B 295 -23.98 -3.91 26.64
N ALA B 296 -25.26 -3.58 26.62
CA ALA B 296 -25.87 -3.01 25.43
C ALA B 296 -25.34 -1.60 25.16
N ALA B 297 -25.23 -1.24 23.89
CA ALA B 297 -24.73 0.07 23.52
C ALA B 297 -25.75 1.17 23.81
N GLN B 298 -27.04 0.88 23.58
CA GLN B 298 -28.07 1.88 23.83
C GLN B 298 -28.27 2.17 25.31
N HIS B 299 -27.88 1.25 26.18
CA HIS B 299 -28.04 1.40 27.62
C HIS B 299 -26.80 1.99 28.29
N MET B 300 -25.73 2.24 27.54
CA MET B 300 -24.52 2.81 28.12
C MET B 300 -24.78 4.20 28.67
N VAL B 301 -25.53 5.01 27.93
CA VAL B 301 -25.83 6.37 28.37
C VAL B 301 -26.66 6.34 29.65
N GLN B 302 -27.67 5.46 29.69
CA GLN B 302 -28.51 5.34 30.88
C GLN B 302 -27.74 4.80 32.07
N TYR B 303 -26.77 3.93 31.85
CA TYR B 303 -25.94 3.44 32.95
C TYR B 303 -25.04 4.53 33.49
N PHE B 304 -24.39 5.28 32.60
CA PHE B 304 -23.51 6.36 33.04
C PHE B 304 -24.29 7.46 33.73
N THR B 305 -25.52 7.73 33.28
CA THR B 305 -26.37 8.69 33.97
C THR B 305 -26.83 8.17 35.32
N ALA B 306 -27.06 6.86 35.43
CA ALA B 306 -27.46 6.26 36.71
C ALA B 306 -26.31 6.20 37.70
N ILE B 307 -25.07 6.19 37.23
CA ILE B 307 -23.91 6.19 38.11
C ILE B 307 -23.37 7.61 38.31
N GLY B 308 -24.07 8.61 37.80
CA GLY B 308 -23.69 10.00 38.02
C GLY B 308 -22.74 10.58 36.99
N TYR B 309 -22.96 10.28 35.71
CA TYR B 309 -22.14 10.82 34.63
C TYR B 309 -23.02 10.98 33.40
N PRO B 310 -23.79 12.07 33.33
CA PRO B 310 -24.69 12.26 32.19
C PRO B 310 -23.94 12.67 30.93
N CYS B 311 -24.49 12.26 29.78
CA CYS B 311 -23.91 12.60 28.50
C CYS B 311 -24.52 13.90 27.98
N PRO B 312 -23.73 14.89 27.58
CA PRO B 312 -24.30 16.15 27.11
C PRO B 312 -24.97 16.00 25.75
N ARG B 313 -25.94 16.85 25.50
CA ARG B 313 -26.65 16.86 24.22
C ARG B 313 -25.70 17.25 23.09
N TYR B 314 -25.88 16.63 21.93
CA TYR B 314 -25.06 16.87 20.75
C TYR B 314 -23.60 16.49 21.02
N SER B 315 -23.40 15.27 21.51
CA SER B 315 -22.07 14.76 21.81
C SER B 315 -22.09 13.25 21.70
N ASN B 316 -21.15 12.69 20.96
CA ASN B 316 -21.10 11.24 20.78
C ASN B 316 -20.82 10.56 22.12
N PRO B 317 -21.55 9.51 22.47
CA PRO B 317 -21.32 8.87 23.78
C PRO B 317 -19.97 8.17 23.89
N ALA B 318 -19.54 7.48 22.83
CA ALA B 318 -18.28 6.74 22.88
C ALA B 318 -17.10 7.68 23.10
N ASP B 319 -17.00 8.74 22.30
CA ASP B 319 -15.88 9.67 22.44
C ASP B 319 -15.91 10.37 23.78
N PHE B 320 -17.11 10.74 24.26
CA PHE B 320 -17.23 11.42 25.55
C PHE B 320 -16.78 10.51 26.69
N TYR B 321 -17.24 9.26 26.69
CA TYR B 321 -16.85 8.34 27.76
C TYR B 321 -15.41 7.85 27.61
N VAL B 322 -14.81 8.04 26.43
CA VAL B 322 -13.40 7.69 26.27
C VAL B 322 -12.50 8.82 26.78
N ASP B 323 -12.80 10.05 26.38
CA ASP B 323 -11.98 11.19 26.81
C ASP B 323 -12.34 11.69 28.21
N LEU B 324 -13.41 11.17 28.81
CA LEU B 324 -13.70 11.54 30.19
C LEU B 324 -12.77 10.83 31.17
N THR B 325 -12.45 9.56 30.89
CA THR B 325 -11.55 8.78 31.74
C THR B 325 -10.21 8.51 31.06
N SER B 326 -9.83 9.32 30.08
CA SER B 326 -8.57 9.12 29.39
C SER B 326 -7.41 9.49 30.30
N ILE B 327 -6.36 8.67 30.27
CA ILE B 327 -5.18 8.89 31.09
C ILE B 327 -4.38 10.03 30.49
N ASP B 328 -4.00 11.00 31.32
CA ASP B 328 -3.23 12.16 30.87
C ASP B 328 -1.75 11.79 30.75
N GLU B 333 1.54 14.89 37.92
CA GLU B 333 0.60 15.02 39.02
C GLU B 333 -0.81 14.75 38.52
N GLN B 334 -1.06 15.07 37.24
CA GLN B 334 -2.36 14.85 36.65
C GLN B 334 -2.61 13.38 36.30
N GLU B 335 -1.55 12.60 36.08
CA GLU B 335 -1.73 11.19 35.72
C GLU B 335 -2.33 10.40 36.87
N LEU B 336 -1.95 10.71 38.11
CA LEU B 336 -2.50 9.98 39.25
C LEU B 336 -3.92 10.45 39.56
N ALA B 337 -4.25 11.68 39.19
CA ALA B 337 -5.59 12.19 39.44
C ALA B 337 -6.61 11.56 38.49
N THR B 338 -6.21 11.33 37.24
CA THR B 338 -7.11 10.70 36.28
C THR B 338 -7.09 9.18 36.37
N ARG B 339 -6.10 8.60 37.03
CA ARG B 339 -6.05 7.14 37.18
C ARG B 339 -7.06 6.64 38.20
N GLU B 340 -7.21 7.35 39.32
CA GLU B 340 -8.18 6.94 40.33
C GLU B 340 -9.61 7.10 39.82
N LYS B 341 -9.84 8.02 38.89
CA LYS B 341 -11.17 8.18 38.31
C LYS B 341 -11.55 6.96 37.48
N ALA B 342 -10.62 6.45 36.67
CA ALA B 342 -10.88 5.23 35.91
C ALA B 342 -10.97 4.02 36.83
N GLN B 343 -10.18 4.02 37.91
CA GLN B 343 -10.24 2.92 38.87
C GLN B 343 -11.55 2.93 39.65
N SER B 344 -12.08 4.13 39.93
CA SER B 344 -13.36 4.21 40.64
C SER B 344 -14.50 3.67 39.79
N LEU B 345 -14.48 3.97 38.48
CA LEU B 345 -15.52 3.44 37.60
C LEU B 345 -15.32 1.96 37.34
N ALA B 346 -14.08 1.47 37.37
CA ALA B 346 -13.84 0.04 37.19
C ALA B 346 -14.35 -0.75 38.37
N ALA B 347 -14.13 -0.24 39.59
CA ALA B 347 -14.63 -0.93 40.77
C ALA B 347 -16.14 -0.78 40.91
N LEU B 348 -16.70 0.34 40.44
CA LEU B 348 -18.14 0.54 40.49
C LEU B 348 -18.86 -0.42 39.54
N PHE B 349 -18.24 -0.71 38.39
CA PHE B 349 -18.85 -1.66 37.45
C PHE B 349 -18.84 -3.07 38.00
N LEU B 350 -17.80 -3.43 38.76
CA LEU B 350 -17.70 -4.79 39.27
C LEU B 350 -18.72 -5.07 40.37
N GLU B 351 -19.05 -4.07 41.19
CA GLU B 351 -19.95 -4.29 42.30
C GLU B 351 -21.40 -4.41 41.85
N LYS B 352 -21.74 -3.82 40.70
CA LYS B 352 -23.10 -3.86 40.17
C LYS B 352 -23.36 -5.10 39.33
N VAL B 353 -22.33 -5.86 38.98
CA VAL B 353 -22.49 -7.08 38.19
C VAL B 353 -22.26 -8.30 39.05
N MET B 392 -6.37 -34.10 5.34
CA MET B 392 -7.46 -33.33 4.74
C MET B 392 -7.00 -31.91 4.42
N PRO B 393 -6.84 -31.60 3.12
CA PRO B 393 -7.05 -32.53 2.01
C PRO B 393 -5.82 -33.40 1.72
N GLY B 394 -4.65 -32.93 2.11
CA GLY B 394 -3.42 -33.67 1.87
C GLY B 394 -2.27 -32.78 1.44
N ALA B 395 -1.06 -33.35 1.38
CA ALA B 395 0.10 -32.57 0.99
C ALA B 395 0.15 -32.33 -0.52
N VAL B 396 -0.17 -33.35 -1.31
CA VAL B 396 -0.12 -33.21 -2.76
C VAL B 396 -1.16 -32.23 -3.25
N GLN B 397 -2.38 -32.29 -2.70
CA GLN B 397 -3.42 -31.37 -3.11
C GLN B 397 -3.08 -29.93 -2.73
N GLN B 398 -2.53 -29.73 -1.53
CA GLN B 398 -2.12 -28.39 -1.12
C GLN B 398 -1.00 -27.87 -2.02
N PHE B 399 -0.04 -28.73 -2.35
CA PHE B 399 1.05 -28.31 -3.24
C PHE B 399 0.52 -27.93 -4.62
N THR B 400 -0.41 -28.72 -5.15
CA THR B 400 -0.98 -28.43 -6.46
C THR B 400 -1.74 -27.11 -6.43
N THR B 401 -2.56 -26.89 -5.39
CA THR B 401 -3.30 -25.64 -5.29
C THR B 401 -2.36 -24.44 -5.17
N LEU B 402 -1.30 -24.58 -4.37
CA LEU B 402 -0.36 -23.49 -4.19
C LEU B 402 0.37 -23.17 -5.48
N ILE B 403 0.84 -24.18 -6.20
CA ILE B 403 1.57 -23.92 -7.43
C ILE B 403 0.65 -23.35 -8.51
N ARG B 404 -0.61 -23.79 -8.53
CA ARG B 404 -1.56 -23.24 -9.49
C ARG B 404 -1.86 -21.78 -9.18
N ARG B 405 -2.05 -21.46 -7.90
CA ARG B 405 -2.29 -20.07 -7.51
C ARG B 405 -1.09 -19.20 -7.85
N GLN B 406 0.12 -19.69 -7.58
CA GLN B 406 1.32 -18.92 -7.87
C GLN B 406 1.48 -18.69 -9.37
N ILE B 407 1.21 -19.73 -10.18
CA ILE B 407 1.31 -19.58 -11.63
C ILE B 407 0.28 -18.59 -12.13
N SER B 408 -0.95 -18.67 -11.64
CA SER B 408 -1.99 -17.75 -12.07
C SER B 408 -1.69 -16.32 -11.66
N ASN B 409 -1.04 -16.14 -10.51
CA ASN B 409 -0.69 -14.78 -10.08
C ASN B 409 0.53 -14.24 -10.83
N ASP B 410 1.47 -15.10 -11.22
CA ASP B 410 2.68 -14.62 -11.87
C ASP B 410 2.49 -14.39 -13.36
N PHE B 411 1.76 -15.29 -14.04
CA PHE B 411 1.58 -15.15 -15.48
C PHE B 411 0.63 -14.03 -15.86
N ARG B 412 0.00 -13.36 -14.90
CA ARG B 412 -0.89 -12.23 -15.17
C ARG B 412 -0.29 -10.89 -14.79
N ASP B 413 0.88 -10.87 -14.15
CA ASP B 413 1.54 -9.62 -13.77
C ASP B 413 2.41 -9.16 -14.94
N LEU B 414 1.76 -8.45 -15.87
CA LEU B 414 2.47 -7.99 -17.06
C LEU B 414 3.56 -6.96 -16.77
N PRO B 415 3.36 -5.95 -15.92
CA PRO B 415 4.45 -4.97 -15.71
C PRO B 415 5.72 -5.57 -15.16
N THR B 416 5.63 -6.45 -14.17
CA THR B 416 6.83 -7.03 -13.58
C THR B 416 7.59 -7.87 -14.60
N LEU B 417 6.87 -8.69 -15.36
CA LEU B 417 7.52 -9.50 -16.40
C LEU B 417 8.13 -8.61 -17.47
N LEU B 418 7.48 -7.49 -17.81
CA LEU B 418 8.03 -6.59 -18.80
C LEU B 418 9.32 -5.94 -18.32
N ILE B 419 9.35 -5.48 -17.07
CA ILE B 419 10.58 -4.88 -16.53
C ILE B 419 11.68 -5.93 -16.44
N HIS B 420 11.34 -7.15 -16.04
CA HIS B 420 12.35 -8.20 -15.98
C HIS B 420 12.93 -8.50 -17.35
N GLY B 421 12.07 -8.65 -18.37
CA GLY B 421 12.56 -8.89 -19.71
C GLY B 421 13.37 -7.73 -20.25
N ALA B 422 12.98 -6.50 -19.91
CA ALA B 422 13.74 -5.34 -20.37
C ALA B 422 15.11 -5.29 -19.73
N GLU B 423 15.21 -5.57 -18.43
CA GLU B 423 16.50 -5.61 -17.76
C GLU B 423 17.38 -6.71 -18.35
N ALA B 424 16.81 -7.89 -18.57
CA ALA B 424 17.58 -8.99 -19.14
C ALA B 424 18.08 -8.67 -20.54
N CYS B 425 17.22 -8.07 -21.37
CA CYS B 425 17.62 -7.72 -22.72
C CYS B 425 18.68 -6.63 -22.72
N LEU B 426 18.56 -5.65 -21.82
CA LEU B 426 19.56 -4.59 -21.72
C LEU B 426 20.91 -5.17 -21.31
N MET B 427 20.92 -6.05 -20.30
CA MET B 427 22.17 -6.68 -19.88
C MET B 427 22.78 -7.51 -21.00
N SER B 428 21.95 -8.28 -21.71
CA SER B 428 22.46 -9.12 -22.79
C SER B 428 23.03 -8.27 -23.92
N MET B 429 22.34 -7.20 -24.31
CA MET B 429 22.83 -6.34 -25.38
C MET B 429 24.12 -5.65 -24.97
N THR B 430 24.20 -5.17 -23.73
CA THR B 430 25.43 -4.54 -23.26
C THR B 430 26.60 -5.52 -23.29
N ILE B 431 26.38 -6.72 -22.77
CA ILE B 431 27.46 -7.72 -22.73
C ILE B 431 27.87 -8.11 -24.14
N GLY B 432 26.92 -8.20 -25.06
CA GLY B 432 27.24 -8.63 -26.41
C GLY B 432 27.96 -7.55 -27.21
N PHE B 433 27.46 -6.31 -27.16
CA PHE B 433 28.06 -5.23 -27.93
C PHE B 433 29.36 -4.72 -27.31
N LEU B 434 29.56 -4.91 -26.01
CA LEU B 434 30.83 -4.51 -25.40
C LEU B 434 31.94 -5.47 -25.80
N TYR B 435 31.65 -6.77 -25.81
CA TYR B 435 32.62 -7.80 -26.19
C TYR B 435 32.31 -8.35 -27.58
N PHE B 436 31.91 -7.47 -28.50
CA PHE B 436 31.58 -7.88 -29.86
C PHE B 436 32.79 -8.50 -30.56
N GLY B 437 32.70 -9.79 -30.87
CA GLY B 437 33.81 -10.50 -31.48
C GLY B 437 33.83 -10.53 -32.99
N HIS B 438 32.73 -10.15 -33.64
CA HIS B 438 32.69 -10.14 -35.10
C HIS B 438 33.36 -8.87 -35.63
N GLY B 439 34.23 -9.04 -36.60
CA GLY B 439 34.94 -7.93 -37.19
C GLY B 439 36.35 -8.34 -37.56
N SER B 440 37.20 -7.33 -37.77
CA SER B 440 38.58 -7.59 -38.15
C SER B 440 39.42 -8.02 -36.95
N ILE B 441 39.25 -7.35 -35.81
CA ILE B 441 40.01 -7.66 -34.60
C ILE B 441 39.20 -8.63 -33.76
N GLN B 442 39.75 -9.82 -33.52
CA GLN B 442 39.08 -10.84 -32.74
C GLN B 442 39.35 -10.64 -31.25
N LEU B 443 38.55 -11.31 -30.42
CA LEU B 443 38.72 -11.23 -28.99
C LEU B 443 39.96 -12.00 -28.54
N SER B 444 40.66 -11.45 -27.55
CA SER B 444 41.86 -12.08 -27.02
C SER B 444 41.48 -13.06 -25.91
N PHE B 445 42.51 -13.59 -25.24
CA PHE B 445 42.30 -14.56 -24.17
C PHE B 445 41.76 -13.88 -22.92
N MET B 446 42.43 -12.81 -22.46
CA MET B 446 41.98 -12.12 -21.25
C MET B 446 40.65 -11.44 -21.47
N ASP B 447 40.39 -10.96 -22.69
CA ASP B 447 39.09 -10.37 -22.99
C ASP B 447 37.98 -11.41 -22.86
N THR B 448 38.20 -12.62 -23.39
CA THR B 448 37.20 -13.67 -23.26
C THR B 448 37.03 -14.11 -21.82
N ALA B 449 38.14 -14.15 -21.06
CA ALA B 449 38.05 -14.50 -19.65
C ALA B 449 37.21 -13.48 -18.88
N ALA B 450 37.46 -12.19 -19.11
CA ALA B 450 36.68 -11.15 -18.46
C ALA B 450 35.22 -11.20 -18.90
N LEU B 451 34.98 -11.52 -20.17
CA LEU B 451 33.61 -11.64 -20.66
C LEU B 451 32.87 -12.76 -19.93
N LEU B 452 33.51 -13.92 -19.79
CA LEU B 452 32.89 -15.03 -19.08
C LEU B 452 32.66 -14.70 -17.62
N PHE B 453 33.64 -14.05 -16.98
CA PHE B 453 33.48 -13.68 -15.58
C PHE B 453 32.33 -12.71 -15.39
N MET B 454 32.18 -11.74 -16.31
CA MET B 454 31.08 -10.80 -16.20
C MET B 454 29.74 -11.48 -16.44
N ILE B 455 29.67 -12.37 -17.45
CA ILE B 455 28.45 -13.13 -17.69
C ILE B 455 28.06 -13.91 -16.44
N GLY B 456 29.05 -14.44 -15.72
CA GLY B 456 28.75 -15.23 -14.54
C GLY B 456 28.42 -14.41 -13.31
N ALA B 457 28.97 -13.21 -13.17
CA ALA B 457 28.89 -12.47 -11.93
C ALA B 457 28.12 -11.15 -12.02
N LEU B 458 27.48 -10.85 -13.16
CA LEU B 458 26.69 -9.64 -13.24
C LEU B 458 25.21 -9.86 -12.97
N ILE B 459 24.69 -11.03 -13.32
CA ILE B 459 23.26 -11.30 -13.09
C ILE B 459 22.90 -11.49 -11.62
N PRO B 460 23.79 -12.01 -10.73
CA PRO B 460 23.35 -12.21 -9.34
C PRO B 460 22.83 -10.96 -8.64
N PHE B 461 23.31 -9.77 -9.01
CA PHE B 461 22.81 -8.56 -8.38
C PHE B 461 21.31 -8.39 -8.62
N ASN B 462 20.91 -8.35 -9.88
CA ASN B 462 19.49 -8.22 -10.21
C ASN B 462 18.69 -9.42 -9.73
N VAL B 463 19.29 -10.61 -9.75
CA VAL B 463 18.59 -11.80 -9.25
C VAL B 463 18.26 -11.65 -7.77
N ILE B 464 19.27 -11.29 -6.97
CA ILE B 464 19.06 -11.07 -5.54
C ILE B 464 18.00 -10.00 -5.32
N LEU B 465 18.10 -8.88 -6.04
CA LEU B 465 17.15 -7.79 -5.87
C LEU B 465 15.72 -8.27 -6.12
N ASP B 466 15.49 -8.92 -7.28
CA ASP B 466 14.15 -9.35 -7.64
C ASP B 466 13.61 -10.39 -6.66
N VAL B 467 14.46 -11.36 -6.26
CA VAL B 467 13.98 -12.42 -5.38
C VAL B 467 13.65 -11.86 -3.99
N ILE B 468 14.51 -10.98 -3.46
CA ILE B 468 14.22 -10.39 -2.16
C ILE B 468 12.96 -9.56 -2.20
N SER B 469 12.77 -8.79 -3.29
CA SER B 469 11.56 -7.98 -3.42
C SER B 469 10.31 -8.86 -3.47
N LYS B 470 10.35 -9.91 -4.30
CA LYS B 470 9.19 -10.80 -4.43
C LYS B 470 8.90 -11.53 -3.12
N CYS B 471 9.94 -11.89 -2.36
CA CYS B 471 9.71 -12.60 -1.11
C CYS B 471 9.16 -11.67 -0.03
N TYR B 472 9.69 -10.45 0.07
CA TYR B 472 9.21 -9.52 1.08
C TYR B 472 7.89 -8.86 0.69
N SER B 473 7.46 -8.97 -0.56
CA SER B 473 6.14 -8.49 -0.93
C SER B 473 5.02 -9.43 -0.50
N GLU B 474 5.34 -10.65 -0.05
CA GLU B 474 4.34 -11.61 0.37
C GLU B 474 4.74 -12.35 1.64
N ARG B 475 5.82 -11.91 2.31
CA ARG B 475 6.19 -12.50 3.59
C ARG B 475 5.05 -12.45 4.60
N ALA B 476 4.36 -11.31 4.68
CA ALA B 476 3.26 -11.17 5.65
C ALA B 476 2.11 -12.10 5.30
N MET B 477 1.75 -12.18 4.01
CA MET B 477 0.70 -13.09 3.59
C MET B 477 1.06 -14.53 3.90
N LEU B 478 2.32 -14.91 3.66
CA LEU B 478 2.77 -16.26 3.95
C LEU B 478 2.68 -16.56 5.45
N TYR B 479 3.11 -15.61 6.28
CA TYR B 479 3.04 -15.80 7.72
C TYR B 479 1.60 -15.97 8.18
N TYR B 480 0.69 -15.15 7.65
CA TYR B 480 -0.70 -15.25 8.06
C TYR B 480 -1.33 -16.56 7.60
N GLU B 481 -1.03 -16.99 6.37
CA GLU B 481 -1.56 -18.26 5.87
C GLU B 481 -0.99 -19.45 6.64
N LEU B 482 0.26 -19.34 7.11
CA LEU B 482 0.84 -20.41 7.91
C LEU B 482 0.24 -20.44 9.31
N GLU B 483 -0.02 -19.27 9.89
CA GLU B 483 -0.63 -19.22 11.22
C GLU B 483 -2.09 -19.66 11.17
N ASP B 484 -2.76 -19.46 10.04
CA ASP B 484 -4.15 -19.91 9.92
C ASP B 484 -4.27 -21.42 9.91
N GLY B 485 -3.25 -22.14 9.46
CA GLY B 485 -3.25 -23.58 9.48
C GLY B 485 -3.61 -24.27 8.19
N LEU B 486 -3.43 -23.62 7.04
CA LEU B 486 -3.74 -24.25 5.76
C LEU B 486 -2.70 -25.31 5.40
N TYR B 487 -1.44 -24.90 5.30
CA TYR B 487 -0.35 -25.80 4.96
C TYR B 487 0.71 -25.76 6.04
N THR B 488 1.46 -26.85 6.17
CA THR B 488 2.51 -26.99 7.18
C THR B 488 3.90 -26.70 6.62
N THR B 489 4.00 -25.76 5.69
CA THR B 489 5.21 -25.21 5.05
C THR B 489 6.09 -26.28 4.42
N GLY B 490 5.62 -27.53 4.35
CA GLY B 490 6.33 -28.58 3.66
C GLY B 490 6.18 -28.47 2.16
N PRO B 491 4.95 -28.67 1.67
CA PRO B 491 4.71 -28.53 0.22
C PRO B 491 4.85 -27.09 -0.28
N TYR B 492 4.82 -26.10 0.59
CA TYR B 492 4.96 -24.71 0.14
C TYR B 492 6.34 -24.46 -0.46
N PHE B 493 7.37 -25.12 0.06
CA PHE B 493 8.71 -24.97 -0.49
C PHE B 493 8.76 -25.43 -1.95
N PHE B 494 8.32 -26.65 -2.21
CA PHE B 494 8.30 -27.16 -3.57
C PHE B 494 7.35 -26.36 -4.45
N ALA B 495 6.25 -25.87 -3.90
CA ALA B 495 5.32 -25.05 -4.67
C ALA B 495 5.99 -23.77 -5.13
N LYS B 496 6.66 -23.07 -4.22
CA LYS B 496 7.38 -21.85 -4.58
C LYS B 496 8.48 -22.15 -5.61
N ILE B 497 9.20 -23.26 -5.41
CA ILE B 497 10.29 -23.60 -6.32
C ILE B 497 9.76 -23.82 -7.72
N LEU B 498 8.74 -24.68 -7.86
CA LEU B 498 8.20 -25.01 -9.17
C LEU B 498 7.33 -23.90 -9.77
N GLY B 499 6.95 -22.90 -8.97
CA GLY B 499 6.24 -21.76 -9.53
C GLY B 499 7.21 -20.70 -10.02
N GLU B 500 8.35 -20.58 -9.35
CA GLU B 500 9.38 -19.64 -9.76
C GLU B 500 10.29 -20.21 -10.85
N LEU B 501 10.29 -21.52 -11.04
CA LEU B 501 11.12 -22.13 -12.07
C LEU B 501 10.79 -21.68 -13.49
N PRO B 502 9.52 -21.58 -13.92
CA PRO B 502 9.27 -21.15 -15.31
C PRO B 502 9.76 -19.74 -15.60
N GLU B 503 9.49 -18.79 -14.70
CA GLU B 503 9.99 -17.42 -14.90
C GLU B 503 11.52 -17.40 -14.90
N HIS B 504 12.14 -18.20 -14.04
CA HIS B 504 13.60 -18.28 -14.00
C HIS B 504 14.15 -18.82 -15.31
N CYS B 505 13.51 -19.86 -15.87
CA CYS B 505 13.97 -20.42 -17.13
C CYS B 505 13.80 -19.44 -18.28
N ALA B 506 12.67 -18.72 -18.31
CA ALA B 506 12.47 -17.71 -19.34
C ALA B 506 13.49 -16.59 -19.22
N TYR B 507 13.78 -16.15 -18.00
CA TYR B 507 14.80 -15.12 -17.80
C TYR B 507 16.18 -15.62 -18.24
N ILE B 508 16.49 -16.88 -17.96
CA ILE B 508 17.77 -17.44 -18.38
C ILE B 508 17.86 -17.50 -19.90
N ILE B 509 16.77 -17.88 -20.56
CA ILE B 509 16.76 -17.92 -22.02
C ILE B 509 16.99 -16.52 -22.58
N ILE B 510 16.27 -15.53 -22.04
CA ILE B 510 16.40 -14.16 -22.54
C ILE B 510 17.79 -13.60 -22.27
N TYR B 511 18.41 -14.01 -21.17
CA TYR B 511 19.74 -13.49 -20.83
C TYR B 511 20.85 -14.21 -21.58
N GLY B 512 20.62 -15.44 -22.02
CA GLY B 512 21.67 -16.22 -22.64
C GLY B 512 21.58 -16.34 -24.14
N MET B 513 20.43 -16.00 -24.73
CA MET B 513 20.32 -16.13 -26.19
C MET B 513 21.12 -15.06 -26.92
N PRO B 514 20.90 -13.73 -26.70
CA PRO B 514 21.72 -12.75 -27.42
C PRO B 514 23.03 -12.45 -26.71
N THR B 515 23.71 -13.48 -26.24
CA THR B 515 25.00 -13.32 -25.57
C THR B 515 26.06 -14.25 -26.10
N TYR B 516 25.71 -15.48 -26.47
CA TYR B 516 26.69 -16.44 -26.97
C TYR B 516 27.02 -16.19 -28.43
N TRP B 517 26.08 -15.64 -29.21
CA TRP B 517 26.31 -15.40 -30.63
C TRP B 517 26.92 -14.03 -30.90
N LEU B 518 26.58 -13.02 -30.10
CA LEU B 518 27.13 -11.69 -30.31
C LEU B 518 28.62 -11.64 -29.99
N ALA B 519 29.07 -12.42 -29.01
CA ALA B 519 30.48 -12.43 -28.63
C ALA B 519 31.34 -13.34 -29.49
N ASN B 520 30.72 -14.11 -30.40
CA ASN B 520 31.44 -15.04 -31.28
C ASN B 520 32.29 -16.02 -30.47
N LEU B 521 31.61 -16.78 -29.62
CA LEU B 521 32.26 -17.77 -28.78
C LEU B 521 32.46 -19.07 -29.57
N ARG B 522 32.80 -20.14 -28.88
CA ARG B 522 33.05 -21.43 -29.50
C ARG B 522 31.81 -21.90 -30.26
N PRO B 523 31.89 -22.09 -31.58
CA PRO B 523 30.71 -22.52 -32.34
C PRO B 523 30.39 -23.99 -32.09
N GLY B 524 29.11 -24.31 -32.21
CA GLY B 524 28.61 -25.65 -31.99
C GLY B 524 27.38 -25.66 -31.10
N LEU B 525 26.81 -26.86 -30.98
CA LEU B 525 25.61 -27.07 -30.17
C LEU B 525 25.93 -27.57 -28.77
N GLN B 526 26.88 -28.49 -28.64
CA GLN B 526 27.20 -29.03 -27.31
C GLN B 526 27.83 -27.98 -26.40
N PRO B 527 28.83 -27.19 -26.82
CA PRO B 527 29.35 -26.16 -25.91
C PRO B 527 28.31 -25.10 -25.55
N PHE B 528 27.45 -24.71 -26.50
CA PHE B 528 26.40 -23.75 -26.21
C PHE B 528 25.42 -24.30 -25.20
N LEU B 529 25.02 -25.56 -25.36
CA LEU B 529 24.10 -26.18 -24.40
C LEU B 529 24.73 -26.31 -23.03
N LEU B 530 26.03 -26.65 -22.98
CA LEU B 530 26.70 -26.74 -21.68
C LEU B 530 26.78 -25.38 -20.99
N HIS B 531 27.12 -24.33 -21.76
CA HIS B 531 27.15 -22.99 -21.19
C HIS B 531 25.76 -22.58 -20.69
N PHE B 532 24.73 -22.86 -21.47
CA PHE B 532 23.36 -22.52 -21.07
C PHE B 532 22.98 -23.24 -19.78
N LEU B 533 23.29 -24.54 -19.70
CA LEU B 533 22.94 -25.31 -18.50
C LEU B 533 23.71 -24.82 -17.29
N LEU B 534 24.99 -24.49 -17.46
CA LEU B 534 25.78 -24.01 -16.33
C LEU B 534 25.26 -22.67 -15.84
N VAL B 535 24.95 -21.75 -16.75
CA VAL B 535 24.41 -20.46 -16.35
C VAL B 535 23.06 -20.63 -15.65
N TRP B 536 22.23 -21.53 -16.17
CA TRP B 536 20.93 -21.79 -15.55
C TRP B 536 21.10 -22.32 -14.13
N LEU B 537 22.00 -23.29 -13.95
CA LEU B 537 22.21 -23.86 -12.63
C LEU B 537 22.77 -22.83 -11.65
N VAL B 538 23.71 -21.99 -12.12
CA VAL B 538 24.30 -21.00 -11.23
C VAL B 538 23.27 -19.95 -10.83
N VAL B 539 22.45 -19.50 -11.77
CA VAL B 539 21.42 -18.52 -11.43
C VAL B 539 20.36 -19.14 -10.52
N PHE B 540 20.06 -20.43 -10.71
CA PHE B 540 19.13 -21.10 -9.80
C PHE B 540 19.70 -21.19 -8.40
N CYS B 541 20.99 -21.52 -8.28
CA CYS B 541 21.63 -21.56 -6.97
C CYS B 541 21.60 -20.18 -6.30
N CYS B 542 21.85 -19.12 -7.08
CA CYS B 542 21.80 -17.77 -6.53
C CYS B 542 20.38 -17.41 -6.09
N ARG B 543 19.37 -17.84 -6.86
CA ARG B 543 17.98 -17.60 -6.49
C ARG B 543 17.64 -18.30 -5.18
N ILE B 544 18.11 -19.55 -5.02
CA ILE B 544 17.83 -20.28 -3.78
C ILE B 544 18.55 -19.62 -2.61
N MET B 545 19.78 -19.15 -2.82
CA MET B 545 20.49 -18.42 -1.77
C MET B 545 19.73 -17.16 -1.37
N ALA B 546 19.20 -16.44 -2.36
CA ALA B 546 18.42 -15.24 -2.05
C ALA B 546 17.15 -15.59 -1.28
N LEU B 547 16.47 -16.67 -1.66
CA LEU B 547 15.28 -17.10 -0.93
C LEU B 547 15.62 -17.45 0.51
N ALA B 548 16.74 -18.15 0.72
CA ALA B 548 17.14 -18.52 2.07
C ALA B 548 17.50 -17.28 2.90
N ALA B 549 18.20 -16.32 2.29
CA ALA B 549 18.53 -15.10 3.01
C ALA B 549 17.30 -14.27 3.33
N ALA B 550 16.28 -14.31 2.46
CA ALA B 550 15.05 -13.58 2.74
C ALA B 550 14.27 -14.25 3.86
N ALA B 551 14.21 -15.59 3.86
CA ALA B 551 13.48 -16.30 4.89
C ALA B 551 14.21 -16.36 6.22
N LEU B 552 15.53 -16.10 6.22
CA LEU B 552 16.30 -16.17 7.46
C LEU B 552 16.28 -14.86 8.24
N LEU B 553 16.20 -13.71 7.56
CA LEU B 553 16.22 -12.44 8.26
C LEU B 553 14.88 -11.73 8.10
N PRO B 554 14.33 -11.16 9.18
CA PRO B 554 13.00 -10.53 9.10
C PRO B 554 13.02 -9.15 8.47
N THR B 555 14.13 -8.43 8.50
CA THR B 555 14.21 -7.08 7.96
C THR B 555 14.63 -7.13 6.49
N PHE B 556 13.95 -6.32 5.67
CA PHE B 556 14.28 -6.27 4.25
C PHE B 556 15.68 -5.71 4.02
N HIS B 557 16.01 -4.61 4.71
CA HIS B 557 17.33 -4.00 4.54
C HIS B 557 18.43 -4.93 5.07
N MET B 558 18.20 -5.58 6.21
CA MET B 558 19.20 -6.48 6.75
C MET B 558 19.39 -7.70 5.85
N ALA B 559 18.30 -8.25 5.31
CA ALA B 559 18.42 -9.36 4.39
C ALA B 559 19.16 -8.96 3.12
N SER B 560 18.87 -7.77 2.60
CA SER B 560 19.56 -7.30 1.41
C SER B 560 21.06 -7.09 1.69
N PHE B 561 21.38 -6.57 2.88
CA PHE B 561 22.78 -6.38 3.25
C PHE B 561 23.50 -7.71 3.36
N PHE B 562 22.86 -8.70 3.97
CA PHE B 562 23.48 -10.02 4.09
C PHE B 562 23.66 -10.66 2.72
N SER B 563 22.67 -10.52 1.83
CA SER B 563 22.79 -11.07 0.49
C SER B 563 23.91 -10.39 -0.28
N ASN B 564 24.04 -9.07 -0.14
CA ASN B 564 25.11 -8.35 -0.83
C ASN B 564 26.47 -8.74 -0.27
N ALA B 565 26.55 -8.97 1.05
CA ALA B 565 27.81 -9.41 1.64
C ALA B 565 28.21 -10.79 1.12
N LEU B 566 27.25 -11.72 1.06
CA LEU B 566 27.55 -13.04 0.50
C LEU B 566 27.93 -12.95 -0.96
N TYR B 567 27.26 -12.08 -1.72
CA TYR B 567 27.59 -11.93 -3.14
C TYR B 567 28.98 -11.36 -3.32
N ASN B 568 29.37 -10.40 -2.49
CA ASN B 568 30.72 -9.85 -2.59
C ASN B 568 31.77 -10.87 -2.15
N SER B 569 31.47 -11.67 -1.13
CA SER B 569 32.40 -12.71 -0.70
C SER B 569 32.59 -13.75 -1.80
N PHE B 570 31.52 -14.08 -2.53
CA PHE B 570 31.63 -15.03 -3.63
C PHE B 570 32.25 -14.40 -4.87
N TYR B 571 32.14 -13.08 -5.02
CA TYR B 571 32.72 -12.39 -6.16
C TYR B 571 34.24 -12.28 -6.01
N LEU B 572 34.70 -11.87 -4.81
CA LEU B 572 36.14 -11.77 -4.58
C LEU B 572 36.80 -13.13 -4.59
N ALA B 573 36.08 -14.17 -4.16
CA ALA B 573 36.63 -15.52 -4.15
C ALA B 573 36.70 -16.15 -5.53
N GLY B 574 36.27 -15.45 -6.58
CA GLY B 574 36.34 -16.00 -7.92
C GLY B 574 37.77 -16.12 -8.41
N GLY B 575 37.95 -17.00 -9.39
CA GLY B 575 39.25 -17.26 -9.98
C GLY B 575 39.75 -16.24 -10.96
N PHE B 576 39.17 -15.04 -10.97
CA PHE B 576 39.56 -13.99 -11.91
C PHE B 576 40.09 -12.72 -11.25
N MET B 577 39.74 -12.46 -9.99
CA MET B 577 40.15 -11.23 -9.33
C MET B 577 41.42 -11.40 -8.50
N ILE B 578 41.45 -12.41 -7.63
CA ILE B 578 42.57 -12.58 -6.71
C ILE B 578 43.38 -13.81 -7.09
N ASN B 579 43.28 -14.21 -8.36
CA ASN B 579 44.06 -15.28 -8.99
C ASN B 579 43.75 -16.66 -8.42
N LEU B 580 42.87 -16.77 -7.43
CA LEU B 580 42.47 -18.04 -6.83
C LEU B 580 43.66 -18.82 -6.26
N SER B 581 44.78 -18.15 -6.03
CA SER B 581 45.98 -18.81 -5.51
C SER B 581 46.50 -18.09 -4.28
N SER B 582 46.20 -16.79 -4.17
CA SER B 582 46.63 -16.00 -3.02
C SER B 582 45.58 -16.01 -1.91
N LEU B 583 45.15 -17.21 -1.53
CA LEU B 583 44.16 -17.41 -0.48
C LEU B 583 44.75 -18.35 0.56
N TRP B 584 44.87 -17.87 1.80
CA TRP B 584 45.61 -18.64 2.80
C TRP B 584 44.77 -19.76 3.41
N THR B 585 43.73 -19.40 4.18
CA THR B 585 42.86 -20.44 4.71
C THR B 585 41.37 -20.15 4.52
N VAL B 586 40.95 -18.91 4.74
CA VAL B 586 39.53 -18.55 4.68
C VAL B 586 39.07 -18.33 3.25
N PRO B 587 39.76 -17.50 2.43
CA PRO B 587 39.26 -17.28 1.07
C PRO B 587 39.30 -18.53 0.21
N ALA B 588 40.24 -19.45 0.46
CA ALA B 588 40.26 -20.70 -0.28
C ALA B 588 38.99 -21.51 -0.03
N TRP B 589 38.62 -21.67 1.24
CA TRP B 589 37.41 -22.41 1.57
C TRP B 589 36.16 -21.67 1.14
N ILE B 590 36.21 -20.33 1.10
CA ILE B 590 35.08 -19.57 0.57
C ILE B 590 34.92 -19.82 -0.92
N SER B 591 36.03 -19.88 -1.65
CA SER B 591 35.97 -20.16 -3.08
C SER B 591 35.55 -21.59 -3.35
N LYS B 592 35.88 -22.52 -2.43
CA LYS B 592 35.45 -23.91 -2.60
C LYS B 592 33.93 -24.05 -2.54
N VAL B 593 33.24 -23.12 -1.90
CA VAL B 593 31.78 -23.13 -1.84
C VAL B 593 31.20 -21.94 -2.60
N SER B 594 31.98 -21.33 -3.49
CA SER B 594 31.55 -20.18 -4.27
C SER B 594 31.06 -20.64 -5.63
N PHE B 595 29.77 -20.44 -5.90
CA PHE B 595 29.22 -20.83 -7.19
C PHE B 595 29.74 -19.96 -8.33
N LEU B 596 30.17 -18.73 -8.04
CA LEU B 596 30.73 -17.87 -9.09
C LEU B 596 32.07 -18.42 -9.57
N ARG B 597 32.91 -18.88 -8.64
CA ARG B 597 34.20 -19.46 -9.04
C ARG B 597 34.00 -20.72 -9.86
N TRP B 598 33.05 -21.57 -9.46
CA TRP B 598 32.77 -22.79 -10.21
C TRP B 598 32.20 -22.46 -11.58
N CYS B 599 31.35 -21.43 -11.67
CA CYS B 599 30.83 -21.01 -12.96
C CYS B 599 31.94 -20.52 -13.88
N PHE B 600 32.85 -19.69 -13.34
CA PHE B 600 33.96 -19.21 -14.14
C PHE B 600 34.85 -20.35 -14.62
N GLU B 601 35.14 -21.30 -13.72
CA GLU B 601 35.98 -22.44 -14.10
C GLU B 601 35.30 -23.30 -15.16
N GLY B 602 33.99 -23.52 -15.02
CA GLY B 602 33.27 -24.30 -16.02
C GLY B 602 33.24 -23.61 -17.38
N LEU B 603 33.00 -22.30 -17.39
CA LEU B 603 33.01 -21.57 -18.65
C LEU B 603 34.41 -21.59 -19.29
N MET B 604 35.45 -21.47 -18.47
CA MET B 604 36.81 -21.56 -18.99
C MET B 604 37.09 -22.92 -19.59
N LYS B 605 36.71 -24.00 -18.89
CA LYS B 605 36.96 -25.35 -19.39
C LYS B 605 36.10 -25.64 -20.62
N ILE B 606 34.97 -24.97 -20.77
CA ILE B 606 34.13 -25.19 -21.94
C ILE B 606 34.69 -24.44 -23.15
N GLN B 607 35.15 -23.20 -22.94
CA GLN B 607 35.57 -22.36 -24.07
C GLN B 607 37.00 -22.62 -24.50
N PHE B 608 37.87 -23.05 -23.59
CA PHE B 608 39.30 -23.15 -23.89
C PHE B 608 39.82 -24.59 -23.97
N SER B 609 38.95 -25.58 -24.00
CA SER B 609 39.39 -26.97 -24.10
C SER B 609 39.57 -27.34 -25.56
N ARG B 610 40.81 -27.65 -25.95
CA ARG B 610 41.14 -28.13 -27.29
C ARG B 610 40.78 -27.11 -28.37
N ARG B 611 40.57 -25.86 -27.98
CA ARG B 611 40.22 -24.79 -28.90
C ARG B 611 41.21 -23.64 -28.90
N THR B 612 42.34 -23.78 -28.20
CA THR B 612 43.30 -22.70 -28.12
C THR B 612 43.93 -22.42 -29.48
N TYR B 613 44.22 -21.16 -29.74
CA TYR B 613 44.84 -20.74 -30.99
C TYR B 613 46.30 -21.18 -31.04
N GLY B 626 44.25 -26.86 -26.74
CA GLY B 626 45.17 -27.47 -25.79
C GLY B 626 44.81 -27.19 -24.34
N ASP B 627 45.38 -27.99 -23.44
CA ASP B 627 45.12 -27.82 -22.01
C ASP B 627 46.17 -26.97 -21.32
N LYS B 628 47.13 -26.40 -22.07
CA LYS B 628 48.20 -25.63 -21.45
C LYS B 628 47.68 -24.31 -20.90
N ILE B 629 46.65 -23.73 -21.51
CA ILE B 629 46.13 -22.45 -21.04
C ILE B 629 45.45 -22.61 -19.68
N LEU B 630 44.90 -23.79 -19.41
CA LEU B 630 44.36 -24.08 -18.10
C LEU B 630 45.41 -24.66 -17.16
N SER B 631 46.48 -25.23 -17.70
CA SER B 631 47.56 -25.74 -16.86
C SER B 631 48.37 -24.60 -16.25
N VAL B 632 48.61 -23.54 -17.01
CA VAL B 632 49.32 -22.39 -16.45
C VAL B 632 48.45 -21.69 -15.42
N MET B 633 47.12 -21.80 -15.54
CA MET B 633 46.19 -21.25 -14.57
C MET B 633 45.86 -22.32 -13.53
N GLU B 634 44.84 -22.05 -12.71
CA GLU B 634 44.42 -22.95 -11.63
C GLU B 634 43.01 -23.49 -11.88
N LEU B 635 42.65 -23.67 -13.15
CA LEU B 635 41.32 -24.12 -13.54
C LEU B 635 41.40 -25.45 -14.29
N ASP B 636 42.22 -26.37 -13.78
CA ASP B 636 42.35 -27.68 -14.41
C ASP B 636 42.38 -28.81 -13.37
N SER B 637 41.92 -28.56 -12.15
CA SER B 637 41.92 -29.56 -11.09
C SER B 637 40.55 -30.18 -10.86
N TYR B 638 39.55 -29.81 -11.65
CA TYR B 638 38.22 -30.35 -11.51
C TYR B 638 37.59 -30.48 -12.89
N PRO B 639 37.14 -31.67 -13.27
CA PRO B 639 36.47 -31.83 -14.57
C PRO B 639 35.13 -31.13 -14.60
N LEU B 640 34.52 -31.11 -15.79
CA LEU B 640 33.29 -30.38 -15.99
C LEU B 640 32.13 -31.01 -15.21
N TYR B 641 31.99 -32.33 -15.29
CA TYR B 641 30.92 -32.99 -14.56
C TYR B 641 31.09 -32.83 -13.06
N ALA B 642 32.34 -32.77 -12.57
CA ALA B 642 32.56 -32.52 -11.16
C ALA B 642 32.08 -31.12 -10.78
N ILE B 643 32.31 -30.13 -11.64
CA ILE B 643 31.83 -28.78 -11.37
C ILE B 643 30.31 -28.75 -11.36
N TYR B 644 29.67 -29.47 -12.29
CA TYR B 644 28.21 -29.53 -12.31
C TYR B 644 27.68 -30.18 -11.04
N LEU B 645 28.31 -31.27 -10.59
CA LEU B 645 27.88 -31.94 -9.37
C LEU B 645 28.07 -31.05 -8.15
N ILE B 646 29.16 -30.27 -8.13
CA ILE B 646 29.40 -29.36 -7.01
C ILE B 646 28.35 -28.25 -6.99
N VAL B 647 27.98 -27.74 -8.17
CA VAL B 647 26.93 -26.72 -8.24
C VAL B 647 25.60 -27.30 -7.77
N ILE B 648 25.30 -28.53 -8.18
CA ILE B 648 24.06 -29.17 -7.76
C ILE B 648 24.05 -29.39 -6.25
N GLY B 649 25.20 -29.76 -5.68
CA GLY B 649 25.28 -29.95 -4.24
C GLY B 649 25.12 -28.64 -3.48
N LEU B 650 25.70 -27.56 -3.99
CA LEU B 650 25.50 -26.25 -3.38
C LEU B 650 24.03 -25.84 -3.45
N SER B 651 23.39 -26.09 -4.59
CA SER B 651 21.96 -25.79 -4.70
C SER B 651 21.14 -26.59 -3.71
N GLY B 652 21.48 -27.86 -3.53
CA GLY B 652 20.76 -28.69 -2.56
C GLY B 652 20.98 -28.23 -1.13
N GLY B 653 22.21 -27.84 -0.80
CA GLY B 653 22.47 -27.31 0.52
C GLY B 653 21.72 -26.02 0.79
N PHE B 654 21.67 -25.13 -0.20
CA PHE B 654 20.92 -23.89 -0.03
C PHE B 654 19.43 -24.17 0.08
N MET B 655 18.92 -25.17 -0.64
CA MET B 655 17.52 -25.54 -0.52
C MET B 655 17.22 -26.10 0.87
N VAL B 656 18.12 -26.92 1.41
CA VAL B 656 17.95 -27.44 2.76
C VAL B 656 17.95 -26.31 3.79
N LEU B 657 18.87 -25.35 3.63
CA LEU B 657 18.91 -24.21 4.54
C LEU B 657 17.62 -23.40 4.45
N TYR B 658 17.12 -23.17 3.23
CA TYR B 658 15.88 -22.41 3.07
C TYR B 658 14.70 -23.14 3.69
N TYR B 659 14.64 -24.46 3.53
CA TYR B 659 13.56 -25.24 4.12
C TYR B 659 13.63 -25.20 5.65
N VAL B 660 14.83 -25.32 6.21
CA VAL B 660 14.98 -25.26 7.66
C VAL B 660 14.58 -23.87 8.18
N SER B 661 14.96 -22.82 7.47
CA SER B 661 14.60 -21.47 7.88
C SER B 661 13.11 -21.25 7.80
N LEU B 662 12.45 -21.82 6.78
CA LEU B 662 11.00 -21.69 6.67
C LEU B 662 10.29 -22.48 7.77
N ARG B 663 10.85 -23.62 8.16
CA ARG B 663 10.19 -24.47 9.14
C ARG B 663 10.40 -24.00 10.58
N PHE B 664 11.55 -23.38 10.86
CA PHE B 664 11.88 -23.01 12.24
C PHE B 664 11.78 -21.52 12.53
N ILE B 665 12.11 -20.66 11.58
CA ILE B 665 12.11 -19.22 11.79
C ILE B 665 10.76 -18.66 11.35
N LYS B 666 10.13 -17.89 12.22
CA LYS B 666 8.85 -17.27 11.91
C LYS B 666 9.04 -16.09 10.99
N GLN B 667 8.21 -16.01 9.95
CA GLN B 667 8.32 -14.94 8.95
C GLN B 667 7.49 -13.73 9.37
N LYS B 668 7.85 -13.16 10.51
CA LYS B 668 7.13 -12.00 11.02
C LYS B 668 7.37 -10.79 10.12
N PRO B 669 6.32 -10.06 9.76
CA PRO B 669 6.40 -8.88 8.89
C PRO B 669 7.26 -7.77 9.49
N VAL C 21 -39.90 -32.18 -6.94
CA VAL C 21 -40.46 -30.86 -6.67
C VAL C 21 -41.74 -30.65 -7.47
N LYS C 22 -42.75 -30.09 -6.82
CA LYS C 22 -44.03 -29.84 -7.46
C LYS C 22 -44.72 -28.67 -6.76
N LEU C 23 -45.18 -27.71 -7.55
CA LEU C 23 -45.85 -26.52 -7.02
C LEU C 23 -47.24 -26.41 -7.62
N VAL C 24 -48.23 -26.18 -6.75
CA VAL C 24 -49.63 -26.07 -7.15
C VAL C 24 -50.19 -24.78 -6.55
N GLU C 25 -50.65 -23.87 -7.40
CA GLU C 25 -51.27 -22.63 -6.95
C GLU C 25 -52.78 -22.76 -6.96
N SER C 26 -53.42 -22.06 -6.03
CA SER C 26 -54.88 -22.07 -5.91
C SER C 26 -55.32 -20.83 -5.16
N GLY C 27 -56.61 -20.55 -5.24
CA GLY C 27 -57.19 -19.41 -4.56
C GLY C 27 -57.52 -18.21 -5.43
N GLY C 28 -57.56 -18.38 -6.75
CA GLY C 28 -57.88 -17.28 -7.64
C GLY C 28 -59.35 -17.21 -7.96
N GLY C 29 -59.85 -15.99 -8.10
CA GLY C 29 -61.27 -15.80 -8.41
C GLY C 29 -61.57 -14.34 -8.66
N LEU C 30 -62.86 -14.03 -8.67
CA LEU C 30 -63.35 -12.68 -8.89
C LEU C 30 -63.58 -11.99 -7.55
N VAL C 31 -62.85 -10.90 -7.31
CA VAL C 31 -62.96 -10.13 -6.08
C VAL C 31 -63.21 -8.67 -6.43
N GLN C 32 -63.82 -7.96 -5.48
CA GLN C 32 -64.08 -6.54 -5.65
C GLN C 32 -62.87 -5.71 -5.22
N PRO C 33 -62.71 -4.51 -5.79
CA PRO C 33 -61.60 -3.65 -5.37
C PRO C 33 -61.71 -3.29 -3.89
N GLY C 34 -60.58 -3.37 -3.19
CA GLY C 34 -60.55 -3.11 -1.77
C GLY C 34 -60.90 -4.27 -0.89
N GLY C 35 -61.16 -5.45 -1.45
CA GLY C 35 -61.50 -6.63 -0.69
C GLY C 35 -60.30 -7.33 -0.10
N SER C 36 -60.41 -8.65 0.03
CA SER C 36 -59.34 -9.46 0.58
C SER C 36 -59.37 -10.84 -0.05
N LEU C 37 -58.18 -11.38 -0.33
CA LEU C 37 -58.05 -12.71 -0.91
C LEU C 37 -56.80 -13.37 -0.34
N ARG C 38 -56.80 -14.70 -0.37
CA ARG C 38 -55.69 -15.49 0.15
C ARG C 38 -55.34 -16.58 -0.86
N LEU C 39 -54.10 -16.58 -1.31
CA LEU C 39 -53.62 -17.58 -2.25
C LEU C 39 -52.92 -18.70 -1.51
N SER C 40 -52.97 -19.91 -2.08
CA SER C 40 -52.39 -21.10 -1.48
C SER C 40 -51.41 -21.74 -2.46
N CYS C 41 -50.21 -22.02 -1.99
CA CYS C 41 -49.17 -22.66 -2.78
C CYS C 41 -48.76 -23.95 -2.09
N ALA C 42 -49.12 -25.08 -2.68
CA ALA C 42 -48.82 -26.38 -2.11
C ALA C 42 -47.44 -26.85 -2.55
N THR C 43 -46.64 -27.34 -1.60
CA THR C 43 -45.29 -27.80 -1.87
C THR C 43 -45.20 -29.31 -1.66
N SER C 44 -44.47 -29.98 -2.55
CA SER C 44 -44.28 -31.42 -2.46
C SER C 44 -42.99 -31.79 -3.20
N GLY C 45 -42.26 -32.74 -2.64
CA GLY C 45 -41.05 -33.23 -3.26
C GLY C 45 -39.76 -32.62 -2.74
N PHE C 46 -39.81 -31.80 -1.71
CA PHE C 46 -38.61 -31.19 -1.15
C PHE C 46 -38.92 -30.72 0.27
N THR C 47 -37.86 -30.46 1.02
CA THR C 47 -37.99 -30.00 2.40
C THR C 47 -38.47 -28.56 2.41
N PHE C 48 -39.63 -28.31 3.02
CA PHE C 48 -40.22 -26.97 3.02
C PHE C 48 -39.51 -26.05 4.00
N SER C 49 -38.73 -26.60 4.92
CA SER C 49 -38.12 -25.81 5.99
C SER C 49 -36.70 -25.36 5.69
N GLU C 50 -36.14 -25.69 4.53
CA GLU C 50 -34.78 -25.28 4.19
C GLU C 50 -34.68 -24.42 2.94
N PHE C 51 -35.76 -24.27 2.18
CA PHE C 51 -35.75 -23.48 0.96
C PHE C 51 -36.67 -22.28 1.09
N PHE C 52 -36.38 -21.25 0.30
CA PHE C 52 -37.18 -20.04 0.31
C PHE C 52 -38.53 -20.28 -0.34
N MET C 53 -39.39 -19.26 -0.28
CA MET C 53 -40.70 -19.30 -0.92
C MET C 53 -40.99 -17.91 -1.47
N GLU C 54 -41.13 -17.80 -2.79
CA GLU C 54 -41.27 -16.52 -3.46
C GLU C 54 -42.57 -16.46 -4.25
N TRP C 55 -43.19 -15.27 -4.26
CA TRP C 55 -44.38 -15.02 -5.05
C TRP C 55 -44.02 -14.09 -6.21
N VAL C 56 -44.29 -14.52 -7.43
CA VAL C 56 -43.98 -13.76 -8.64
C VAL C 56 -45.27 -13.61 -9.44
N ARG C 57 -45.66 -12.37 -9.70
CA ARG C 57 -46.86 -12.08 -10.47
C ARG C 57 -46.50 -11.70 -11.91
N GLN C 58 -47.52 -11.69 -12.77
CA GLN C 58 -47.34 -11.33 -14.16
C GLN C 58 -48.58 -10.60 -14.68
N PRO C 59 -48.48 -9.30 -14.96
CA PRO C 59 -49.63 -8.57 -15.51
C PRO C 59 -50.00 -9.12 -16.88
N PRO C 60 -51.24 -8.89 -17.34
CA PRO C 60 -51.66 -9.45 -18.63
C PRO C 60 -50.86 -8.91 -19.81
N GLY C 61 -50.25 -7.74 -19.69
CA GLY C 61 -49.51 -7.16 -20.80
C GLY C 61 -48.17 -6.60 -20.40
N LYS C 62 -47.56 -7.13 -19.34
CA LYS C 62 -46.25 -6.66 -18.90
C LYS C 62 -45.32 -7.83 -18.62
N ARG C 63 -44.15 -7.54 -18.05
CA ARG C 63 -43.15 -8.56 -17.76
C ARG C 63 -43.38 -9.13 -16.36
N LEU C 64 -42.56 -10.12 -16.00
CA LEU C 64 -42.65 -10.72 -14.68
C LEU C 64 -42.20 -9.74 -13.61
N GLU C 65 -42.84 -9.79 -12.45
CA GLU C 65 -42.54 -8.89 -11.34
C GLU C 65 -42.57 -9.68 -10.05
N TRP C 66 -41.46 -9.64 -9.30
CA TRP C 66 -41.41 -10.30 -8.01
C TRP C 66 -42.23 -9.52 -6.99
N VAL C 67 -42.99 -10.24 -6.17
CA VAL C 67 -43.93 -9.61 -5.24
C VAL C 67 -43.36 -9.66 -3.81
N ALA C 68 -43.15 -10.86 -3.29
CA ALA C 68 -42.71 -11.02 -1.92
C ALA C 68 -41.81 -12.24 -1.80
N VAL C 69 -41.22 -12.39 -0.62
CA VAL C 69 -40.33 -13.51 -0.32
C VAL C 69 -40.54 -13.93 1.12
N SER C 70 -40.59 -15.24 1.35
CA SER C 70 -40.69 -15.81 2.68
C SER C 70 -39.48 -16.72 2.89
N ARG C 71 -38.60 -16.33 3.79
CA ARG C 71 -37.34 -17.03 3.98
C ARG C 71 -37.56 -18.36 4.71
N ASN C 72 -36.48 -19.12 4.87
CA ASN C 72 -36.53 -20.44 5.45
C ASN C 72 -36.45 -20.35 6.98
N GLU C 73 -36.24 -21.50 7.64
CA GLU C 73 -36.17 -21.52 9.09
C GLU C 73 -34.92 -20.84 9.64
N ALA C 74 -33.85 -20.76 8.84
CA ALA C 74 -32.63 -20.12 9.31
C ALA C 74 -32.79 -18.62 9.51
N ASN C 75 -33.80 -18.01 8.89
CA ASN C 75 -34.08 -16.58 9.05
C ASN C 75 -35.28 -16.33 9.95
N ASP C 76 -35.67 -17.31 10.75
CA ASP C 76 -36.82 -17.20 11.68
C ASP C 76 -38.10 -16.90 10.92
N TYR C 77 -38.21 -17.43 9.69
CA TYR C 77 -39.41 -17.29 8.86
C TYR C 77 -39.77 -15.82 8.63
N THR C 78 -38.75 -14.98 8.45
CA THR C 78 -38.99 -13.58 8.17
C THR C 78 -39.50 -13.40 6.74
N THR C 79 -40.20 -12.29 6.52
CA THR C 79 -40.77 -11.97 5.22
C THR C 79 -40.27 -10.63 4.73
N ASP C 80 -40.49 -10.37 3.44
CA ASP C 80 -40.12 -9.11 2.82
C ASP C 80 -40.97 -8.92 1.57
N TYR C 81 -41.31 -7.67 1.28
CA TYR C 81 -42.18 -7.33 0.17
C TYR C 81 -41.51 -6.28 -0.70
N SER C 82 -42.04 -6.13 -1.92
CA SER C 82 -41.54 -5.13 -2.85
C SER C 82 -42.05 -3.74 -2.47
N ALA C 83 -41.48 -2.73 -3.12
CA ALA C 83 -41.84 -1.35 -2.83
C ALA C 83 -43.26 -1.00 -3.29
N SER C 84 -43.91 -1.87 -4.06
CA SER C 84 -45.26 -1.59 -4.55
C SER C 84 -46.36 -2.24 -3.72
N VAL C 85 -46.04 -3.29 -2.96
CA VAL C 85 -47.03 -4.01 -2.16
C VAL C 85 -46.66 -4.03 -0.68
N LYS C 86 -45.65 -3.26 -0.28
CA LYS C 86 -45.22 -3.23 1.12
C LYS C 86 -46.30 -2.54 1.95
N GLY C 87 -46.98 -3.31 2.81
CA GLY C 87 -48.01 -2.80 3.69
C GLY C 87 -49.38 -3.39 3.42
N ARG C 88 -49.63 -3.84 2.19
CA ARG C 88 -50.92 -4.39 1.81
C ARG C 88 -50.92 -5.91 1.71
N PHE C 89 -49.78 -6.52 1.39
CA PHE C 89 -49.68 -7.96 1.24
C PHE C 89 -49.01 -8.57 2.46
N ILE C 90 -49.48 -9.75 2.85
CA ILE C 90 -48.93 -10.49 3.99
C ILE C 90 -48.75 -11.94 3.58
N VAL C 91 -47.49 -12.40 3.56
CA VAL C 91 -47.16 -13.77 3.18
C VAL C 91 -46.78 -14.55 4.43
N SER C 92 -47.25 -15.80 4.50
CA SER C 92 -46.95 -16.67 5.64
C SER C 92 -46.86 -18.10 5.13
N ARG C 93 -46.36 -18.99 5.99
CA ARG C 93 -46.18 -20.39 5.65
C ARG C 93 -46.60 -21.25 6.82
N ASP C 94 -47.17 -22.41 6.51
CA ASP C 94 -47.58 -23.39 7.51
C ASP C 94 -46.66 -24.61 7.38
N THR C 95 -45.85 -24.84 8.40
CA THR C 95 -44.90 -25.96 8.38
C THR C 95 -45.58 -27.30 8.62
N SER C 96 -46.77 -27.31 9.18
CA SER C 96 -47.45 -28.57 9.45
C SER C 96 -47.90 -29.25 8.16
N GLN C 97 -48.33 -28.46 7.17
CA GLN C 97 -48.81 -29.00 5.91
C GLN C 97 -47.96 -28.59 4.71
N ASN C 98 -46.91 -27.78 4.92
CA ASN C 98 -46.03 -27.32 3.85
C ASN C 98 -46.83 -26.62 2.75
N ILE C 99 -47.59 -25.61 3.17
CA ILE C 99 -48.45 -24.83 2.28
C ILE C 99 -48.15 -23.36 2.50
N LEU C 100 -47.83 -22.64 1.42
CA LEU C 100 -47.56 -21.21 1.49
C LEU C 100 -48.85 -20.43 1.34
N TYR C 101 -48.98 -19.35 2.11
CA TYR C 101 -50.16 -18.51 2.08
C TYR C 101 -49.77 -17.07 1.81
N LEU C 102 -50.57 -16.38 0.99
CA LEU C 102 -50.35 -14.98 0.65
C LEU C 102 -51.65 -14.22 0.84
N GLN C 103 -51.73 -13.42 1.89
CA GLN C 103 -52.92 -12.64 2.19
C GLN C 103 -52.82 -11.30 1.48
N MET C 104 -53.74 -11.05 0.55
CA MET C 104 -53.76 -9.83 -0.24
C MET C 104 -54.91 -8.94 0.21
N ASN C 105 -54.59 -7.69 0.56
CA ASN C 105 -55.57 -6.70 0.98
C ASN C 105 -55.51 -5.50 0.05
N ALA C 106 -56.68 -4.87 -0.15
CA ALA C 106 -56.81 -3.72 -1.04
C ALA C 106 -56.30 -4.05 -2.44
N LEU C 107 -56.83 -5.13 -3.00
CA LEU C 107 -56.41 -5.64 -4.29
C LEU C 107 -57.41 -5.23 -5.36
N ARG C 108 -57.22 -5.75 -6.58
CA ARG C 108 -58.05 -5.54 -7.77
C ARG C 108 -57.94 -4.12 -8.32
N ALA C 109 -57.17 -3.23 -7.68
CA ALA C 109 -56.96 -1.91 -8.25
C ALA C 109 -56.03 -1.98 -9.45
N GLU C 110 -54.80 -2.48 -9.24
CA GLU C 110 -53.88 -2.71 -10.34
C GLU C 110 -53.06 -3.98 -10.15
N ASP C 111 -53.37 -4.80 -9.15
CA ASP C 111 -52.60 -5.99 -8.82
C ASP C 111 -53.17 -7.26 -9.44
N THR C 112 -54.02 -7.14 -10.46
CA THR C 112 -54.53 -8.30 -11.16
C THR C 112 -53.43 -8.90 -12.03
N ALA C 113 -53.13 -10.18 -11.81
CA ALA C 113 -52.00 -10.81 -12.49
C ALA C 113 -52.22 -12.33 -12.49
N ILE C 114 -51.15 -13.06 -12.81
CA ILE C 114 -51.18 -14.51 -12.98
C ILE C 114 -50.26 -15.14 -11.94
N TYR C 115 -50.25 -14.57 -10.73
CA TYR C 115 -49.28 -14.85 -9.67
C TYR C 115 -48.79 -16.29 -9.64
N TYR C 116 -47.47 -16.46 -9.64
CA TYR C 116 -46.82 -17.77 -9.62
C TYR C 116 -46.12 -17.98 -8.28
N CYS C 117 -45.77 -19.24 -8.01
CA CYS C 117 -45.11 -19.63 -6.77
C CYS C 117 -43.72 -20.17 -7.13
N ALA C 118 -42.68 -19.45 -6.74
CA ALA C 118 -41.31 -19.85 -7.00
C ALA C 118 -40.66 -20.39 -5.74
N ARG C 119 -39.55 -21.10 -5.92
CA ARG C 119 -38.85 -21.73 -4.80
C ARG C 119 -37.64 -20.92 -4.36
N ASP C 120 -36.69 -20.67 -5.27
CA ASP C 120 -35.46 -19.97 -4.95
C ASP C 120 -35.28 -18.81 -5.92
N ALA C 121 -34.90 -17.65 -5.40
CA ALA C 121 -34.60 -16.50 -6.23
C ALA C 121 -33.11 -16.21 -6.30
N TRP C 122 -32.41 -16.37 -5.17
CA TRP C 122 -30.97 -16.12 -5.15
C TRP C 122 -30.18 -17.19 -5.87
N MET C 123 -30.72 -18.40 -5.99
CA MET C 123 -30.08 -19.49 -6.72
C MET C 123 -30.76 -19.75 -8.05
N GLY C 124 -31.35 -18.72 -8.66
CA GLY C 124 -32.05 -18.87 -9.92
C GLY C 124 -33.47 -19.34 -9.73
N PHE C 125 -34.41 -18.72 -10.43
CA PHE C 125 -35.83 -19.07 -10.32
C PHE C 125 -36.04 -20.43 -10.98
N ASP C 126 -36.10 -21.47 -10.16
CA ASP C 126 -36.26 -22.84 -10.64
C ASP C 126 -37.52 -23.46 -10.04
N TYR C 127 -38.05 -24.47 -10.75
CA TYR C 127 -39.22 -25.22 -10.33
C TYR C 127 -40.42 -24.30 -10.10
N TRP C 128 -40.86 -23.68 -11.19
CA TRP C 128 -42.04 -22.82 -11.13
C TRP C 128 -43.31 -23.66 -11.03
N GLY C 129 -44.40 -23.00 -10.71
CA GLY C 129 -45.69 -23.63 -10.53
C GLY C 129 -46.58 -23.51 -11.74
N GLN C 130 -47.89 -23.40 -11.48
CA GLN C 130 -48.88 -23.29 -12.54
C GLN C 130 -49.50 -21.91 -12.68
N GLY C 131 -49.60 -21.15 -11.59
CA GLY C 131 -50.17 -19.82 -11.65
C GLY C 131 -51.69 -19.82 -11.67
N THR C 132 -52.29 -18.83 -11.02
CA THR C 132 -53.73 -18.69 -10.97
C THR C 132 -54.12 -17.25 -11.29
N THR C 133 -55.30 -17.07 -11.85
CA THR C 133 -55.79 -15.74 -12.20
C THR C 133 -56.50 -15.12 -11.01
N VAL C 134 -56.00 -13.97 -10.56
CA VAL C 134 -56.60 -13.27 -9.44
C VAL C 134 -57.51 -12.15 -9.95
N ILE D 22 -31.36 -2.71 -11.69
CA ILE D 22 -30.81 -3.23 -12.94
C ILE D 22 -31.93 -3.57 -13.92
N GLN D 23 -31.95 -2.89 -15.06
CA GLN D 23 -32.96 -3.14 -16.09
C GLN D 23 -32.42 -4.16 -17.09
N MET D 24 -33.26 -5.14 -17.42
CA MET D 24 -32.90 -6.21 -18.35
C MET D 24 -33.67 -5.98 -19.65
N THR D 25 -32.96 -5.55 -20.69
CA THR D 25 -33.54 -5.31 -22.00
C THR D 25 -33.31 -6.54 -22.87
N GLN D 26 -34.39 -7.19 -23.29
CA GLN D 26 -34.33 -8.38 -24.11
C GLN D 26 -34.70 -8.03 -25.55
N SER D 27 -33.96 -8.58 -26.50
CA SER D 27 -34.18 -8.33 -27.92
C SER D 27 -34.08 -9.64 -28.68
N PRO D 28 -34.94 -9.85 -29.69
CA PRO D 28 -36.00 -8.91 -30.08
C PRO D 28 -37.30 -9.15 -29.31
N SER D 29 -38.26 -8.23 -29.46
CA SER D 29 -39.55 -8.39 -28.81
C SER D 29 -40.37 -9.53 -29.41
N SER D 30 -40.09 -9.91 -30.66
CA SER D 30 -40.79 -11.01 -31.30
C SER D 30 -39.86 -11.65 -32.32
N LEU D 31 -40.02 -12.96 -32.51
CA LEU D 31 -39.18 -13.70 -33.43
C LEU D 31 -39.98 -14.84 -34.04
N SER D 32 -39.83 -15.03 -35.35
CA SER D 32 -40.49 -16.11 -36.08
C SER D 32 -39.46 -16.83 -36.93
N ALA D 33 -39.42 -18.15 -36.80
CA ALA D 33 -38.47 -18.96 -37.56
C ALA D 33 -39.13 -20.29 -37.91
N SER D 34 -38.42 -21.07 -38.72
CA SER D 34 -38.89 -22.38 -39.16
C SER D 34 -38.23 -23.47 -38.34
N LEU D 35 -38.76 -24.69 -38.46
CA LEU D 35 -38.21 -25.82 -37.75
C LEU D 35 -36.82 -26.16 -38.27
N GLY D 36 -35.86 -26.27 -37.35
CA GLY D 36 -34.49 -26.56 -37.71
C GLY D 36 -33.58 -25.35 -37.77
N GLU D 37 -34.15 -24.14 -37.71
CA GLU D 37 -33.36 -22.92 -37.77
C GLU D 37 -32.69 -22.66 -36.42
N ARG D 38 -31.59 -21.90 -36.45
CA ARG D 38 -30.83 -21.56 -35.26
C ARG D 38 -31.30 -20.21 -34.74
N VAL D 39 -31.98 -20.22 -33.60
CA VAL D 39 -32.53 -19.01 -32.99
C VAL D 39 -31.61 -18.55 -31.88
N SER D 40 -31.39 -17.23 -31.81
CA SER D 40 -30.52 -16.63 -30.82
C SER D 40 -31.21 -15.41 -30.23
N LEU D 41 -31.41 -15.42 -28.91
CA LEU D 41 -32.03 -14.30 -28.21
C LEU D 41 -30.97 -13.54 -27.43
N THR D 42 -31.07 -12.21 -27.47
CA THR D 42 -30.08 -11.33 -26.84
C THR D 42 -30.70 -10.64 -25.63
N CYS D 43 -29.98 -10.66 -24.52
CA CYS D 43 -30.40 -9.99 -23.29
C CYS D 43 -29.24 -9.16 -22.77
N ARG D 44 -29.51 -7.88 -22.49
CA ARG D 44 -28.50 -6.95 -22.03
C ARG D 44 -28.85 -6.43 -20.65
N ALA D 45 -27.86 -6.41 -19.76
CA ALA D 45 -28.04 -5.91 -18.41
C ALA D 45 -27.49 -4.50 -18.29
N SER D 46 -28.16 -3.68 -17.46
CA SER D 46 -27.71 -2.30 -17.29
C SER D 46 -26.40 -2.23 -16.48
N GLN D 47 -26.17 -3.20 -15.61
CA GLN D 47 -24.96 -3.25 -14.79
C GLN D 47 -24.28 -4.60 -15.01
N GLU D 48 -23.21 -4.84 -14.25
CA GLU D 48 -22.45 -6.07 -14.34
C GLU D 48 -23.00 -7.09 -13.36
N ILE D 49 -23.41 -8.26 -13.86
CA ILE D 49 -23.94 -9.33 -13.04
C ILE D 49 -22.97 -10.48 -12.90
N SER D 50 -21.81 -10.42 -13.58
CA SER D 50 -20.77 -11.45 -13.47
C SER D 50 -21.28 -12.84 -13.83
N GLY D 51 -22.18 -12.90 -14.80
CA GLY D 51 -22.67 -14.18 -15.29
C GLY D 51 -23.82 -14.77 -14.51
N TYR D 52 -24.46 -14.01 -13.62
CA TYR D 52 -25.60 -14.50 -12.85
C TYR D 52 -26.87 -14.15 -13.60
N LEU D 53 -27.22 -15.00 -14.56
CA LEU D 53 -28.40 -14.80 -15.39
C LEU D 53 -29.11 -16.13 -15.59
N SER D 54 -30.44 -16.08 -15.61
CA SER D 54 -31.27 -17.26 -15.80
C SER D 54 -32.22 -17.04 -16.96
N TRP D 55 -32.63 -18.15 -17.58
CA TRP D 55 -33.54 -18.13 -18.72
C TRP D 55 -34.77 -18.95 -18.38
N LEU D 56 -35.95 -18.33 -18.48
CA LEU D 56 -37.22 -18.97 -18.18
C LEU D 56 -37.98 -19.22 -19.48
N GLN D 57 -38.77 -20.29 -19.51
CA GLN D 57 -39.61 -20.64 -20.65
C GLN D 57 -41.04 -20.81 -20.17
N GLN D 58 -41.90 -19.85 -20.52
CA GLN D 58 -43.30 -19.88 -20.14
C GLN D 58 -44.10 -20.49 -21.29
N LYS D 59 -44.55 -21.73 -21.11
CA LYS D 59 -45.36 -22.40 -22.11
C LYS D 59 -46.70 -21.70 -22.28
N PRO D 60 -47.36 -21.88 -23.42
CA PRO D 60 -48.69 -21.26 -23.61
C PRO D 60 -49.72 -21.74 -22.60
N ASP D 61 -49.55 -22.94 -22.03
CA ASP D 61 -50.48 -23.41 -21.01
C ASP D 61 -50.35 -22.61 -19.72
N GLY D 62 -49.16 -22.08 -19.43
CA GLY D 62 -48.97 -21.27 -18.24
C GLY D 62 -47.82 -21.72 -17.38
N THR D 63 -47.45 -23.00 -17.49
CA THR D 63 -46.38 -23.57 -16.66
C THR D 63 -45.04 -23.04 -17.13
N ILE D 64 -44.31 -22.38 -16.24
CA ILE D 64 -42.98 -21.88 -16.52
C ILE D 64 -41.95 -22.91 -16.07
N GLN D 65 -40.83 -22.96 -16.78
CA GLN D 65 -39.78 -23.92 -16.46
C GLN D 65 -38.43 -23.30 -16.77
N ARG D 66 -37.51 -23.36 -15.81
CA ARG D 66 -36.17 -22.83 -16.01
C ARG D 66 -35.37 -23.77 -16.91
N LEU D 67 -34.71 -23.20 -17.91
CA LEU D 67 -33.91 -23.98 -18.85
C LEU D 67 -32.41 -23.83 -18.62
N ILE D 68 -31.92 -22.62 -18.39
CA ILE D 68 -30.49 -22.36 -18.22
C ILE D 68 -30.31 -21.43 -17.03
N TYR D 69 -29.46 -21.84 -16.09
CA TYR D 69 -29.11 -21.02 -14.94
C TYR D 69 -27.63 -20.66 -15.00
N ALA D 70 -27.29 -19.52 -14.41
CA ALA D 70 -25.93 -18.96 -14.42
C ALA D 70 -25.42 -18.69 -15.82
N ALA D 71 -26.32 -18.67 -16.82
CA ALA D 71 -26.07 -18.35 -18.22
C ALA D 71 -25.17 -19.36 -18.92
N PHE D 72 -24.69 -20.39 -18.23
CA PHE D 72 -23.80 -21.37 -18.85
C PHE D 72 -24.26 -22.80 -18.66
N SER D 73 -24.85 -23.13 -17.51
CA SER D 73 -25.26 -24.49 -17.22
C SER D 73 -26.71 -24.72 -17.63
N LEU D 74 -27.14 -25.98 -17.57
CA LEU D 74 -28.49 -26.37 -17.92
C LEU D 74 -29.11 -27.15 -16.77
N ASP D 75 -30.43 -27.05 -16.67
CA ASP D 75 -31.17 -27.75 -15.63
C ASP D 75 -31.37 -29.22 -16.00
N SER D 76 -31.91 -29.99 -15.05
CA SER D 76 -32.16 -31.40 -15.27
C SER D 76 -33.40 -31.58 -16.14
N GLY D 77 -33.30 -32.47 -17.13
CA GLY D 77 -34.38 -32.71 -18.05
C GLY D 77 -34.46 -31.76 -19.22
N VAL D 78 -33.53 -30.82 -19.34
CA VAL D 78 -33.52 -29.86 -20.44
C VAL D 78 -32.73 -30.45 -21.60
N PRO D 79 -33.25 -30.41 -22.83
CA PRO D 79 -32.50 -30.95 -23.96
C PRO D 79 -31.19 -30.18 -24.18
N LYS D 80 -30.22 -30.88 -24.77
CA LYS D 80 -28.91 -30.30 -25.01
C LYS D 80 -28.88 -29.29 -26.16
N ARG D 81 -30.03 -29.00 -26.76
CA ARG D 81 -30.06 -28.03 -27.86
C ARG D 81 -29.91 -26.60 -27.35
N PHE D 82 -30.31 -26.34 -26.11
CA PHE D 82 -30.19 -24.99 -25.54
C PHE D 82 -28.78 -24.77 -25.02
N SER D 83 -28.21 -23.61 -25.36
CA SER D 83 -26.87 -23.25 -24.92
C SER D 83 -26.83 -21.77 -24.58
N GLY D 84 -25.93 -21.42 -23.68
CA GLY D 84 -25.78 -20.03 -23.24
C GLY D 84 -24.37 -19.54 -23.50
N SER D 85 -24.27 -18.30 -23.97
CA SER D 85 -22.98 -17.68 -24.27
C SER D 85 -23.01 -16.24 -23.78
N ARG D 86 -21.83 -15.62 -23.77
CA ARG D 86 -21.68 -14.25 -23.33
C ARG D 86 -20.62 -13.56 -24.17
N SER D 87 -20.98 -12.39 -24.72
CA SER D 87 -20.06 -11.57 -25.52
C SER D 87 -20.05 -10.17 -24.91
N GLY D 88 -19.04 -9.90 -24.10
CA GLY D 88 -18.97 -8.63 -23.40
C GLY D 88 -20.05 -8.48 -22.36
N SER D 89 -21.02 -7.59 -22.62
CA SER D 89 -22.15 -7.38 -21.72
C SER D 89 -23.46 -7.86 -22.33
N ASP D 90 -23.39 -8.72 -23.35
CA ASP D 90 -24.57 -9.23 -24.04
C ASP D 90 -24.64 -10.74 -23.86
N TYR D 91 -25.65 -11.21 -23.15
CA TYR D 91 -25.89 -12.63 -22.98
C TYR D 91 -26.78 -13.16 -24.09
N SER D 92 -26.46 -14.35 -24.59
CA SER D 92 -27.15 -14.91 -25.74
C SER D 92 -27.61 -16.33 -25.43
N LEU D 93 -28.88 -16.61 -25.73
CA LEU D 93 -29.45 -17.94 -25.61
C LEU D 93 -29.66 -18.50 -27.02
N THR D 94 -28.88 -19.53 -27.37
CA THR D 94 -28.90 -20.10 -28.70
C THR D 94 -29.66 -21.42 -28.68
N ILE D 95 -30.62 -21.56 -29.59
CA ILE D 95 -31.44 -22.76 -29.72
C ILE D 95 -31.23 -23.33 -31.12
N SER D 96 -30.61 -24.50 -31.18
CA SER D 96 -30.36 -25.18 -32.45
C SER D 96 -31.38 -26.30 -32.65
N SER D 97 -31.74 -26.55 -33.90
CA SER D 97 -32.71 -27.58 -34.28
C SER D 97 -34.04 -27.34 -33.58
N LEU D 98 -34.66 -26.22 -33.90
CA LEU D 98 -35.94 -25.85 -33.30
C LEU D 98 -37.03 -26.83 -33.73
N GLU D 99 -37.82 -27.29 -32.76
CA GLU D 99 -38.92 -28.20 -32.99
C GLU D 99 -40.25 -27.51 -32.67
N SER D 100 -41.33 -28.28 -32.72
CA SER D 100 -42.66 -27.74 -32.50
C SER D 100 -42.92 -27.41 -31.04
N GLU D 101 -42.11 -27.95 -30.12
CA GLU D 101 -42.28 -27.69 -28.69
C GLU D 101 -41.57 -26.43 -28.23
N ASP D 102 -41.14 -25.58 -29.15
CA ASP D 102 -40.43 -24.35 -28.82
C ASP D 102 -41.32 -23.12 -28.79
N LEU D 103 -42.59 -23.25 -29.16
CA LEU D 103 -43.50 -22.10 -29.17
C LEU D 103 -43.82 -21.73 -27.73
N ALA D 104 -43.13 -20.71 -27.22
CA ALA D 104 -43.32 -20.27 -25.84
C ALA D 104 -42.65 -18.90 -25.69
N HIS D 105 -42.79 -18.33 -24.49
CA HIS D 105 -42.18 -17.05 -24.16
C HIS D 105 -40.90 -17.28 -23.36
N TYR D 106 -39.92 -16.41 -23.58
CA TYR D 106 -38.62 -16.50 -22.92
C TYR D 106 -38.35 -15.21 -22.17
N TYR D 107 -37.91 -15.33 -20.92
CA TYR D 107 -37.63 -14.19 -20.06
C TYR D 107 -36.26 -14.36 -19.43
N CYS D 108 -35.39 -13.38 -19.62
CA CYS D 108 -34.07 -13.38 -18.97
C CYS D 108 -34.14 -12.56 -17.69
N LEU D 109 -33.53 -13.08 -16.63
CA LEU D 109 -33.56 -12.43 -15.33
C LEU D 109 -32.17 -12.46 -14.71
N GLN D 110 -31.94 -11.53 -13.79
CA GLN D 110 -30.69 -11.46 -13.04
C GLN D 110 -30.98 -11.61 -11.56
N TYR D 111 -30.10 -12.32 -10.86
CA TYR D 111 -30.22 -12.54 -9.42
C TYR D 111 -28.91 -12.23 -8.72
N ALA D 112 -28.10 -11.33 -9.28
CA ALA D 112 -26.85 -10.93 -8.67
C ALA D 112 -27.01 -9.71 -7.77
N SER D 113 -28.02 -8.88 -8.01
CA SER D 113 -28.25 -7.69 -7.22
C SER D 113 -29.72 -7.61 -6.82
N TYR D 114 -29.97 -7.19 -5.58
CA TYR D 114 -31.32 -7.05 -5.08
C TYR D 114 -31.91 -5.70 -5.50
N PRO D 115 -33.17 -5.67 -5.97
CA PRO D 115 -34.05 -6.84 -6.13
C PRO D 115 -33.85 -7.57 -7.44
N CYS D 116 -34.39 -8.78 -7.55
CA CYS D 116 -34.27 -9.58 -8.75
C CYS D 116 -35.23 -9.06 -9.80
N THR D 117 -34.69 -8.59 -10.92
CA THR D 117 -35.48 -8.05 -12.01
C THR D 117 -35.52 -9.04 -13.18
N PHE D 118 -36.57 -8.92 -13.99
CA PHE D 118 -36.77 -9.78 -15.15
C PHE D 118 -36.55 -8.98 -16.43
N GLY D 119 -36.70 -9.66 -17.56
CA GLY D 119 -36.53 -9.05 -18.87
C GLY D 119 -37.86 -8.72 -19.53
N GLY D 120 -37.76 -8.04 -20.67
CA GLY D 120 -38.95 -7.65 -21.40
C GLY D 120 -39.74 -8.83 -21.96
N GLY D 121 -39.03 -9.87 -22.37
CA GLY D 121 -39.67 -11.06 -22.92
C GLY D 121 -39.52 -11.15 -24.43
N THR D 122 -39.64 -12.37 -24.93
CA THR D 122 -39.53 -12.65 -26.36
C THR D 122 -40.47 -13.79 -26.71
N LYS D 123 -41.41 -13.53 -27.62
CA LYS D 123 -42.39 -14.52 -28.05
C LYS D 123 -41.84 -15.25 -29.27
N LEU D 124 -41.40 -16.49 -29.08
CA LEU D 124 -40.87 -17.30 -30.16
C LEU D 124 -41.98 -18.16 -30.74
N GLU D 125 -42.31 -17.93 -32.02
CA GLU D 125 -43.37 -18.64 -32.70
C GLU D 125 -42.80 -19.33 -33.93
N ILE D 126 -43.27 -20.55 -34.20
CA ILE D 126 -42.77 -21.34 -35.31
C ILE D 126 -43.27 -20.77 -36.64
#